data_6MP6
#
_entry.id   6MP6
#
_cell.length_a   1
_cell.length_b   1
_cell.length_c   1
_cell.angle_alpha   90.00
_cell.angle_beta   90.00
_cell.angle_gamma   90.00
#
_symmetry.space_group_name_H-M   'P 1'
#
loop_
_entity.id
_entity.type
_entity.pdbx_description
1 polymer 'Neutral amino acid transporter B(0)'
2 non-polymer 2-acetamido-2-deoxy-beta-D-glucopyranose
#
_entity_poly.entity_id   1
_entity_poly.type   'polypeptide(L)'
_entity_poly.pdbx_seq_one_letter_code
;MVADPPRDSKGLAAAEPTANGGLALASIEDQGAAAGGYCGSRDQVRRCLRANLLVLLTVVAVVAGVALGLGVSGAGGALA
LGPERLSAFVFPGELLLRLLRMIILPLVVCSLIGGAASLDPGALGRLGAWALLFFLVTTLLASALGVGLALALQPGAASA
AINASVGAAGSAENAPSKEVLDSFLDLARNIFPSNLVSAAFRSYSTTYEERNITGTRVKVPVGQEVEGMNILGLVVFAIV
FGVALRKLGPEGELLIRFFNSFNEATMVLVSWIMWYAPVGIMFLVAGKIVEMEDVGLLFARLGKYILCCLLGHAIHGLLV
LPLIYFLFTRKNPYRFLWGIVTPLATAFGTSSSSATLPLMMKCVEENNGVAKHISRFILPIGATVNMDGAALFQCVAAVF
IAQLSQQSLDFVKIITILVTATASSVGAAGIPAGGVLTLAIILEAVNLPVDHISLILAVDWLVDRSCTVLNVEGDALGAG
LLQNYVDRTESRSTEPELIQVKSELPLDPLPVPTEEGNPLLKHYRGPAGDATVASEKESVM
;
_entity_poly.pdbx_strand_id   A,B,C
#
# COMPACT_ATOMS: atom_id res chain seq x y z
N ASP A 43 -49.87 -19.87 15.82
CA ASP A 43 -49.57 -21.29 15.92
C ASP A 43 -48.08 -21.53 16.10
N GLN A 44 -47.64 -22.74 15.75
CA GLN A 44 -46.23 -23.09 15.76
C GLN A 44 -45.54 -22.79 14.44
N VAL A 45 -46.29 -22.36 13.42
CA VAL A 45 -45.67 -21.94 12.17
C VAL A 45 -44.98 -20.59 12.35
N ARG A 46 -45.47 -19.76 13.28
CA ARG A 46 -44.76 -18.53 13.64
C ARG A 46 -43.64 -18.78 14.63
N ARG A 47 -43.59 -19.96 15.25
CA ARG A 47 -42.48 -20.31 16.12
C ARG A 47 -41.21 -20.55 15.31
N CYS A 48 -41.31 -21.37 14.26
CA CYS A 48 -40.18 -21.59 13.38
C CYS A 48 -39.92 -20.42 12.44
N LEU A 49 -40.87 -19.48 12.34
CA LEU A 49 -40.66 -18.32 11.47
C LEU A 49 -39.66 -17.36 12.10
N ARG A 50 -39.87 -17.01 13.37
CA ARG A 50 -38.98 -16.05 14.03
C ARG A 50 -37.62 -16.68 14.34
N ALA A 51 -37.61 -17.96 14.71
CA ALA A 51 -36.37 -18.63 15.07
C ALA A 51 -35.50 -18.98 13.88
N ASN A 52 -36.03 -18.90 12.66
CA ASN A 52 -35.27 -19.16 11.45
C ASN A 52 -35.47 -18.01 10.47
N LEU A 53 -35.31 -16.78 10.98
CA LEU A 53 -35.60 -15.60 10.18
C LEU A 53 -34.56 -15.40 9.09
N LEU A 54 -33.27 -15.62 9.41
CA LEU A 54 -32.22 -15.44 8.41
C LEU A 54 -32.33 -16.45 7.28
N VAL A 55 -32.81 -17.66 7.57
CA VAL A 55 -33.06 -18.64 6.53
C VAL A 55 -34.20 -18.17 5.64
N LEU A 56 -35.26 -17.62 6.24
CA LEU A 56 -36.42 -17.21 5.46
C LEU A 56 -36.14 -15.92 4.69
N LEU A 57 -35.49 -14.95 5.34
CA LEU A 57 -35.33 -13.64 4.72
C LEU A 57 -34.30 -13.65 3.60
N THR A 58 -33.36 -14.60 3.61
CA THR A 58 -32.35 -14.62 2.58
C THR A 58 -32.89 -15.22 1.29
N VAL A 59 -33.56 -16.37 1.38
CA VAL A 59 -34.04 -17.03 0.17
C VAL A 59 -35.24 -16.33 -0.44
N VAL A 60 -35.96 -15.51 0.33
CA VAL A 60 -37.03 -14.72 -0.26
C VAL A 60 -36.44 -13.53 -1.01
N ALA A 61 -35.18 -13.18 -0.74
CA ALA A 61 -34.56 -12.06 -1.44
C ALA A 61 -33.98 -12.48 -2.78
N VAL A 62 -33.43 -13.69 -2.86
CA VAL A 62 -32.82 -14.12 -4.11
C VAL A 62 -33.88 -14.44 -5.16
N VAL A 63 -35.07 -14.84 -4.73
CA VAL A 63 -36.17 -14.96 -5.69
C VAL A 63 -36.79 -13.61 -5.97
N ALA A 64 -36.60 -12.63 -5.08
CA ALA A 64 -37.05 -11.27 -5.39
C ALA A 64 -36.14 -10.62 -6.41
N GLY A 65 -34.87 -10.99 -6.43
CA GLY A 65 -33.95 -10.41 -7.40
C GLY A 65 -34.21 -10.89 -8.82
N VAL A 66 -34.57 -12.16 -8.96
CA VAL A 66 -34.96 -12.67 -10.27
C VAL A 66 -36.28 -12.05 -10.69
N ALA A 67 -37.20 -11.88 -9.74
CA ALA A 67 -38.49 -11.28 -10.05
C ALA A 67 -38.35 -9.81 -10.40
N LEU A 68 -37.53 -9.06 -9.65
CA LEU A 68 -37.30 -7.67 -9.98
C LEU A 68 -36.50 -7.52 -11.26
N GLY A 69 -35.56 -8.44 -11.51
CA GLY A 69 -34.72 -8.33 -12.69
C GLY A 69 -35.47 -8.58 -13.98
N LEU A 70 -36.36 -9.57 -13.97
CA LEU A 70 -37.18 -9.82 -15.15
C LEU A 70 -38.27 -8.76 -15.31
N GLY A 71 -38.66 -8.09 -14.21
CA GLY A 71 -39.65 -7.04 -14.33
C GLY A 71 -39.11 -5.79 -15.00
N VAL A 72 -37.84 -5.45 -14.75
CA VAL A 72 -37.25 -4.29 -15.37
C VAL A 72 -36.92 -4.56 -16.83
N SER A 73 -36.45 -5.77 -17.13
CA SER A 73 -36.19 -6.14 -18.52
C SER A 73 -37.48 -6.25 -19.33
N GLY A 74 -38.60 -6.57 -18.68
CA GLY A 74 -39.87 -6.56 -19.37
C GLY A 74 -40.36 -5.16 -19.67
N ALA A 75 -39.99 -4.19 -18.84
CA ALA A 75 -40.33 -2.79 -19.07
C ALA A 75 -39.19 -2.07 -19.79
N GLY A 76 -38.83 -2.60 -20.94
CA GLY A 76 -37.76 -2.04 -21.74
C GLY A 76 -36.41 -2.64 -21.42
N GLY A 77 -35.93 -2.44 -20.20
CA GLY A 77 -34.63 -2.95 -19.81
C GLY A 77 -33.64 -1.85 -19.50
N ALA A 78 -32.35 -2.12 -19.75
CA ALA A 78 -31.32 -1.13 -19.48
C ALA A 78 -31.41 0.06 -20.42
N LEU A 79 -31.90 -0.16 -21.65
CA LEU A 79 -32.09 0.94 -22.59
C LEU A 79 -33.22 1.84 -22.16
N ALA A 80 -34.20 1.30 -21.43
CA ALA A 80 -35.29 2.13 -20.91
C ALA A 80 -34.81 3.05 -19.81
N LEU A 81 -33.79 2.64 -19.05
CA LEU A 81 -33.27 3.48 -17.97
C LEU A 81 -32.13 4.36 -18.43
N GLY A 82 -31.21 3.83 -19.23
CA GLY A 82 -30.04 4.57 -19.63
C GLY A 82 -28.94 4.45 -18.60
N PRO A 83 -27.68 4.65 -19.03
CA PRO A 83 -26.55 4.48 -18.11
C PRO A 83 -26.44 5.55 -17.03
N GLU A 84 -27.23 6.62 -17.11
CA GLU A 84 -27.27 7.60 -16.02
C GLU A 84 -27.86 6.98 -14.76
N ARG A 85 -29.11 6.54 -14.83
CA ARG A 85 -29.79 5.95 -13.70
C ARG A 85 -29.53 4.46 -13.54
N LEU A 86 -28.63 3.89 -14.35
CA LEU A 86 -28.36 2.47 -14.26
C LEU A 86 -27.49 2.13 -13.06
N SER A 87 -26.38 2.85 -12.89
CA SER A 87 -25.45 2.56 -11.82
C SER A 87 -26.02 2.90 -10.44
N ALA A 88 -27.01 3.78 -10.38
CA ALA A 88 -27.68 4.03 -9.11
C ALA A 88 -28.57 2.86 -8.71
N PHE A 89 -29.04 2.08 -9.70
CA PHE A 89 -29.87 0.93 -9.38
C PHE A 89 -29.04 -0.25 -8.89
N VAL A 90 -27.85 -0.45 -9.47
CA VAL A 90 -27.02 -1.59 -9.10
C VAL A 90 -26.15 -1.29 -7.89
N PHE A 91 -26.16 -0.05 -7.40
CA PHE A 91 -25.25 0.33 -6.31
C PHE A 91 -25.53 -0.33 -4.96
N PRO A 92 -26.76 -0.34 -4.40
CA PRO A 92 -26.90 -0.84 -3.02
C PRO A 92 -26.65 -2.33 -2.86
N GLY A 93 -26.57 -3.08 -3.95
CA GLY A 93 -26.02 -4.42 -3.88
C GLY A 93 -24.52 -4.39 -3.96
N GLU A 94 -23.98 -3.55 -4.85
CA GLU A 94 -22.55 -3.41 -5.01
C GLU A 94 -21.89 -2.81 -3.77
N LEU A 95 -22.65 -2.09 -2.95
CA LEU A 95 -22.15 -1.63 -1.67
C LEU A 95 -21.89 -2.79 -0.72
N LEU A 96 -22.67 -3.86 -0.80
CA LEU A 96 -22.46 -5.02 0.07
C LEU A 96 -21.14 -5.72 -0.27
N LEU A 97 -20.92 -5.97 -1.56
CA LEU A 97 -19.72 -6.66 -2.01
C LEU A 97 -18.46 -5.84 -1.75
N ARG A 98 -18.59 -4.53 -1.61
CA ARG A 98 -17.46 -3.70 -1.21
C ARG A 98 -17.27 -3.72 0.29
N LEU A 99 -18.36 -3.53 1.03
CA LEU A 99 -18.33 -3.47 2.49
C LEU A 99 -17.93 -4.79 3.13
N LEU A 100 -18.08 -5.90 2.42
CA LEU A 100 -17.77 -7.18 3.02
C LEU A 100 -16.30 -7.54 2.86
N ARG A 101 -15.66 -7.07 1.79
CA ARG A 101 -14.27 -7.42 1.52
C ARG A 101 -13.31 -6.76 2.51
N MET A 102 -13.71 -5.63 3.11
CA MET A 102 -12.83 -4.97 4.07
C MET A 102 -12.70 -5.71 5.39
N ILE A 103 -13.50 -6.74 5.61
CA ILE A 103 -13.43 -7.50 6.84
C ILE A 103 -12.36 -8.60 6.75
N ILE A 104 -12.08 -9.12 5.56
CA ILE A 104 -11.22 -10.30 5.47
C ILE A 104 -9.74 -9.99 5.65
N LEU A 105 -9.34 -8.73 5.63
CA LEU A 105 -7.92 -8.49 5.92
C LEU A 105 -7.67 -8.57 7.43
N PRO A 106 -8.47 -7.95 8.35
CA PRO A 106 -8.20 -8.22 9.77
C PRO A 106 -8.85 -9.49 10.28
N LEU A 107 -9.29 -10.36 9.38
CA LEU A 107 -9.86 -11.65 9.78
C LEU A 107 -8.98 -12.82 9.40
N VAL A 108 -8.51 -12.88 8.15
CA VAL A 108 -7.72 -14.03 7.71
C VAL A 108 -6.36 -14.04 8.38
N VAL A 109 -5.66 -12.89 8.39
CA VAL A 109 -4.34 -12.84 9.00
C VAL A 109 -4.42 -12.84 10.53
N CYS A 110 -5.60 -12.63 11.09
CA CYS A 110 -5.73 -12.60 12.54
C CYS A 110 -6.29 -13.89 13.11
N SER A 111 -7.18 -14.57 12.40
CA SER A 111 -7.75 -15.79 12.94
C SER A 111 -6.78 -16.96 12.88
N LEU A 112 -5.90 -16.98 11.88
CA LEU A 112 -4.98 -18.09 11.73
C LEU A 112 -3.94 -18.11 12.83
N ILE A 113 -3.50 -16.93 13.29
CA ILE A 113 -2.53 -16.87 14.36
C ILE A 113 -3.17 -17.31 15.67
N GLY A 114 -4.38 -16.82 15.94
CA GLY A 114 -5.11 -17.28 17.11
C GLY A 114 -5.53 -18.73 17.01
N GLY A 115 -5.74 -19.21 15.80
CA GLY A 115 -6.06 -20.62 15.60
C GLY A 115 -4.84 -21.49 15.70
N ALA A 116 -3.86 -21.28 14.81
CA ALA A 116 -2.70 -22.16 14.74
C ALA A 116 -1.60 -21.75 15.70
N ALA A 117 -1.98 -21.58 16.96
CA ALA A 117 -1.01 -21.45 18.04
C ALA A 117 -1.48 -22.09 19.32
N SER A 118 -2.72 -22.57 19.38
CA SER A 118 -3.20 -23.25 20.58
C SER A 118 -2.59 -24.64 20.69
N LEU A 119 -2.63 -25.40 19.60
CA LEU A 119 -2.25 -26.80 19.64
C LEU A 119 -0.79 -26.98 19.22
N ASP A 120 -0.33 -28.22 19.28
CA ASP A 120 1.07 -28.57 19.06
C ASP A 120 1.43 -28.51 17.58
N PRO A 121 2.68 -28.21 17.24
CA PRO A 121 3.08 -28.22 15.83
C PRO A 121 3.11 -29.62 15.24
N GLY A 122 3.36 -30.64 16.05
CA GLY A 122 3.26 -32.00 15.54
C GLY A 122 1.82 -32.40 15.28
N ALA A 123 0.91 -31.92 16.10
CA ALA A 123 -0.51 -32.18 15.84
C ALA A 123 -1.02 -31.35 14.68
N LEU A 124 -0.42 -30.18 14.44
CA LEU A 124 -0.84 -29.34 13.33
C LEU A 124 -0.46 -29.97 12.00
N GLY A 125 0.78 -30.45 11.89
CA GLY A 125 1.19 -31.18 10.70
C GLY A 125 0.43 -32.48 10.55
N ARG A 126 0.02 -33.08 11.66
CA ARG A 126 -0.93 -34.17 11.60
C ARG A 126 -2.29 -33.67 11.13
N LEU A 127 -2.70 -32.49 11.58
CA LEU A 127 -3.98 -31.95 11.14
C LEU A 127 -3.90 -31.47 9.70
N GLY A 128 -2.78 -30.88 9.32
CA GLY A 128 -2.67 -30.33 7.98
C GLY A 128 -2.52 -31.40 6.92
N ALA A 129 -1.98 -32.56 7.29
CA ALA A 129 -1.84 -33.65 6.32
C ALA A 129 -3.19 -34.21 5.92
N TRP A 130 -4.07 -34.44 6.89
CA TRP A 130 -5.43 -34.86 6.58
C TRP A 130 -6.22 -33.75 5.90
N ALA A 131 -5.88 -32.50 6.19
CA ALA A 131 -6.57 -31.37 5.60
C ALA A 131 -6.24 -31.25 4.12
N LEU A 132 -4.95 -31.15 3.80
CA LEU A 132 -4.52 -30.91 2.42
C LEU A 132 -4.80 -32.12 1.54
N LEU A 133 -4.83 -33.33 2.13
CA LEU A 133 -5.24 -34.49 1.36
C LEU A 133 -6.72 -34.44 1.02
N PHE A 134 -7.53 -33.83 1.88
CA PHE A 134 -8.98 -33.86 1.68
C PHE A 134 -9.40 -32.99 0.50
N PHE A 135 -8.79 -31.83 0.34
CA PHE A 135 -9.20 -30.96 -0.76
C PHE A 135 -8.69 -31.48 -2.08
N LEU A 136 -7.59 -32.22 -2.07
CA LEU A 136 -7.03 -32.76 -3.30
C LEU A 136 -7.89 -33.91 -3.82
N VAL A 137 -8.34 -34.79 -2.93
CA VAL A 137 -9.18 -35.91 -3.34
C VAL A 137 -10.55 -35.41 -3.79
N THR A 138 -11.06 -34.35 -3.14
CA THR A 138 -12.34 -33.77 -3.53
C THR A 138 -12.27 -33.13 -4.91
N THR A 139 -11.18 -32.42 -5.20
CA THR A 139 -11.07 -31.70 -6.46
C THR A 139 -10.87 -32.66 -7.63
N LEU A 140 -10.11 -33.73 -7.42
CA LEU A 140 -9.95 -34.76 -8.45
C LEU A 140 -11.26 -35.47 -8.71
N LEU A 141 -12.01 -35.79 -7.66
CA LEU A 141 -13.27 -36.50 -7.83
C LEU A 141 -14.33 -35.59 -8.43
N ALA A 142 -14.27 -34.29 -8.15
CA ALA A 142 -15.23 -33.37 -8.76
C ALA A 142 -14.91 -33.12 -10.22
N SER A 143 -13.62 -32.98 -10.55
CA SER A 143 -13.26 -32.68 -11.93
C SER A 143 -13.40 -33.89 -12.84
N ALA A 144 -13.13 -35.09 -12.32
CA ALA A 144 -13.36 -36.29 -13.10
C ALA A 144 -14.83 -36.56 -13.32
N LEU A 145 -15.69 -36.06 -12.42
CA LEU A 145 -17.13 -36.13 -12.66
C LEU A 145 -17.53 -35.27 -13.84
N GLY A 146 -16.83 -34.15 -14.04
CA GLY A 146 -17.11 -33.30 -15.17
C GLY A 146 -16.71 -33.89 -16.50
N VAL A 147 -15.74 -34.81 -16.50
CA VAL A 147 -15.33 -35.45 -17.74
C VAL A 147 -16.42 -36.35 -18.27
N GLY A 148 -16.81 -37.36 -17.48
CA GLY A 148 -17.79 -38.32 -17.94
C GLY A 148 -19.18 -37.76 -18.11
N LEU A 149 -19.50 -36.69 -17.39
CA LEU A 149 -20.79 -36.04 -17.60
C LEU A 149 -20.79 -35.27 -18.91
N ALA A 150 -19.65 -34.71 -19.30
CA ALA A 150 -19.55 -34.04 -20.59
C ALA A 150 -19.20 -34.99 -21.72
N LEU A 151 -18.57 -36.12 -21.43
CA LEU A 151 -18.35 -37.11 -22.47
C LEU A 151 -19.66 -37.80 -22.85
N ALA A 152 -20.35 -38.36 -21.87
CA ALA A 152 -21.60 -39.06 -22.16
C ALA A 152 -22.81 -38.14 -22.06
N LEU A 153 -22.69 -36.95 -22.63
CA LEU A 153 -23.85 -36.15 -23.00
C LEU A 153 -23.72 -35.49 -24.35
N GLN A 154 -22.50 -35.30 -24.86
CA GLN A 154 -22.15 -34.59 -26.09
C GLN A 154 -22.77 -33.19 -26.15
N PRO A 155 -22.26 -32.21 -25.39
CA PRO A 155 -22.81 -30.85 -25.49
C PRO A 155 -22.52 -30.17 -26.82
N GLY A 156 -21.61 -30.70 -27.63
CA GLY A 156 -21.42 -30.20 -28.98
C GLY A 156 -22.48 -30.73 -29.91
N ALA A 157 -23.70 -30.23 -29.79
CA ALA A 157 -24.84 -30.73 -30.52
C ALA A 157 -25.11 -29.91 -31.76
N ALA A 158 -25.80 -30.53 -32.72
CA ALA A 158 -26.15 -29.88 -33.99
C ALA A 158 -27.24 -28.87 -33.70
N SER A 159 -26.81 -27.67 -33.29
CA SER A 159 -27.71 -26.66 -32.77
C SER A 159 -27.09 -25.30 -33.09
N ALA A 160 -27.53 -24.27 -32.39
CA ALA A 160 -26.86 -22.98 -32.49
C ALA A 160 -25.54 -22.96 -31.73
N ALA A 161 -25.23 -24.00 -30.95
CA ALA A 161 -23.93 -24.10 -30.32
C ALA A 161 -22.83 -24.26 -31.36
N ILE A 162 -23.08 -25.05 -32.41
CA ILE A 162 -22.10 -25.18 -33.47
C ILE A 162 -22.15 -23.98 -34.40
N ASN A 163 -23.17 -23.14 -34.30
CA ASN A 163 -23.11 -21.79 -34.86
C ASN A 163 -22.24 -20.93 -33.95
N ALA A 164 -20.93 -21.08 -34.14
CA ALA A 164 -19.94 -20.31 -33.38
C ALA A 164 -19.28 -19.24 -34.23
N SER A 165 -19.80 -18.99 -35.43
CA SER A 165 -19.25 -17.94 -36.28
C SER A 165 -19.52 -16.56 -35.72
N VAL A 166 -20.59 -16.41 -34.93
CA VAL A 166 -20.81 -15.18 -34.19
C VAL A 166 -19.84 -15.08 -33.01
N GLY A 167 -19.30 -16.22 -32.55
CA GLY A 167 -18.45 -16.21 -31.38
C GLY A 167 -17.05 -15.69 -31.61
N ALA A 168 -16.56 -15.73 -32.85
CA ALA A 168 -15.20 -15.30 -33.12
C ALA A 168 -15.09 -13.77 -33.08
N ALA A 169 -15.78 -13.10 -34.00
CA ALA A 169 -16.04 -11.66 -34.05
C ALA A 169 -14.81 -10.77 -34.29
N GLY A 170 -13.61 -11.36 -34.30
CA GLY A 170 -12.37 -10.66 -34.60
C GLY A 170 -12.03 -9.50 -33.70
N SER A 171 -12.56 -9.45 -32.48
CA SER A 171 -12.44 -8.26 -31.63
C SER A 171 -11.35 -8.41 -30.57
N ALA A 172 -11.43 -9.42 -29.72
CA ALA A 172 -10.54 -9.58 -28.58
C ALA A 172 -9.86 -10.94 -28.62
N GLU A 173 -9.32 -11.29 -29.79
CA GLU A 173 -8.69 -12.59 -29.96
C GLU A 173 -7.34 -12.65 -29.27
N ASN A 174 -6.50 -11.62 -29.46
CA ASN A 174 -5.14 -11.62 -28.96
C ASN A 174 -5.13 -11.36 -27.46
N ALA A 175 -5.34 -12.43 -26.71
CA ALA A 175 -5.25 -12.40 -25.26
C ALA A 175 -3.78 -12.40 -24.85
N PRO A 176 -3.47 -11.98 -23.60
CA PRO A 176 -2.11 -12.20 -23.07
C PRO A 176 -1.74 -13.66 -23.01
N SER A 177 -2.52 -14.46 -22.25
CA SER A 177 -2.47 -15.93 -22.24
C SER A 177 -1.08 -16.44 -21.88
N LYS A 178 -0.71 -16.21 -20.61
CA LYS A 178 0.63 -16.54 -20.12
C LYS A 178 0.90 -18.04 -20.22
N GLU A 179 2.18 -18.38 -20.29
CA GLU A 179 2.56 -19.75 -20.58
C GLU A 179 2.40 -20.63 -19.35
N VAL A 180 2.32 -21.94 -19.60
CA VAL A 180 1.90 -22.88 -18.56
C VAL A 180 3.00 -23.08 -17.52
N LEU A 181 4.26 -22.91 -17.91
CA LEU A 181 5.33 -22.98 -16.91
C LEU A 181 5.34 -21.73 -16.05
N ASP A 182 5.07 -20.58 -16.65
CA ASP A 182 5.17 -19.31 -15.94
C ASP A 182 4.03 -19.16 -14.93
N SER A 183 2.90 -19.82 -15.15
CA SER A 183 1.78 -19.68 -14.23
C SER A 183 2.06 -20.40 -12.91
N PHE A 184 2.51 -21.65 -12.99
CA PHE A 184 2.88 -22.35 -11.77
C PHE A 184 4.17 -21.83 -11.18
N LEU A 185 5.01 -21.18 -11.97
CA LEU A 185 6.12 -20.44 -11.41
C LEU A 185 5.63 -19.19 -10.69
N ASP A 186 4.54 -18.60 -11.16
CA ASP A 186 4.01 -17.39 -10.56
C ASP A 186 3.39 -17.65 -9.20
N LEU A 187 2.71 -18.80 -9.07
CA LEU A 187 2.01 -19.12 -7.83
C LEU A 187 2.98 -19.38 -6.69
N ALA A 188 4.10 -20.05 -6.98
CA ALA A 188 5.10 -20.25 -5.95
C ALA A 188 5.78 -18.95 -5.58
N ARG A 189 5.91 -18.03 -6.54
CA ARG A 189 6.43 -16.72 -6.22
C ARG A 189 5.38 -15.86 -5.52
N ASN A 190 4.11 -16.17 -5.73
CA ASN A 190 3.04 -15.44 -5.07
C ASN A 190 2.91 -15.84 -3.61
N ILE A 191 3.15 -17.12 -3.31
CA ILE A 191 3.43 -17.53 -1.95
C ILE A 191 4.75 -16.89 -1.54
N PHE A 192 4.88 -16.55 -0.23
CA PHE A 192 5.97 -15.80 0.37
C PHE A 192 6.15 -14.44 -0.31
N PRO A 193 5.29 -13.48 -0.01
CA PRO A 193 5.30 -12.21 -0.75
C PRO A 193 6.54 -11.39 -0.45
N SER A 194 6.75 -10.37 -1.29
CA SER A 194 7.94 -9.54 -1.17
C SER A 194 7.84 -8.62 0.03
N ASN A 195 6.85 -7.73 0.04
CA ASN A 195 6.60 -6.86 1.18
C ASN A 195 5.27 -7.25 1.81
N LEU A 196 5.25 -7.27 3.14
CA LEU A 196 4.08 -7.78 3.84
C LEU A 196 2.94 -6.79 3.80
N VAL A 197 3.23 -5.49 3.77
CA VAL A 197 2.18 -4.50 3.60
C VAL A 197 1.68 -4.51 2.17
N SER A 198 2.58 -4.72 1.21
CA SER A 198 2.18 -4.86 -0.18
C SER A 198 1.37 -6.12 -0.44
N ALA A 199 1.42 -7.11 0.45
CA ALA A 199 0.64 -8.32 0.27
C ALA A 199 -0.83 -8.14 0.63
N ALA A 200 -1.26 -6.96 1.02
CA ALA A 200 -2.64 -6.78 1.44
C ALA A 200 -3.55 -6.28 0.33
N PHE A 201 -3.00 -5.69 -0.72
CA PHE A 201 -3.87 -5.22 -1.80
C PHE A 201 -3.36 -5.49 -3.20
N ARG A 202 -2.10 -5.85 -3.39
CA ARG A 202 -1.56 -6.12 -4.73
C ARG A 202 -0.85 -7.46 -4.70
N SER A 203 -1.19 -8.33 -5.63
CA SER A 203 -0.58 -9.64 -5.74
C SER A 203 0.61 -9.54 -6.68
N TYR A 204 1.16 -10.67 -7.10
CA TYR A 204 2.20 -10.70 -8.12
C TYR A 204 1.66 -11.42 -9.34
N SER A 205 2.00 -10.90 -10.51
CA SER A 205 1.66 -11.54 -11.77
C SER A 205 2.84 -11.40 -12.70
N THR A 206 2.66 -11.81 -13.95
CA THR A 206 3.72 -11.71 -14.93
C THR A 206 3.13 -11.40 -16.30
N THR A 207 3.88 -10.64 -17.09
CA THR A 207 3.46 -10.25 -18.43
C THR A 207 4.55 -10.63 -19.42
N TYR A 208 4.44 -10.16 -20.65
CA TYR A 208 5.46 -10.47 -21.65
C TYR A 208 5.81 -9.22 -22.43
N GLU A 209 7.10 -9.02 -22.66
CA GLU A 209 7.63 -7.91 -23.42
C GLU A 209 8.38 -8.43 -24.63
N GLU A 210 8.21 -7.75 -25.76
CA GLU A 210 8.79 -8.16 -27.03
C GLU A 210 10.12 -7.44 -27.32
N ARG A 211 10.85 -7.05 -26.28
CA ARG A 211 12.02 -6.19 -26.41
C ARG A 211 13.25 -6.89 -26.96
N ASN A 212 13.15 -8.13 -27.45
CA ASN A 212 14.29 -8.82 -28.05
C ASN A 212 14.22 -8.61 -29.56
N ILE A 213 14.85 -7.52 -30.01
CA ILE A 213 14.96 -7.22 -31.44
C ILE A 213 16.45 -7.32 -31.75
N THR A 214 17.11 -8.27 -31.06
CA THR A 214 18.51 -8.59 -31.33
C THR A 214 18.70 -9.20 -32.71
N GLY A 215 17.65 -9.80 -33.27
CA GLY A 215 17.73 -10.53 -34.52
C GLY A 215 16.76 -11.69 -34.47
N THR A 216 16.36 -12.06 -33.26
CA THR A 216 15.33 -13.07 -33.02
C THR A 216 14.23 -12.44 -32.19
N ARG A 217 13.06 -12.24 -32.80
CA ARG A 217 11.94 -11.59 -32.13
C ARG A 217 11.30 -12.60 -31.18
N VAL A 218 11.80 -12.63 -29.94
CA VAL A 218 11.26 -13.51 -28.91
C VAL A 218 10.82 -12.66 -27.73
N LYS A 219 10.02 -13.28 -26.87
CA LYS A 219 9.40 -12.59 -25.75
C LYS A 219 10.17 -12.87 -24.46
N VAL A 220 10.03 -11.95 -23.50
CA VAL A 220 10.71 -12.07 -22.22
C VAL A 220 9.69 -11.79 -21.12
N PRO A 221 9.71 -12.52 -20.02
CA PRO A 221 8.78 -12.22 -18.92
C PRO A 221 9.27 -11.11 -18.02
N VAL A 222 8.32 -10.42 -17.40
CA VAL A 222 8.60 -9.34 -16.46
C VAL A 222 7.40 -9.22 -15.52
N GLY A 223 7.69 -8.97 -14.25
CA GLY A 223 6.66 -8.90 -13.21
C GLY A 223 6.43 -7.44 -12.79
N GLN A 224 5.18 -7.11 -12.52
CA GLN A 224 4.83 -5.73 -12.25
C GLN A 224 3.87 -5.52 -11.09
N GLU A 225 3.40 -6.58 -10.44
CA GLU A 225 2.55 -6.53 -9.24
C GLU A 225 1.24 -5.78 -9.49
N VAL A 226 0.38 -6.41 -10.29
CA VAL A 226 -0.96 -5.88 -10.56
C VAL A 226 -1.82 -5.96 -9.30
N GLU A 227 -2.96 -5.28 -9.32
CA GLU A 227 -3.71 -5.02 -8.11
C GLU A 227 -4.76 -6.10 -7.87
N GLY A 228 -4.86 -6.53 -6.62
CA GLY A 228 -5.73 -7.61 -6.20
C GLY A 228 -5.19 -8.23 -4.93
N MET A 229 -6.06 -8.61 -4.00
CA MET A 229 -5.60 -8.97 -2.67
C MET A 229 -4.93 -10.34 -2.66
N ASN A 230 -3.73 -10.40 -2.08
CA ASN A 230 -2.93 -11.62 -2.00
C ASN A 230 -3.40 -12.39 -0.77
N ILE A 231 -4.49 -13.15 -0.95
CA ILE A 231 -5.04 -13.91 0.17
C ILE A 231 -4.15 -15.11 0.48
N LEU A 232 -3.64 -15.77 -0.57
CA LEU A 232 -2.79 -16.94 -0.38
C LEU A 232 -1.46 -16.56 0.25
N GLY A 233 -0.95 -15.38 -0.04
CA GLY A 233 0.33 -14.96 0.52
C GLY A 233 0.26 -14.65 1.99
N LEU A 234 -0.90 -14.23 2.48
CA LEU A 234 -1.05 -13.91 3.89
C LEU A 234 -1.41 -15.12 4.73
N VAL A 235 -2.01 -16.15 4.12
CA VAL A 235 -2.30 -17.37 4.85
C VAL A 235 -1.02 -18.09 5.24
N VAL A 236 -0.09 -18.20 4.28
CA VAL A 236 1.13 -18.93 4.54
C VAL A 236 2.07 -18.14 5.46
N PHE A 237 1.87 -16.83 5.61
CA PHE A 237 2.64 -16.13 6.62
C PHE A 237 2.08 -16.36 8.01
N ALA A 238 0.75 -16.23 8.16
CA ALA A 238 0.16 -16.23 9.49
C ALA A 238 0.22 -17.61 10.13
N ILE A 239 0.24 -18.67 9.33
CA ILE A 239 0.43 -20.00 9.89
C ILE A 239 1.86 -20.19 10.36
N VAL A 240 2.83 -19.72 9.56
CA VAL A 240 4.23 -19.78 9.95
C VAL A 240 4.50 -18.88 11.14
N PHE A 241 3.84 -17.71 11.17
CA PHE A 241 3.99 -16.83 12.32
C PHE A 241 3.27 -17.38 13.54
N GLY A 242 2.20 -18.14 13.33
CA GLY A 242 1.46 -18.68 14.45
C GLY A 242 2.18 -19.81 15.16
N VAL A 243 2.98 -20.57 14.42
CA VAL A 243 3.78 -21.62 15.05
C VAL A 243 4.87 -21.00 15.91
N ALA A 244 5.39 -19.84 15.50
CA ALA A 244 6.50 -19.22 16.19
C ALA A 244 6.09 -18.72 17.58
N LEU A 245 4.82 -18.37 17.78
CA LEU A 245 4.38 -18.05 19.13
C LEU A 245 4.26 -19.30 19.97
N ARG A 246 3.80 -20.40 19.37
CA ARG A 246 3.72 -21.67 20.07
C ARG A 246 5.12 -22.20 20.42
N LYS A 247 6.10 -21.93 19.57
CA LYS A 247 7.47 -22.35 19.86
C LYS A 247 8.05 -21.55 21.00
N LEU A 248 7.65 -20.29 21.14
CA LEU A 248 7.96 -19.57 22.36
C LEU A 248 7.12 -20.10 23.51
N GLY A 249 7.63 -19.93 24.72
CA GLY A 249 6.93 -20.37 25.90
C GLY A 249 5.93 -19.33 26.37
N PRO A 250 5.98 -18.99 27.65
CA PRO A 250 5.09 -17.94 28.17
C PRO A 250 5.51 -16.53 27.82
N GLU A 251 6.55 -16.36 27.02
CA GLU A 251 6.96 -15.03 26.60
C GLU A 251 5.96 -14.43 25.63
N GLY A 252 5.42 -15.24 24.72
CA GLY A 252 4.44 -14.76 23.77
C GLY A 252 3.02 -14.92 24.24
N GLU A 253 2.83 -15.05 25.56
CA GLU A 253 1.50 -15.22 26.11
C GLU A 253 0.67 -13.95 25.99
N LEU A 254 1.33 -12.79 25.99
CA LEU A 254 0.62 -11.54 25.78
C LEU A 254 0.07 -11.43 24.36
N LEU A 255 0.87 -11.79 23.37
CA LEU A 255 0.50 -11.47 22.01
C LEU A 255 -0.50 -12.45 21.45
N ILE A 256 -0.51 -13.69 21.95
CA ILE A 256 -1.53 -14.63 21.51
C ILE A 256 -2.90 -14.22 22.05
N ARG A 257 -2.94 -13.57 23.21
CA ARG A 257 -4.19 -13.06 23.74
C ARG A 257 -4.62 -11.80 23.00
N PHE A 258 -3.67 -11.09 22.39
CA PHE A 258 -4.00 -9.91 21.61
C PHE A 258 -4.77 -10.29 20.34
N PHE A 259 -4.17 -11.17 19.53
CA PHE A 259 -4.83 -11.60 18.30
C PHE A 259 -6.04 -12.47 18.55
N ASN A 260 -6.16 -13.08 19.72
CA ASN A 260 -7.40 -13.77 20.05
C ASN A 260 -8.52 -12.76 20.27
N SER A 261 -8.20 -11.64 20.90
CA SER A 261 -9.22 -10.62 21.15
C SER A 261 -9.56 -9.85 19.89
N PHE A 262 -8.55 -9.56 19.07
CA PHE A 262 -8.77 -8.80 17.84
C PHE A 262 -9.60 -9.58 16.84
N ASN A 263 -9.51 -10.91 16.89
CA ASN A 263 -10.39 -11.75 16.11
C ASN A 263 -11.82 -11.65 16.59
N GLU A 264 -12.00 -11.56 17.92
CA GLU A 264 -13.32 -11.73 18.50
C GLU A 264 -14.22 -10.53 18.23
N ALA A 265 -13.65 -9.33 18.25
CA ALA A 265 -14.44 -8.13 17.97
C ALA A 265 -14.84 -8.05 16.51
N THR A 266 -14.04 -8.66 15.62
CA THR A 266 -14.40 -8.67 14.21
C THR A 266 -15.61 -9.57 13.98
N MET A 267 -15.70 -10.68 14.71
CA MET A 267 -16.87 -11.54 14.60
C MET A 267 -18.12 -10.88 15.16
N VAL A 268 -17.96 -9.96 16.09
CA VAL A 268 -19.09 -9.13 16.49
C VAL A 268 -19.45 -8.17 15.37
N LEU A 269 -18.44 -7.66 14.67
CA LEU A 269 -18.70 -6.70 13.61
C LEU A 269 -19.35 -7.35 12.40
N VAL A 270 -19.05 -8.62 12.14
CA VAL A 270 -19.67 -9.29 11.00
C VAL A 270 -21.09 -9.74 11.31
N SER A 271 -21.47 -9.76 12.59
CA SER A 271 -22.86 -10.05 12.95
C SER A 271 -23.80 -8.98 12.43
N TRP A 272 -23.35 -7.74 12.36
CA TRP A 272 -24.16 -6.67 11.82
C TRP A 272 -24.20 -6.68 10.31
N ILE A 273 -23.20 -7.29 9.67
CA ILE A 273 -23.14 -7.30 8.22
C ILE A 273 -24.15 -8.28 7.66
N MET A 274 -24.46 -9.32 8.42
CA MET A 274 -25.35 -10.38 7.96
C MET A 274 -26.77 -9.87 7.73
N TRP A 275 -27.20 -8.87 8.50
CA TRP A 275 -28.56 -8.37 8.35
C TRP A 275 -28.71 -7.53 7.09
N TYR A 276 -27.64 -6.89 6.63
CA TYR A 276 -27.72 -6.16 5.38
C TYR A 276 -27.70 -7.08 4.18
N ALA A 277 -27.21 -8.31 4.34
CA ALA A 277 -27.07 -9.23 3.22
C ALA A 277 -28.37 -9.61 2.49
N PRO A 278 -29.55 -9.74 3.13
CA PRO A 278 -30.77 -9.89 2.31
C PRO A 278 -31.11 -8.67 1.48
N VAL A 279 -30.67 -7.48 1.87
CA VAL A 279 -30.94 -6.32 1.04
C VAL A 279 -30.01 -6.30 -0.17
N GLY A 280 -28.76 -6.72 0.03
CA GLY A 280 -27.77 -6.60 -1.03
C GLY A 280 -27.97 -7.60 -2.16
N ILE A 281 -28.21 -8.87 -1.81
CA ILE A 281 -28.36 -9.94 -2.79
C ILE A 281 -29.57 -9.71 -3.67
N MET A 282 -30.58 -9.02 -3.14
CA MET A 282 -31.72 -8.59 -3.94
C MET A 282 -31.30 -7.64 -5.06
N PHE A 283 -30.23 -6.89 -4.88
CA PHE A 283 -29.76 -6.01 -5.94
C PHE A 283 -28.58 -6.55 -6.73
N LEU A 284 -27.88 -7.56 -6.23
CA LEU A 284 -26.86 -8.21 -7.06
C LEU A 284 -27.51 -8.95 -8.22
N VAL A 285 -28.52 -9.75 -7.93
CA VAL A 285 -29.16 -10.57 -8.95
C VAL A 285 -29.95 -9.68 -9.91
N ALA A 286 -30.77 -8.80 -9.37
CA ALA A 286 -31.56 -7.89 -10.19
C ALA A 286 -30.71 -6.91 -10.97
N GLY A 287 -29.51 -6.59 -10.47
CA GLY A 287 -28.61 -5.76 -11.26
C GLY A 287 -28.06 -6.50 -12.46
N LYS A 288 -27.72 -7.78 -12.28
CA LYS A 288 -27.04 -8.52 -13.34
C LYS A 288 -27.98 -8.91 -14.46
N ILE A 289 -29.27 -9.10 -14.16
CA ILE A 289 -30.24 -9.46 -15.19
C ILE A 289 -30.43 -8.33 -16.18
N VAL A 290 -30.42 -7.09 -15.69
CA VAL A 290 -30.64 -5.93 -16.54
C VAL A 290 -29.44 -5.69 -17.46
N GLU A 291 -28.24 -6.07 -17.02
CA GLU A 291 -27.02 -5.76 -17.77
C GLU A 291 -26.93 -6.60 -19.04
N MET A 292 -26.95 -7.92 -18.90
CA MET A 292 -26.79 -8.79 -20.06
C MET A 292 -28.15 -9.09 -20.69
N GLU A 293 -28.13 -9.26 -22.01
CA GLU A 293 -29.35 -9.62 -22.75
C GLU A 293 -29.63 -11.09 -22.50
N ASP A 294 -30.52 -11.38 -21.56
CA ASP A 294 -30.73 -12.71 -21.03
C ASP A 294 -31.80 -13.48 -21.78
N VAL A 295 -32.18 -13.03 -22.98
CA VAL A 295 -33.25 -13.64 -23.76
C VAL A 295 -32.67 -14.09 -25.08
N GLY A 296 -32.90 -15.36 -25.42
CA GLY A 296 -32.47 -15.92 -26.70
C GLY A 296 -31.09 -16.51 -26.69
N LEU A 297 -30.20 -15.95 -25.87
CA LEU A 297 -28.86 -16.48 -25.73
C LEU A 297 -28.69 -17.30 -24.46
N LEU A 298 -29.58 -17.12 -23.49
CA LEU A 298 -29.58 -17.87 -22.24
C LEU A 298 -29.80 -19.35 -22.53
N PHE A 299 -30.96 -19.69 -23.05
CA PHE A 299 -31.17 -20.99 -23.64
C PHE A 299 -31.19 -20.84 -25.15
N ALA A 300 -31.48 -21.95 -25.85
CA ALA A 300 -31.76 -22.04 -27.29
C ALA A 300 -30.59 -21.62 -28.18
N ARG A 301 -29.44 -21.31 -27.59
CA ARG A 301 -28.22 -21.08 -28.35
C ARG A 301 -27.10 -22.01 -27.89
N LEU A 302 -26.86 -22.09 -26.58
CA LEU A 302 -25.91 -23.05 -26.04
C LEU A 302 -26.44 -23.67 -24.75
N GLY A 303 -27.76 -23.72 -24.58
CA GLY A 303 -28.37 -24.13 -23.32
C GLY A 303 -28.13 -25.58 -22.93
N LYS A 304 -27.69 -26.42 -23.87
CA LYS A 304 -27.28 -27.77 -23.52
C LYS A 304 -26.04 -27.74 -22.64
N TYR A 305 -25.14 -26.78 -22.88
CA TYR A 305 -23.95 -26.65 -22.07
C TYR A 305 -24.26 -26.17 -20.66
N ILE A 306 -25.15 -25.19 -20.52
CA ILE A 306 -25.49 -24.67 -19.21
C ILE A 306 -26.25 -25.72 -18.41
N LEU A 307 -27.09 -26.51 -19.09
CA LEU A 307 -27.74 -27.64 -18.45
C LEU A 307 -26.74 -28.70 -18.05
N CYS A 308 -25.61 -28.79 -18.76
CA CYS A 308 -24.60 -29.78 -18.39
C CYS A 308 -23.79 -29.34 -17.18
N CYS A 309 -23.38 -28.08 -17.14
CA CYS A 309 -22.44 -27.66 -16.10
C CYS A 309 -23.14 -27.35 -14.78
N LEU A 310 -24.40 -26.89 -14.84
CA LEU A 310 -25.18 -26.76 -13.62
C LEU A 310 -25.48 -28.11 -13.00
N LEU A 311 -25.68 -29.13 -13.85
CA LEU A 311 -25.92 -30.47 -13.36
C LEU A 311 -24.68 -31.04 -12.69
N GLY A 312 -23.50 -30.69 -13.19
CA GLY A 312 -22.28 -31.09 -12.52
C GLY A 312 -22.14 -30.46 -11.15
N HIS A 313 -22.55 -29.20 -11.02
CA HIS A 313 -22.65 -28.60 -9.71
C HIS A 313 -23.81 -29.17 -8.91
N ALA A 314 -24.80 -29.74 -9.58
CA ALA A 314 -25.93 -30.33 -8.86
C ALA A 314 -25.59 -31.70 -8.30
N ILE A 315 -24.87 -32.52 -9.07
CA ILE A 315 -24.53 -33.86 -8.60
C ILE A 315 -23.47 -33.78 -7.51
N HIS A 316 -22.35 -33.15 -7.80
CA HIS A 316 -21.30 -33.01 -6.81
C HIS A 316 -21.71 -31.99 -5.77
N GLY A 317 -21.37 -32.26 -4.51
CA GLY A 317 -21.64 -31.32 -3.43
C GLY A 317 -23.00 -31.45 -2.81
N LEU A 318 -24.00 -31.85 -3.60
CA LEU A 318 -25.33 -32.09 -3.09
C LEU A 318 -25.63 -33.58 -2.95
N LEU A 319 -24.91 -34.44 -3.66
CA LEU A 319 -25.15 -35.87 -3.61
C LEU A 319 -23.84 -36.62 -3.37
N VAL A 320 -22.72 -36.02 -3.77
CA VAL A 320 -21.43 -36.69 -3.68
C VAL A 320 -20.75 -36.36 -2.36
N LEU A 321 -20.53 -35.07 -2.12
CA LEU A 321 -19.97 -34.65 -0.84
C LEU A 321 -20.82 -34.99 0.39
N PRO A 322 -22.17 -34.98 0.38
CA PRO A 322 -22.87 -35.55 1.53
C PRO A 322 -22.65 -37.03 1.69
N LEU A 323 -22.44 -37.76 0.60
CA LEU A 323 -22.18 -39.19 0.70
C LEU A 323 -20.83 -39.46 1.34
N ILE A 324 -19.85 -38.59 1.10
CA ILE A 324 -18.56 -38.73 1.77
C ILE A 324 -18.70 -38.36 3.24
N TYR A 325 -19.49 -37.32 3.54
CA TYR A 325 -19.69 -36.91 4.92
C TYR A 325 -20.50 -37.94 5.70
N PHE A 326 -21.42 -38.63 5.02
CA PHE A 326 -22.18 -39.68 5.70
C PHE A 326 -21.33 -40.91 5.95
N LEU A 327 -20.36 -41.17 5.07
CA LEU A 327 -19.55 -42.36 5.23
C LEU A 327 -18.55 -42.24 6.37
N PHE A 328 -18.17 -41.02 6.74
CA PHE A 328 -17.22 -40.83 7.83
C PHE A 328 -17.86 -40.46 9.15
N THR A 329 -19.10 -39.95 9.15
CA THR A 329 -19.73 -39.51 10.38
C THR A 329 -20.95 -40.31 10.79
N ARG A 330 -21.60 -40.99 9.83
CA ARG A 330 -22.87 -41.70 10.03
C ARG A 330 -23.95 -40.80 10.61
N LYS A 331 -23.92 -39.52 10.25
CA LYS A 331 -24.86 -38.53 10.75
C LYS A 331 -25.53 -37.86 9.57
N ASN A 332 -26.67 -37.25 9.83
CA ASN A 332 -27.49 -36.65 8.78
C ASN A 332 -26.81 -35.40 8.23
N PRO A 333 -26.38 -35.39 6.96
CA PRO A 333 -25.64 -34.24 6.44
C PRO A 333 -26.54 -33.05 6.16
N TYR A 334 -27.82 -33.33 5.90
CA TYR A 334 -28.74 -32.26 5.54
C TYR A 334 -29.20 -31.47 6.75
N ARG A 335 -29.08 -32.02 7.96
CA ARG A 335 -29.14 -31.19 9.15
C ARG A 335 -27.98 -30.22 9.19
N PHE A 336 -26.79 -30.70 8.83
CA PHE A 336 -25.61 -29.84 8.81
C PHE A 336 -25.66 -28.88 7.64
N LEU A 337 -26.22 -29.32 6.50
CA LEU A 337 -26.20 -28.48 5.31
C LEU A 337 -27.22 -27.35 5.41
N TRP A 338 -28.31 -27.58 6.14
CA TRP A 338 -29.34 -26.54 6.23
C TRP A 338 -28.89 -25.40 7.13
N GLY A 339 -28.02 -25.67 8.09
CA GLY A 339 -27.58 -24.64 9.01
C GLY A 339 -26.65 -23.60 8.42
N ILE A 340 -26.15 -23.83 7.21
CA ILE A 340 -25.21 -22.93 6.57
C ILE A 340 -25.79 -22.42 5.26
N VAL A 341 -27.12 -22.36 5.18
CA VAL A 341 -27.77 -21.98 3.93
C VAL A 341 -27.61 -20.50 3.63
N THR A 342 -27.31 -19.69 4.64
CA THR A 342 -27.19 -18.25 4.42
C THR A 342 -25.90 -17.87 3.68
N PRO A 343 -24.70 -18.40 3.98
CA PRO A 343 -23.56 -18.08 3.11
C PRO A 343 -23.63 -18.72 1.73
N LEU A 344 -24.33 -19.85 1.59
CA LEU A 344 -24.48 -20.43 0.25
C LEU A 344 -25.30 -19.54 -0.65
N ALA A 345 -26.35 -18.92 -0.12
CA ALA A 345 -27.08 -17.94 -0.91
C ALA A 345 -26.31 -16.64 -1.05
N THR A 346 -25.38 -16.37 -0.14
CA THR A 346 -24.54 -15.19 -0.28
C THR A 346 -23.52 -15.39 -1.39
N ALA A 347 -23.03 -16.62 -1.54
CA ALA A 347 -22.12 -16.93 -2.64
C ALA A 347 -22.81 -16.83 -3.99
N PHE A 348 -24.10 -17.16 -4.04
CA PHE A 348 -24.85 -16.97 -5.28
C PHE A 348 -25.17 -15.50 -5.51
N GLY A 349 -25.06 -14.66 -4.50
CA GLY A 349 -25.21 -13.24 -4.72
C GLY A 349 -23.92 -12.60 -5.17
N THR A 350 -22.86 -12.78 -4.38
CA THR A 350 -21.63 -12.05 -4.60
C THR A 350 -20.85 -12.59 -5.80
N SER A 351 -21.03 -13.87 -6.11
CA SER A 351 -20.26 -14.60 -7.12
C SER A 351 -18.76 -14.49 -6.85
N SER A 352 -18.39 -14.60 -5.59
CA SER A 352 -16.99 -14.54 -5.19
C SER A 352 -16.77 -15.50 -4.04
N SER A 353 -15.72 -16.32 -4.15
CA SER A 353 -15.47 -17.35 -3.16
C SER A 353 -14.97 -16.75 -1.85
N SER A 354 -14.02 -15.82 -1.93
CA SER A 354 -13.42 -15.24 -0.76
C SER A 354 -14.28 -14.18 -0.09
N ALA A 355 -15.31 -13.69 -0.78
CA ALA A 355 -16.21 -12.70 -0.21
C ALA A 355 -17.41 -13.34 0.48
N THR A 356 -17.28 -14.58 0.94
CA THR A 356 -18.25 -15.20 1.83
C THR A 356 -17.57 -15.88 3.01
N LEU A 357 -16.25 -15.80 3.10
CA LEU A 357 -15.52 -16.42 4.21
C LEU A 357 -15.92 -15.92 5.60
N PRO A 358 -16.14 -14.62 5.88
CA PRO A 358 -16.62 -14.29 7.22
C PRO A 358 -18.05 -14.72 7.50
N LEU A 359 -18.89 -14.82 6.47
CA LEU A 359 -20.24 -15.34 6.67
C LEU A 359 -20.20 -16.82 7.01
N MET A 360 -19.28 -17.56 6.41
CA MET A 360 -19.22 -19.00 6.65
C MET A 360 -18.65 -19.31 8.02
N MET A 361 -17.66 -18.53 8.46
CA MET A 361 -16.98 -18.81 9.72
C MET A 361 -17.90 -18.57 10.92
N LYS A 362 -18.89 -17.70 10.77
CA LYS A 362 -19.85 -17.52 11.85
C LYS A 362 -20.90 -18.62 11.85
N CYS A 363 -21.43 -18.94 10.68
CA CYS A 363 -22.60 -19.83 10.60
C CYS A 363 -22.23 -21.27 10.92
N VAL A 364 -21.01 -21.69 10.59
CA VAL A 364 -20.57 -23.02 10.99
C VAL A 364 -20.36 -23.07 12.50
N GLU A 365 -19.85 -21.98 13.07
CA GLU A 365 -19.53 -21.96 14.49
C GLU A 365 -20.77 -21.92 15.37
N GLU A 366 -21.83 -21.24 14.93
CA GLU A 366 -23.00 -21.06 15.76
C GLU A 366 -24.11 -22.06 15.47
N ASN A 367 -24.50 -22.20 14.20
CA ASN A 367 -25.64 -23.06 13.86
C ASN A 367 -25.30 -24.53 13.94
N ASN A 368 -24.02 -24.89 13.95
CA ASN A 368 -23.60 -26.27 14.03
C ASN A 368 -22.53 -26.41 15.10
N GLY A 369 -22.39 -27.63 15.61
CA GLY A 369 -21.48 -27.84 16.72
C GLY A 369 -20.06 -28.11 16.27
N VAL A 370 -19.24 -27.06 16.26
CA VAL A 370 -17.80 -27.19 16.01
C VAL A 370 -17.07 -26.37 17.04
N ALA A 371 -15.82 -26.76 17.29
CA ALA A 371 -14.97 -25.96 18.16
C ALA A 371 -14.51 -24.70 17.43
N LYS A 372 -14.10 -23.71 18.21
CA LYS A 372 -13.74 -22.42 17.64
C LYS A 372 -12.41 -22.50 16.90
N HIS A 373 -11.40 -23.08 17.55
CA HIS A 373 -10.06 -23.09 16.97
C HIS A 373 -9.96 -24.02 15.78
N ILE A 374 -10.76 -25.10 15.76
CA ILE A 374 -10.67 -26.04 14.65
C ILE A 374 -11.51 -25.60 13.46
N SER A 375 -12.44 -24.66 13.66
CA SER A 375 -13.25 -24.14 12.57
C SER A 375 -12.71 -22.84 12.01
N ARG A 376 -12.11 -22.00 12.85
CA ARG A 376 -11.50 -20.76 12.41
C ARG A 376 -10.07 -20.95 11.93
N PHE A 377 -9.69 -22.19 11.62
CA PHE A 377 -8.42 -22.52 10.99
C PHE A 377 -8.59 -23.17 9.63
N ILE A 378 -9.49 -24.15 9.52
CA ILE A 378 -9.62 -24.90 8.28
C ILE A 378 -10.36 -24.10 7.22
N LEU A 379 -11.24 -23.19 7.62
CA LEU A 379 -12.00 -22.41 6.65
C LEU A 379 -11.21 -21.34 5.90
N PRO A 380 -10.26 -20.60 6.49
CA PRO A 380 -9.46 -19.71 5.64
C PRO A 380 -8.52 -20.45 4.72
N ILE A 381 -7.83 -21.49 5.21
CA ILE A 381 -6.92 -22.24 4.34
C ILE A 381 -7.71 -23.05 3.33
N GLY A 382 -8.95 -23.40 3.65
CA GLY A 382 -9.79 -24.14 2.73
C GLY A 382 -10.69 -23.22 1.93
N ALA A 383 -10.33 -21.94 1.85
CA ALA A 383 -11.07 -21.02 1.00
C ALA A 383 -10.34 -20.74 -0.30
N THR A 384 -9.02 -20.90 -0.33
CA THR A 384 -8.21 -20.56 -1.49
C THR A 384 -7.33 -21.73 -1.93
N VAL A 385 -7.77 -22.96 -1.70
CA VAL A 385 -6.96 -24.08 -2.17
C VAL A 385 -7.85 -25.11 -2.85
N ASN A 386 -9.15 -25.00 -2.67
CA ASN A 386 -10.07 -26.05 -3.10
C ASN A 386 -11.11 -25.55 -4.09
N MET A 387 -10.69 -24.75 -5.08
CA MET A 387 -11.64 -24.19 -6.03
C MET A 387 -12.05 -25.27 -7.04
N ASP A 388 -12.88 -26.19 -6.55
CA ASP A 388 -13.28 -27.36 -7.31
C ASP A 388 -14.51 -27.10 -8.17
N GLY A 389 -15.40 -26.20 -7.73
CA GLY A 389 -16.46 -25.75 -8.60
C GLY A 389 -15.94 -25.01 -9.81
N ALA A 390 -14.82 -24.31 -9.66
CA ALA A 390 -14.10 -23.83 -10.83
C ALA A 390 -13.55 -25.00 -11.64
N ALA A 391 -12.95 -25.97 -10.95
CA ALA A 391 -12.37 -27.12 -11.65
C ALA A 391 -13.44 -27.99 -12.30
N LEU A 392 -14.65 -27.99 -11.75
CA LEU A 392 -15.77 -28.62 -12.45
C LEU A 392 -16.15 -27.81 -13.67
N PHE A 393 -16.16 -26.49 -13.55
CA PHE A 393 -16.46 -25.63 -14.69
C PHE A 393 -15.35 -25.69 -15.74
N GLN A 394 -14.10 -25.56 -15.29
CA GLN A 394 -12.97 -25.40 -16.20
C GLN A 394 -12.67 -26.68 -16.95
N CYS A 395 -13.09 -27.83 -16.43
CA CYS A 395 -12.82 -29.08 -17.14
C CYS A 395 -13.87 -29.35 -18.22
N VAL A 396 -15.13 -29.00 -17.95
CA VAL A 396 -16.21 -29.28 -18.88
C VAL A 396 -16.10 -28.39 -20.11
N ALA A 397 -15.79 -27.10 -19.90
CA ALA A 397 -15.71 -26.15 -21.01
C ALA A 397 -14.58 -26.48 -21.97
N ALA A 398 -13.51 -27.09 -21.47
CA ALA A 398 -12.46 -27.55 -22.36
C ALA A 398 -12.89 -28.78 -23.14
N VAL A 399 -13.72 -29.63 -22.54
CA VAL A 399 -14.30 -30.73 -23.29
C VAL A 399 -15.34 -30.19 -24.28
N PHE A 400 -16.06 -29.14 -23.87
CA PHE A 400 -17.17 -28.59 -24.66
C PHE A 400 -16.70 -28.07 -26.01
N ILE A 401 -15.61 -27.29 -26.03
CA ILE A 401 -15.09 -26.82 -27.30
C ILE A 401 -14.34 -27.90 -28.05
N ALA A 402 -14.00 -29.01 -27.39
CA ALA A 402 -13.41 -30.14 -28.07
C ALA A 402 -14.43 -31.15 -28.54
N GLN A 403 -15.61 -31.19 -27.91
CA GLN A 403 -16.72 -31.95 -28.48
C GLN A 403 -17.13 -31.39 -29.83
N LEU A 404 -17.16 -30.07 -29.94
CA LEU A 404 -17.28 -29.52 -31.27
C LEU A 404 -15.89 -29.41 -31.89
N SER A 405 -15.88 -29.10 -33.18
CA SER A 405 -14.66 -28.94 -34.00
C SER A 405 -13.80 -30.20 -34.05
N GLN A 406 -14.41 -31.37 -33.77
CA GLN A 406 -13.94 -32.69 -34.17
C GLN A 406 -12.54 -33.01 -33.62
N GLN A 407 -12.46 -33.13 -32.31
CA GLN A 407 -11.17 -33.42 -31.67
C GLN A 407 -11.19 -34.79 -31.02
N SER A 408 -9.98 -35.33 -30.80
CA SER A 408 -9.82 -36.74 -30.53
C SER A 408 -9.15 -37.05 -29.21
N LEU A 409 -9.61 -36.43 -28.14
CA LEU A 409 -9.07 -36.70 -26.81
C LEU A 409 -9.53 -38.07 -26.33
N ASP A 410 -8.72 -39.10 -26.63
CA ASP A 410 -9.13 -40.47 -26.31
C ASP A 410 -8.81 -40.83 -24.86
N PHE A 411 -7.52 -40.98 -24.53
CA PHE A 411 -7.16 -41.26 -23.14
C PHE A 411 -5.96 -40.47 -22.62
N VAL A 412 -5.00 -40.10 -23.47
CA VAL A 412 -3.81 -39.44 -22.97
C VAL A 412 -4.11 -38.00 -22.63
N LYS A 413 -4.93 -37.35 -23.46
CA LYS A 413 -5.32 -35.98 -23.21
C LYS A 413 -6.27 -35.85 -22.02
N ILE A 414 -6.94 -36.95 -21.63
CA ILE A 414 -7.92 -36.89 -20.56
C ILE A 414 -7.25 -36.71 -19.20
N ILE A 415 -6.14 -37.41 -18.98
CA ILE A 415 -5.49 -37.25 -17.69
C ILE A 415 -4.72 -35.94 -17.61
N THR A 416 -4.24 -35.44 -18.75
CA THR A 416 -3.56 -34.14 -18.75
C THR A 416 -4.55 -33.01 -18.53
N ILE A 417 -5.74 -33.12 -19.10
CA ILE A 417 -6.77 -32.10 -18.88
C ILE A 417 -7.40 -32.23 -17.51
N LEU A 418 -7.18 -33.35 -16.83
CA LEU A 418 -7.66 -33.56 -15.47
C LEU A 418 -6.66 -33.04 -14.45
N VAL A 419 -5.39 -33.39 -14.61
CA VAL A 419 -4.40 -33.01 -13.60
C VAL A 419 -4.01 -31.55 -13.71
N THR A 420 -4.21 -30.92 -14.86
CA THR A 420 -3.83 -29.51 -14.98
C THR A 420 -4.91 -28.62 -14.40
N ALA A 421 -6.17 -29.00 -14.57
CA ALA A 421 -7.27 -28.20 -14.02
C ALA A 421 -7.32 -28.27 -12.51
N THR A 422 -6.99 -29.42 -11.93
CA THR A 422 -6.95 -29.50 -10.48
C THR A 422 -5.72 -28.86 -9.88
N ALA A 423 -4.70 -28.54 -10.67
CA ALA A 423 -3.51 -27.89 -10.16
C ALA A 423 -3.52 -26.40 -10.41
N SER A 424 -4.11 -25.95 -11.51
CA SER A 424 -4.21 -24.52 -11.77
C SER A 424 -5.19 -23.84 -10.85
N SER A 425 -6.16 -24.58 -10.31
CA SER A 425 -7.18 -24.01 -9.44
C SER A 425 -6.69 -23.96 -8.00
N VAL A 426 -5.63 -23.18 -7.78
CA VAL A 426 -5.13 -22.95 -6.43
C VAL A 426 -5.10 -21.45 -6.17
N GLY A 427 -4.35 -20.72 -6.97
CA GLY A 427 -4.21 -19.30 -6.75
C GLY A 427 -5.11 -18.45 -7.62
N ALA A 428 -6.34 -18.92 -7.83
CA ALA A 428 -7.29 -18.27 -8.73
C ALA A 428 -8.29 -17.41 -7.97
N ALA A 429 -7.84 -16.74 -6.91
CA ALA A 429 -8.76 -16.08 -5.99
C ALA A 429 -9.16 -14.68 -6.44
N GLY A 430 -8.18 -13.80 -6.61
CA GLY A 430 -8.42 -12.37 -6.70
C GLY A 430 -9.15 -11.88 -7.94
N ILE A 431 -8.78 -12.41 -9.10
CA ILE A 431 -9.32 -11.89 -10.37
C ILE A 431 -10.77 -12.32 -10.53
N PRO A 432 -11.65 -11.47 -11.06
CA PRO A 432 -13.07 -11.83 -11.18
C PRO A 432 -13.35 -12.92 -12.19
N ALA A 433 -12.85 -12.76 -13.41
CA ALA A 433 -13.06 -13.73 -14.48
C ALA A 433 -11.89 -14.71 -14.55
N GLY A 434 -11.66 -15.39 -13.43
CA GLY A 434 -10.56 -16.33 -13.36
C GLY A 434 -10.79 -17.60 -14.15
N GLY A 435 -12.05 -18.00 -14.30
CA GLY A 435 -12.34 -19.19 -15.06
C GLY A 435 -12.08 -19.04 -16.55
N VAL A 436 -12.29 -17.84 -17.08
CA VAL A 436 -11.99 -17.60 -18.49
C VAL A 436 -10.49 -17.45 -18.69
N LEU A 437 -9.81 -16.80 -17.75
CA LEU A 437 -8.39 -16.50 -17.92
C LEU A 437 -7.55 -17.76 -17.77
N THR A 438 -7.87 -18.59 -16.79
CA THR A 438 -7.10 -19.82 -16.58
C THR A 438 -7.56 -20.96 -17.48
N LEU A 439 -8.54 -20.75 -18.34
CA LEU A 439 -8.91 -21.82 -19.26
C LEU A 439 -7.96 -21.88 -20.43
N ALA A 440 -7.36 -20.75 -20.80
CA ALA A 440 -6.43 -20.72 -21.93
C ALA A 440 -5.16 -21.50 -21.64
N ILE A 441 -4.73 -21.54 -20.38
CA ILE A 441 -3.54 -22.32 -20.07
C ILE A 441 -3.85 -23.80 -19.98
N ILE A 442 -5.12 -24.17 -19.80
CA ILE A 442 -5.51 -25.57 -19.95
C ILE A 442 -5.42 -25.97 -21.41
N LEU A 443 -5.97 -25.14 -22.28
CA LEU A 443 -6.11 -25.49 -23.69
C LEU A 443 -4.77 -25.45 -24.42
N GLU A 444 -3.81 -24.68 -23.91
CA GLU A 444 -2.50 -24.66 -24.54
C GLU A 444 -1.72 -25.93 -24.22
N ALA A 445 -1.87 -26.44 -23.01
CA ALA A 445 -1.16 -27.64 -22.60
C ALA A 445 -1.77 -28.93 -23.12
N VAL A 446 -2.89 -28.86 -23.82
CA VAL A 446 -3.52 -30.04 -24.38
C VAL A 446 -3.83 -29.73 -25.84
N ASN A 447 -3.24 -28.62 -26.30
CA ASN A 447 -3.21 -28.06 -27.67
C ASN A 447 -4.50 -28.28 -28.46
N LEU A 448 -5.58 -27.80 -27.89
CA LEU A 448 -6.91 -27.68 -28.47
C LEU A 448 -7.08 -26.27 -29.06
N PRO A 449 -8.02 -26.07 -29.98
CA PRO A 449 -8.20 -24.73 -30.54
C PRO A 449 -8.87 -23.79 -29.55
N VAL A 450 -8.26 -22.62 -29.39
CA VAL A 450 -8.78 -21.56 -28.52
C VAL A 450 -9.51 -20.51 -29.36
N ASP A 451 -9.96 -20.91 -30.54
CA ASP A 451 -10.45 -19.99 -31.57
C ASP A 451 -11.71 -19.25 -31.13
N HIS A 452 -12.57 -19.90 -30.37
CA HIS A 452 -13.73 -19.24 -29.78
C HIS A 452 -13.76 -19.55 -28.28
N ILE A 453 -13.03 -18.75 -27.51
CA ILE A 453 -13.16 -18.75 -26.08
C ILE A 453 -14.21 -17.74 -25.65
N SER A 454 -14.62 -16.85 -26.55
CA SER A 454 -15.65 -15.86 -26.26
C SER A 454 -17.03 -16.49 -26.13
N LEU A 455 -17.21 -17.74 -26.55
CA LEU A 455 -18.49 -18.40 -26.40
C LEU A 455 -18.70 -18.85 -24.96
N ILE A 456 -17.63 -19.32 -24.31
CA ILE A 456 -17.69 -19.63 -22.88
C ILE A 456 -17.86 -18.35 -22.07
N LEU A 457 -17.24 -17.27 -22.54
CA LEU A 457 -17.49 -15.96 -21.98
C LEU A 457 -18.92 -15.52 -22.34
N ALA A 458 -19.43 -14.57 -21.56
CA ALA A 458 -20.75 -13.95 -21.64
C ALA A 458 -21.89 -14.91 -21.35
N VAL A 459 -21.60 -16.11 -20.85
CA VAL A 459 -22.60 -16.94 -20.21
C VAL A 459 -22.03 -17.33 -18.85
N ASP A 460 -20.86 -16.77 -18.54
CA ASP A 460 -20.16 -17.06 -17.30
C ASP A 460 -20.59 -16.16 -16.15
N TRP A 461 -21.50 -15.22 -16.37
CA TRP A 461 -22.08 -14.51 -15.24
C TRP A 461 -23.02 -15.42 -14.48
N LEU A 462 -23.59 -16.42 -15.15
CA LEU A 462 -24.54 -17.33 -14.53
C LEU A 462 -23.87 -18.59 -14.00
N VAL A 463 -23.00 -19.21 -14.80
CA VAL A 463 -22.47 -20.51 -14.41
C VAL A 463 -21.34 -20.37 -13.37
N ASP A 464 -20.52 -19.33 -13.46
CA ASP A 464 -19.53 -19.10 -12.42
C ASP A 464 -20.16 -18.55 -11.16
N ARG A 465 -21.37 -18.02 -11.26
CA ARG A 465 -22.14 -17.70 -10.07
C ARG A 465 -22.56 -18.98 -9.34
N SER A 466 -22.74 -20.07 -10.08
CA SER A 466 -22.95 -21.36 -9.45
C SER A 466 -21.66 -22.02 -9.00
N CYS A 467 -20.52 -21.54 -9.49
CA CYS A 467 -19.23 -22.06 -9.05
C CYS A 467 -18.98 -21.76 -7.58
N THR A 468 -19.16 -20.50 -7.19
CA THR A 468 -18.85 -20.09 -5.82
C THR A 468 -19.80 -20.69 -4.81
N VAL A 469 -20.99 -21.13 -5.24
CA VAL A 469 -21.87 -21.90 -4.37
C VAL A 469 -21.21 -23.22 -4.01
N LEU A 470 -20.76 -23.96 -5.02
CA LEU A 470 -20.12 -25.24 -4.77
C LEU A 470 -18.72 -25.07 -4.19
N ASN A 471 -18.07 -23.93 -4.43
CA ASN A 471 -16.71 -23.73 -3.98
C ASN A 471 -16.65 -23.57 -2.47
N VAL A 472 -17.55 -22.77 -1.90
CA VAL A 472 -17.58 -22.58 -0.45
C VAL A 472 -18.36 -23.68 0.25
N GLU A 473 -18.92 -24.62 -0.49
CA GLU A 473 -19.68 -25.71 0.10
C GLU A 473 -18.80 -26.88 0.51
N GLY A 474 -17.66 -27.06 -0.15
CA GLY A 474 -16.84 -28.23 0.10
C GLY A 474 -16.12 -28.17 1.43
N ASP A 475 -15.48 -27.04 1.73
CA ASP A 475 -14.71 -26.91 2.95
C ASP A 475 -15.60 -26.85 4.19
N ALA A 476 -16.83 -26.35 4.04
CA ALA A 476 -17.75 -26.32 5.16
C ALA A 476 -18.15 -27.73 5.57
N LEU A 477 -18.36 -28.61 4.59
CA LEU A 477 -18.52 -30.02 4.89
C LEU A 477 -17.22 -30.61 5.39
N GLY A 478 -16.09 -30.14 4.87
CA GLY A 478 -14.80 -30.56 5.38
C GLY A 478 -14.52 -30.04 6.78
N ALA A 479 -15.15 -28.94 7.16
CA ALA A 479 -15.00 -28.42 8.51
C ALA A 479 -15.63 -29.36 9.53
N GLY A 480 -16.87 -29.76 9.29
CA GLY A 480 -17.53 -30.72 10.16
C GLY A 480 -16.96 -32.12 10.07
N LEU A 481 -16.28 -32.44 8.97
CA LEU A 481 -15.68 -33.76 8.84
C LEU A 481 -14.51 -33.92 9.79
N LEU A 482 -13.75 -32.85 10.01
CA LEU A 482 -12.65 -32.91 10.96
C LEU A 482 -13.13 -32.84 12.40
N GLN A 483 -14.39 -32.44 12.61
CA GLN A 483 -14.95 -32.39 13.96
C GLN A 483 -15.25 -33.80 14.49
N ASN A 484 -15.32 -34.80 13.61
CA ASN A 484 -15.68 -36.15 14.03
C ASN A 484 -14.55 -36.79 14.84
N TYR A 485 -13.38 -36.99 14.24
CA TYR A 485 -12.31 -37.68 14.93
C TYR A 485 -11.33 -36.73 15.61
N VAL A 486 -11.72 -35.47 15.80
CA VAL A 486 -10.99 -34.63 16.76
C VAL A 486 -11.44 -34.95 18.18
N ASP A 487 -12.55 -35.67 18.34
CA ASP A 487 -12.97 -36.16 19.64
C ASP A 487 -12.04 -37.24 20.17
N ARG A 488 -11.32 -37.93 19.30
CA ARG A 488 -10.42 -39.00 19.72
C ARG A 488 -8.97 -38.63 19.43
N ASP B 43 10.37 42.87 34.19
CA ASP B 43 9.02 43.16 34.67
C ASP B 43 8.09 41.97 34.49
N GLN B 44 6.79 42.26 34.48
CA GLN B 44 5.79 41.24 34.21
C GLN B 44 5.48 41.08 32.73
N VAL B 45 6.07 41.91 31.87
CA VAL B 45 5.91 41.73 30.44
C VAL B 45 6.74 40.54 29.97
N ARG B 46 7.83 40.22 30.66
CA ARG B 46 8.57 39.00 30.39
C ARG B 46 7.96 37.79 31.06
N ARG B 47 7.03 37.99 32.00
CA ARG B 47 6.31 36.87 32.59
C ARG B 47 5.34 36.26 31.60
N CYS B 48 4.53 37.09 30.94
CA CYS B 48 3.62 36.61 29.92
C CYS B 48 4.34 36.30 28.61
N LEU B 49 5.60 36.71 28.46
CA LEU B 49 6.34 36.41 27.24
C LEU B 49 6.75 34.94 27.22
N ARG B 50 7.35 34.46 28.31
CA ARG B 50 7.82 33.08 28.34
C ARG B 50 6.66 32.11 28.46
N ALA B 51 5.62 32.48 29.22
CA ALA B 51 4.48 31.59 29.43
C ALA B 51 3.55 31.50 28.23
N ASN B 52 3.70 32.38 27.24
CA ASN B 52 2.91 32.36 26.03
C ASN B 52 3.83 32.43 24.82
N LEU B 53 4.87 31.60 24.83
CA LEU B 53 5.89 31.65 23.79
C LEU B 53 5.36 31.15 22.46
N LEU B 54 4.57 30.08 22.48
CA LEU B 54 4.03 29.53 21.23
C LEU B 54 3.06 30.49 20.56
N VAL B 55 2.33 31.26 21.37
CA VAL B 55 1.45 32.29 20.80
C VAL B 55 2.29 33.39 20.15
N LEU B 56 3.37 33.78 20.81
CA LEU B 56 4.20 34.87 20.28
C LEU B 56 5.02 34.42 19.09
N LEU B 57 5.62 33.23 19.17
CA LEU B 57 6.55 32.80 18.13
C LEU B 57 5.84 32.40 16.85
N THR B 58 4.58 32.03 16.92
CA THR B 58 3.88 31.62 15.71
C THR B 58 3.43 32.82 14.89
N VAL B 59 2.82 33.81 15.54
CA VAL B 59 2.31 34.95 14.79
C VAL B 59 3.41 35.89 14.34
N VAL B 60 4.59 35.83 14.96
CA VAL B 60 5.71 36.62 14.45
C VAL B 60 6.30 35.94 13.22
N ALA B 61 6.01 34.67 13.01
CA ALA B 61 6.53 33.97 11.85
C ALA B 61 5.67 34.20 10.61
N VAL B 62 4.35 34.29 10.79
CA VAL B 62 3.47 34.45 9.63
C VAL B 62 3.59 35.87 9.08
N VAL B 63 3.91 36.85 9.93
CA VAL B 63 4.21 38.18 9.40
C VAL B 63 5.63 38.24 8.86
N ALA B 64 6.51 37.33 9.29
CA ALA B 64 7.83 37.25 8.70
C ALA B 64 7.77 36.65 7.30
N GLY B 65 6.81 35.77 7.07
CA GLY B 65 6.68 35.16 5.75
C GLY B 65 6.17 36.13 4.70
N VAL B 66 5.26 37.02 5.08
CA VAL B 66 4.81 38.06 4.17
C VAL B 66 5.94 39.07 3.95
N ALA B 67 6.70 39.36 4.99
CA ALA B 67 7.82 40.29 4.87
C ALA B 67 8.94 39.71 4.03
N LEU B 68 9.27 38.44 4.24
CA LEU B 68 10.29 37.80 3.42
C LEU B 68 9.81 37.60 1.99
N GLY B 69 8.51 37.31 1.82
CA GLY B 69 7.99 37.04 0.49
C GLY B 69 7.96 38.27 -0.39
N LEU B 70 7.57 39.41 0.19
CA LEU B 70 7.59 40.65 -0.57
C LEU B 70 9.01 41.16 -0.77
N GLY B 71 9.95 40.78 0.10
CA GLY B 71 11.32 41.20 -0.08
C GLY B 71 12.00 40.50 -1.24
N VAL B 72 11.68 39.24 -1.48
CA VAL B 72 12.28 38.51 -2.58
C VAL B 72 11.65 38.94 -3.90
N SER B 73 10.34 39.17 -3.90
CA SER B 73 9.66 39.66 -5.10
C SER B 73 10.11 41.08 -5.45
N GLY B 74 10.49 41.88 -4.45
CA GLY B 74 11.04 43.18 -4.73
C GLY B 74 12.43 43.13 -5.34
N ALA B 75 13.19 42.10 -5.00
CA ALA B 75 14.52 41.89 -5.58
C ALA B 75 14.44 40.94 -6.77
N GLY B 76 13.62 41.33 -7.74
CA GLY B 76 13.44 40.53 -8.94
C GLY B 76 12.30 39.54 -8.83
N GLY B 77 12.41 38.59 -7.91
CA GLY B 77 11.39 37.58 -7.75
C GLY B 77 11.87 36.19 -8.10
N ALA B 78 10.95 35.35 -8.58
CA ALA B 78 11.32 33.98 -8.96
C ALA B 78 12.22 33.95 -10.18
N LEU B 79 12.09 34.92 -11.07
CA LEU B 79 12.96 34.99 -12.24
C LEU B 79 14.37 35.38 -11.84
N ALA B 80 14.52 36.12 -10.73
CA ALA B 80 15.85 36.46 -10.25
C ALA B 80 16.57 35.25 -9.68
N LEU B 81 15.83 34.29 -9.15
CA LEU B 81 16.45 33.09 -8.58
C LEU B 81 16.55 31.96 -9.60
N GLY B 82 15.51 31.75 -10.39
CA GLY B 82 15.49 30.64 -11.32
C GLY B 82 14.99 29.37 -10.66
N PRO B 83 14.45 28.45 -11.45
CA PRO B 83 13.88 27.22 -10.87
C PRO B 83 14.92 26.26 -10.28
N GLU B 84 16.21 26.49 -10.48
CA GLU B 84 17.23 25.68 -9.82
C GLU B 84 17.20 25.92 -8.31
N ARG B 85 17.44 27.16 -7.89
CA ARG B 85 17.47 27.51 -6.49
C ARG B 85 16.09 27.85 -5.93
N LEU B 86 15.04 27.67 -6.72
CA LEU B 86 13.70 28.00 -6.23
C LEU B 86 13.17 26.94 -5.27
N SER B 87 13.25 25.67 -5.67
CA SER B 87 12.70 24.59 -4.85
C SER B 87 13.49 24.38 -3.57
N ALA B 88 14.76 24.80 -3.53
CA ALA B 88 15.49 24.75 -2.28
C ALA B 88 15.01 25.80 -1.29
N PHE B 89 14.44 26.89 -1.80
CA PHE B 89 13.92 27.93 -0.91
C PHE B 89 12.59 27.54 -0.30
N VAL B 90 11.73 26.88 -1.08
CA VAL B 90 10.39 26.52 -0.60
C VAL B 90 10.40 25.21 0.16
N PHE B 91 11.55 24.50 0.20
CA PHE B 91 11.58 23.17 0.80
C PHE B 91 11.37 23.13 2.32
N PRO B 92 12.07 23.92 3.17
CA PRO B 92 11.93 23.69 4.62
C PRO B 92 10.57 24.04 5.18
N GLY B 93 9.72 24.72 4.43
CA GLY B 93 8.32 24.79 4.79
C GLY B 93 7.58 23.58 4.29
N GLU B 94 7.88 23.15 3.07
CA GLU B 94 7.24 21.97 2.48
C GLU B 94 7.62 20.70 3.23
N LEU B 95 8.75 20.70 3.94
CA LEU B 95 9.08 19.59 4.81
C LEU B 95 8.12 19.47 5.97
N LEU B 96 7.59 20.60 6.48
CA LEU B 96 6.64 20.54 7.58
C LEU B 96 5.32 19.90 7.16
N LEU B 97 4.80 20.33 6.00
CA LEU B 97 3.53 19.81 5.50
C LEU B 97 3.63 18.34 5.12
N ARG B 98 4.83 17.85 4.85
CA ARG B 98 5.03 16.42 4.63
C ARG B 98 5.16 15.68 5.94
N LEU B 99 5.99 16.20 6.85
CA LEU B 99 6.26 15.56 8.13
C LEU B 99 5.03 15.52 9.04
N LEU B 100 4.06 16.38 8.80
CA LEU B 100 2.91 16.42 9.69
C LEU B 100 1.83 15.43 9.26
N ARG B 101 1.74 15.14 7.96
CA ARG B 101 0.71 14.26 7.46
C ARG B 101 0.94 12.81 7.87
N MET B 102 2.18 12.42 8.15
CA MET B 102 2.45 11.05 8.55
C MET B 102 1.97 10.73 9.96
N ILE B 103 1.54 11.72 10.71
CA ILE B 103 1.05 11.49 12.06
C ILE B 103 -0.42 11.09 12.06
N ILE B 104 -1.21 11.55 11.06
CA ILE B 104 -2.65 11.36 11.15
C ILE B 104 -3.12 9.96 10.80
N LEU B 105 -2.25 9.12 10.26
CA LEU B 105 -2.71 7.75 10.07
C LEU B 105 -2.68 6.98 11.39
N PRO B 106 -1.60 7.00 12.22
CA PRO B 106 -1.74 6.33 13.52
C PRO B 106 -2.40 7.18 14.58
N LEU B 107 -3.06 8.26 14.18
CA LEU B 107 -3.80 9.09 15.12
C LEU B 107 -5.30 9.01 14.93
N VAL B 108 -5.79 9.15 13.69
CA VAL B 108 -7.22 9.15 13.45
C VAL B 108 -7.82 7.77 13.69
N VAL B 109 -7.20 6.73 13.13
CA VAL B 109 -7.72 5.38 13.31
C VAL B 109 -7.45 4.84 14.70
N CYS B 110 -6.58 5.49 15.47
CA CYS B 110 -6.26 5.01 16.80
C CYS B 110 -6.97 5.77 17.90
N SER B 111 -7.22 7.06 17.72
CA SER B 111 -7.88 7.82 18.77
C SER B 111 -9.37 7.54 18.83
N LEU B 112 -10.00 7.23 17.70
CA LEU B 112 -11.43 6.99 17.68
C LEU B 112 -11.79 5.70 18.40
N ILE B 113 -10.95 4.68 18.29
CA ILE B 113 -11.21 3.43 18.99
C ILE B 113 -11.05 3.62 20.49
N GLY B 114 -9.99 4.30 20.90
CA GLY B 114 -9.82 4.61 22.31
C GLY B 114 -10.85 5.59 22.82
N GLY B 115 -11.35 6.46 21.93
CA GLY B 115 -12.41 7.37 22.30
C GLY B 115 -13.76 6.69 22.34
N ALA B 116 -14.21 6.16 21.21
CA ALA B 116 -15.56 5.60 21.11
C ALA B 116 -15.61 4.15 21.56
N ALA B 117 -15.08 3.88 22.74
CA ALA B 117 -15.28 2.60 23.40
C ALA B 117 -15.39 2.75 24.91
N SER B 118 -15.16 3.94 25.45
CA SER B 118 -15.31 4.13 26.89
C SER B 118 -16.77 4.16 27.28
N LEU B 119 -17.57 4.95 26.57
CA LEU B 119 -18.95 5.20 26.96
C LEU B 119 -19.90 4.24 26.25
N ASP B 120 -21.18 4.35 26.58
CA ASP B 120 -22.21 3.44 26.12
C ASP B 120 -22.58 3.71 24.66
N PRO B 121 -23.00 2.68 23.92
CA PRO B 121 -23.45 2.93 22.54
C PRO B 121 -24.73 3.72 22.45
N GLY B 122 -25.61 3.61 23.46
CA GLY B 122 -26.79 4.46 23.48
C GLY B 122 -26.45 5.91 23.77
N ALA B 123 -25.44 6.14 24.60
CA ALA B 123 -24.98 7.50 24.84
C ALA B 123 -24.21 8.04 23.65
N LEU B 124 -23.56 7.17 22.89
CA LEU B 124 -22.81 7.60 21.72
C LEU B 124 -23.75 8.08 20.61
N GLY B 125 -24.80 7.30 20.34
CA GLY B 125 -25.81 7.74 19.40
C GLY B 125 -26.56 8.96 19.89
N ARG B 126 -26.68 9.10 21.21
CA ARG B 126 -27.14 10.36 21.77
C ARG B 126 -26.10 11.46 21.55
N LEU B 127 -24.82 11.13 21.69
CA LEU B 127 -23.79 12.12 21.46
C LEU B 127 -23.65 12.43 19.97
N GLY B 128 -23.77 11.42 19.13
CA GLY B 128 -23.58 11.63 17.70
C GLY B 128 -24.72 12.38 17.06
N ALA B 129 -25.92 12.27 17.63
CA ALA B 129 -27.07 12.99 17.08
C ALA B 129 -26.93 14.49 17.27
N TRP B 130 -26.52 14.91 18.47
CA TRP B 130 -26.25 16.33 18.69
C TRP B 130 -25.01 16.78 17.92
N ALA B 131 -24.08 15.87 17.68
CA ALA B 131 -22.87 16.22 16.96
C ALA B 131 -23.17 16.48 15.50
N LEU B 132 -23.79 15.51 14.81
CA LEU B 132 -24.02 15.60 13.38
C LEU B 132 -25.04 16.69 13.06
N LEU B 133 -25.95 16.97 13.99
CA LEU B 133 -26.86 18.10 13.80
C LEU B 133 -26.12 19.42 13.88
N PHE B 134 -25.05 19.50 14.68
CA PHE B 134 -24.38 20.77 14.90
C PHE B 134 -23.63 21.23 13.66
N PHE B 135 -22.97 20.31 12.96
CA PHE B 135 -22.20 20.72 11.79
C PHE B 135 -23.11 21.06 10.63
N LEU B 136 -24.29 20.44 10.59
CA LEU B 136 -25.23 20.71 9.50
C LEU B 136 -25.85 22.09 9.65
N VAL B 137 -26.23 22.47 10.87
CA VAL B 137 -26.81 23.78 11.10
C VAL B 137 -25.77 24.88 10.90
N THR B 138 -24.52 24.60 11.27
CA THR B 138 -23.44 25.56 11.08
C THR B 138 -23.15 25.78 9.60
N THR B 139 -23.15 24.71 8.81
CA THR B 139 -22.78 24.84 7.40
C THR B 139 -23.88 25.53 6.61
N LEU B 140 -25.15 25.26 6.94
CA LEU B 140 -26.26 25.97 6.32
C LEU B 140 -26.23 27.45 6.66
N LEU B 141 -25.98 27.77 7.93
CA LEU B 141 -25.96 29.16 8.35
C LEU B 141 -24.75 29.90 7.79
N ALA B 142 -23.64 29.20 7.59
CA ALA B 142 -22.47 29.85 7.00
C ALA B 142 -22.65 30.06 5.51
N SER B 143 -23.23 29.08 4.82
CA SER B 143 -23.38 29.20 3.37
C SER B 143 -24.47 30.19 2.99
N ALA B 144 -25.55 30.25 3.79
CA ALA B 144 -26.58 31.25 3.54
C ALA B 144 -26.10 32.65 3.83
N LEU B 145 -25.10 32.79 4.72
CA LEU B 145 -24.47 34.09 4.92
C LEU B 145 -23.73 34.54 3.67
N GLY B 146 -23.16 33.58 2.93
CA GLY B 146 -22.48 33.92 1.70
C GLY B 146 -23.39 34.36 0.59
N VAL B 147 -24.66 33.94 0.63
CA VAL B 147 -25.61 34.36 -0.40
C VAL B 147 -25.90 35.84 -0.28
N GLY B 148 -26.43 36.26 0.87
CA GLY B 148 -26.83 37.64 1.05
C GLY B 148 -25.68 38.62 1.09
N LEU B 149 -24.49 38.15 1.48
CA LEU B 149 -23.33 39.02 1.41
C LEU B 149 -22.89 39.23 -0.02
N ALA B 150 -23.04 38.21 -0.87
CA ALA B 150 -22.73 38.36 -2.28
C ALA B 150 -23.88 38.93 -3.09
N LEU B 151 -25.13 38.76 -2.62
CA LEU B 151 -26.25 39.41 -3.30
C LEU B 151 -26.24 40.90 -3.04
N ALA B 152 -26.20 41.31 -1.79
CA ALA B 152 -26.21 42.75 -1.48
C ALA B 152 -24.80 43.31 -1.37
N LEU B 153 -23.95 42.96 -2.31
CA LEU B 153 -22.74 43.72 -2.58
C LEU B 153 -22.45 43.88 -4.07
N GLN B 154 -22.98 43.01 -4.93
CA GLN B 154 -22.75 42.91 -6.36
C GLN B 154 -21.26 42.88 -6.70
N PRO B 155 -20.58 41.75 -6.49
CA PRO B 155 -19.16 41.68 -6.88
C PRO B 155 -18.94 41.67 -8.38
N GLY B 156 -19.98 41.48 -9.19
CA GLY B 156 -19.85 41.65 -10.62
C GLY B 156 -19.93 43.11 -11.01
N ALA B 157 -18.87 43.85 -10.72
CA ALA B 157 -18.83 45.29 -10.91
C ALA B 157 -18.19 45.66 -12.24
N ALA B 158 -18.52 46.86 -12.70
CA ALA B 158 -17.98 47.39 -13.97
C ALA B 158 -16.52 47.75 -13.75
N SER B 159 -15.68 46.75 -13.87
CA SER B 159 -14.28 46.86 -13.51
C SER B 159 -13.50 45.91 -14.41
N ALA B 160 -12.28 45.58 -14.00
CA ALA B 160 -11.54 44.53 -14.71
C ALA B 160 -12.07 43.13 -14.39
N ALA B 161 -12.98 43.01 -13.42
CA ALA B 161 -13.64 41.73 -13.17
C ALA B 161 -14.49 41.31 -14.35
N ILE B 162 -15.19 42.26 -14.96
CA ILE B 162 -15.97 41.93 -16.16
C ILE B 162 -15.07 41.84 -17.38
N ASN B 163 -13.82 42.30 -17.29
CA ASN B 163 -12.80 41.92 -18.26
C ASN B 163 -12.38 40.48 -17.96
N ALA B 164 -13.18 39.54 -18.43
CA ALA B 164 -12.91 38.11 -18.27
C ALA B 164 -12.46 37.47 -19.57
N SER B 165 -12.18 38.28 -20.60
CA SER B 165 -11.71 37.72 -21.87
C SER B 165 -10.31 37.14 -21.74
N VAL B 166 -9.52 37.65 -20.78
CA VAL B 166 -8.25 37.03 -20.47
C VAL B 166 -8.47 35.73 -19.69
N GLY B 167 -9.62 35.57 -19.05
CA GLY B 167 -9.86 34.40 -18.23
C GLY B 167 -10.17 33.13 -18.99
N ALA B 168 -10.64 33.25 -20.23
CA ALA B 168 -11.01 32.05 -20.99
C ALA B 168 -9.76 31.32 -21.48
N ALA B 169 -8.98 31.97 -22.35
CA ALA B 169 -7.64 31.61 -22.80
C ALA B 169 -7.55 30.33 -23.64
N GLY B 170 -8.66 29.60 -23.79
CA GLY B 170 -8.73 28.41 -24.62
C GLY B 170 -7.78 27.29 -24.29
N SER B 171 -7.27 27.22 -23.06
CA SER B 171 -6.19 26.30 -22.72
C SER B 171 -6.69 25.04 -22.01
N ALA B 172 -7.38 25.19 -20.89
CA ALA B 172 -7.78 24.07 -20.04
C ALA B 172 -9.29 24.09 -19.82
N GLU B 173 -10.05 24.26 -20.91
CA GLU B 173 -11.49 24.34 -20.80
C GLU B 173 -12.11 22.98 -20.52
N ASN B 174 -11.69 21.96 -21.26
CA ASN B 174 -12.31 20.63 -21.19
C ASN B 174 -11.84 19.93 -19.91
N ALA B 175 -12.52 20.25 -18.83
CA ALA B 175 -12.32 19.57 -17.55
C ALA B 175 -12.99 18.21 -17.57
N PRO B 176 -12.59 17.29 -16.68
CA PRO B 176 -13.38 16.06 -16.50
C PRO B 176 -14.81 16.33 -16.06
N SER B 177 -14.96 16.99 -14.90
CA SER B 177 -16.24 17.56 -14.41
C SER B 177 -17.32 16.48 -14.30
N LYS B 178 -17.10 15.58 -13.33
CA LYS B 178 -17.98 14.43 -13.14
C LYS B 178 -19.41 14.86 -12.81
N GLU B 179 -20.35 13.99 -13.11
CA GLU B 179 -21.77 14.35 -13.02
C GLU B 179 -22.23 14.36 -11.57
N VAL B 180 -23.34 15.06 -11.35
CA VAL B 180 -23.75 15.39 -9.99
C VAL B 180 -24.32 14.16 -9.28
N LEU B 181 -24.87 13.20 -10.01
CA LEU B 181 -25.31 11.96 -9.39
C LEU B 181 -24.13 11.09 -9.03
N ASP B 182 -23.11 11.07 -9.88
CA ASP B 182 -21.97 10.19 -9.68
C ASP B 182 -21.10 10.65 -8.53
N SER B 183 -21.12 11.94 -8.20
CA SER B 183 -20.30 12.44 -7.09
C SER B 183 -20.84 11.98 -5.74
N PHE B 184 -22.15 12.15 -5.52
CA PHE B 184 -22.74 11.66 -4.29
C PHE B 184 -22.84 10.15 -4.27
N LEU B 185 -22.83 9.52 -5.45
CA LEU B 185 -22.68 8.07 -5.48
C LEU B 185 -21.27 7.67 -5.09
N ASP B 186 -20.29 8.51 -5.43
CA ASP B 186 -18.89 8.20 -5.15
C ASP B 186 -18.60 8.29 -3.66
N LEU B 187 -19.21 9.25 -2.98
CA LEU B 187 -18.92 9.47 -1.56
C LEU B 187 -19.46 8.33 -0.71
N ALA B 188 -20.64 7.80 -1.06
CA ALA B 188 -21.15 6.66 -0.33
C ALA B 188 -20.32 5.42 -0.61
N ARG B 189 -19.76 5.32 -1.81
CA ARG B 189 -18.86 4.21 -2.11
C ARG B 189 -17.50 4.44 -1.47
N ASN B 190 -17.15 5.70 -1.21
CA ASN B 190 -15.88 6.01 -0.57
C ASN B 190 -15.93 5.71 0.92
N ILE B 191 -17.08 5.91 1.55
CA ILE B 191 -17.36 5.30 2.84
C ILE B 191 -17.41 3.79 2.64
N PHE B 192 -17.00 3.04 3.67
CA PHE B 192 -16.81 1.59 3.67
C PHE B 192 -15.85 1.16 2.56
N PRO B 193 -14.55 1.34 2.75
CA PRO B 193 -13.61 1.10 1.65
C PRO B 193 -13.48 -0.38 1.31
N SER B 194 -12.86 -0.62 0.16
CA SER B 194 -12.73 -2.00 -0.33
C SER B 194 -11.71 -2.78 0.48
N ASN B 195 -10.46 -2.33 0.47
CA ASN B 195 -9.41 -2.93 1.27
C ASN B 195 -8.98 -1.94 2.33
N LEU B 196 -8.77 -2.45 3.55
CA LEU B 196 -8.50 -1.55 4.67
C LEU B 196 -7.08 -1.01 4.63
N VAL B 197 -6.14 -1.77 4.08
CA VAL B 197 -4.80 -1.25 3.89
C VAL B 197 -4.77 -0.27 2.73
N SER B 198 -5.57 -0.53 1.69
CA SER B 198 -5.70 0.39 0.58
C SER B 198 -6.39 1.69 0.99
N ALA B 199 -7.12 1.70 2.10
CA ALA B 199 -7.78 2.91 2.56
C ALA B 199 -6.84 3.90 3.23
N ALA B 200 -5.55 3.61 3.30
CA ALA B 200 -4.65 4.50 4.01
C ALA B 200 -3.94 5.47 3.09
N PHE B 201 -3.87 5.20 1.79
CA PHE B 201 -3.20 6.14 0.89
C PHE B 201 -3.92 6.40 -0.42
N ARG B 202 -4.88 5.59 -0.83
CA ARG B 202 -5.60 5.80 -2.08
C ARG B 202 -7.09 5.75 -1.81
N SER B 203 -7.80 6.76 -2.27
CA SER B 203 -9.24 6.84 -2.10
C SER B 203 -9.91 6.19 -3.31
N TYR B 204 -11.21 6.39 -3.46
CA TYR B 204 -11.92 5.96 -4.65
C TYR B 204 -12.45 7.18 -5.38
N SER B 205 -12.37 7.15 -6.70
CA SER B 205 -12.95 8.19 -7.53
C SER B 205 -13.57 7.54 -8.75
N THR B 206 -14.02 8.36 -9.68
CA THR B 206 -14.62 7.84 -10.90
C THR B 206 -14.27 8.74 -12.07
N THR B 207 -14.14 8.12 -13.24
CA THR B 207 -13.81 8.83 -14.46
C THR B 207 -14.84 8.50 -15.53
N TYR B 208 -14.59 8.89 -16.77
CA TYR B 208 -15.51 8.57 -17.85
C TYR B 208 -14.75 8.08 -19.06
N GLU B 209 -15.28 7.03 -19.68
CA GLU B 209 -14.71 6.45 -20.88
C GLU B 209 -15.73 6.52 -22.01
N GLU B 210 -15.24 6.83 -23.21
CA GLU B 210 -16.09 7.03 -24.39
C GLU B 210 -16.20 5.77 -25.24
N ARG B 211 -16.07 4.60 -24.63
CA ARG B 211 -15.94 3.33 -25.35
C ARG B 211 -17.26 2.82 -25.96
N ASN B 212 -18.32 3.61 -25.96
CA ASN B 212 -19.59 3.21 -26.58
C ASN B 212 -19.61 3.77 -28.00
N ILE B 213 -19.08 2.99 -28.93
CA ILE B 213 -19.10 3.35 -30.35
C ILE B 213 -19.99 2.29 -31.00
N THR B 214 -21.01 1.86 -30.25
CA THR B 214 -22.04 0.96 -30.76
C THR B 214 -22.86 1.61 -31.87
N GLY B 215 -22.94 2.94 -31.89
CA GLY B 215 -23.79 3.67 -32.80
C GLY B 215 -24.29 4.92 -32.11
N THR B 216 -24.20 4.93 -30.78
CA THR B 216 -24.50 6.09 -29.96
C THR B 216 -23.29 6.40 -29.11
N ARG B 217 -22.61 7.51 -29.41
CA ARG B 217 -21.39 7.90 -28.71
C ARG B 217 -21.79 8.46 -27.34
N VAL B 218 -21.86 7.57 -26.35
CA VAL B 218 -22.18 7.96 -24.99
C VAL B 218 -21.04 7.52 -24.08
N LYS B 219 -21.02 8.08 -22.87
CA LYS B 219 -19.95 7.85 -21.92
C LYS B 219 -20.37 6.83 -20.87
N VAL B 220 -19.37 6.18 -20.28
CA VAL B 220 -19.61 5.16 -19.26
C VAL B 220 -18.68 5.44 -18.08
N PRO B 221 -19.14 5.28 -16.85
CA PRO B 221 -18.25 5.49 -15.71
C PRO B 221 -17.40 4.27 -15.40
N VAL B 222 -16.24 4.52 -14.80
CA VAL B 222 -15.31 3.47 -14.40
C VAL B 222 -14.46 4.03 -13.25
N GLY B 223 -14.19 3.18 -12.26
CA GLY B 223 -13.45 3.58 -11.07
C GLY B 223 -12.04 3.01 -11.11
N GLN B 224 -11.08 3.79 -10.63
CA GLN B 224 -9.68 3.39 -10.76
C GLN B 224 -8.83 3.64 -9.52
N GLU B 225 -9.40 4.20 -8.44
CA GLU B 225 -8.74 4.40 -7.14
C GLU B 225 -7.48 5.26 -7.25
N VAL B 226 -7.70 6.53 -7.55
CA VAL B 226 -6.62 7.52 -7.59
C VAL B 226 -6.05 7.76 -6.20
N GLU B 227 -4.91 8.41 -6.13
CA GLU B 227 -4.12 8.45 -4.91
C GLU B 227 -4.46 9.66 -4.06
N GLY B 228 -4.58 9.42 -2.76
CA GLY B 228 -4.99 10.42 -1.79
C GLY B 228 -5.59 9.72 -0.59
N MET B 229 -5.33 10.21 0.62
CA MET B 229 -5.66 9.46 1.82
C MET B 229 -7.16 9.47 2.10
N ASN B 230 -7.72 8.29 2.32
CA ASN B 230 -9.14 8.11 2.58
C ASN B 230 -9.37 8.32 4.07
N ILE B 231 -9.49 9.59 4.45
CA ILE B 231 -9.69 9.91 5.86
C ILE B 231 -11.10 9.56 6.29
N LEU B 232 -12.09 9.83 5.44
CA LEU B 232 -13.48 9.53 5.76
C LEU B 232 -13.73 8.04 5.85
N GLY B 233 -13.03 7.24 5.03
CA GLY B 233 -13.23 5.81 5.07
C GLY B 233 -12.69 5.15 6.32
N LEU B 234 -11.67 5.73 6.93
CA LEU B 234 -11.11 5.16 8.14
C LEU B 234 -11.82 5.63 9.40
N VAL B 235 -12.49 6.78 9.35
CA VAL B 235 -13.26 7.24 10.50
C VAL B 235 -14.45 6.33 10.73
N VAL B 236 -15.17 6.00 9.66
CA VAL B 236 -16.37 5.18 9.79
C VAL B 236 -16.02 3.74 10.12
N PHE B 237 -14.79 3.29 9.86
CA PHE B 237 -14.42 1.96 10.33
C PHE B 237 -14.10 1.98 11.82
N ALA B 238 -13.30 2.94 12.28
CA ALA B 238 -12.80 2.90 13.64
C ALA B 238 -13.90 3.16 14.65
N ILE B 239 -14.93 3.90 14.29
CA ILE B 239 -16.07 4.08 15.18
C ILE B 239 -16.87 2.78 15.27
N VAL B 240 -17.10 2.13 14.13
CA VAL B 240 -17.79 0.84 14.12
C VAL B 240 -16.97 -0.22 14.83
N PHE B 241 -15.65 -0.18 14.64
CA PHE B 241 -14.79 -1.12 15.35
C PHE B 241 -14.69 -0.78 16.82
N GLY B 242 -14.83 0.50 17.18
CA GLY B 242 -14.74 0.88 18.57
C GLY B 242 -15.95 0.47 19.39
N VAL B 243 -17.12 0.42 18.76
CA VAL B 243 -18.32 -0.05 19.45
C VAL B 243 -18.21 -1.54 19.73
N ALA B 244 -17.55 -2.28 18.83
CA ALA B 244 -17.46 -3.73 18.96
C ALA B 244 -16.62 -4.15 20.16
N LEU B 245 -15.66 -3.34 20.57
CA LEU B 245 -14.94 -3.65 21.80
C LEU B 245 -15.80 -3.36 23.01
N ARG B 246 -16.61 -2.30 22.95
CA ARG B 246 -17.54 -1.99 24.03
C ARG B 246 -18.63 -3.05 24.14
N LYS B 247 -19.04 -3.63 23.01
CA LYS B 247 -20.04 -4.68 23.04
C LYS B 247 -19.47 -5.95 23.65
N LEU B 248 -18.18 -6.20 23.47
CA LEU B 248 -17.52 -7.23 24.25
C LEU B 248 -17.37 -6.78 25.69
N GLY B 249 -17.28 -7.75 26.59
CA GLY B 249 -17.12 -7.48 27.99
C GLY B 249 -15.67 -7.26 28.34
N PRO B 250 -15.19 -7.96 29.37
CA PRO B 250 -13.78 -7.87 29.74
C PRO B 250 -12.84 -8.65 28.84
N GLU B 251 -13.36 -9.26 27.78
CA GLU B 251 -12.50 -9.98 26.84
C GLU B 251 -11.64 -9.02 26.04
N GLY B 252 -12.19 -7.88 25.64
CA GLY B 252 -11.45 -6.91 24.89
C GLY B 252 -10.79 -5.86 25.76
N GLU B 253 -10.59 -6.18 27.04
CA GLU B 253 -9.98 -5.22 27.95
C GLU B 253 -8.50 -5.03 27.65
N LEU B 254 -7.86 -6.04 27.09
CA LEU B 254 -6.47 -5.91 26.68
C LEU B 254 -6.32 -4.93 25.52
N LEU B 255 -7.19 -5.04 24.52
CA LEU B 255 -6.95 -4.34 23.27
C LEU B 255 -7.36 -2.88 23.38
N ILE B 256 -8.33 -2.56 24.23
CA ILE B 256 -8.68 -1.16 24.43
C ILE B 256 -7.56 -0.42 25.16
N ARG B 257 -6.81 -1.12 26.00
CA ARG B 257 -5.65 -0.52 26.65
C ARG B 257 -4.48 -0.39 25.68
N PHE B 258 -4.45 -1.21 24.65
CA PHE B 258 -3.41 -1.13 23.63
C PHE B 258 -3.56 0.16 22.83
N PHE B 259 -4.72 0.36 22.22
CA PHE B 259 -4.95 1.56 21.42
C PHE B 259 -5.04 2.83 22.27
N ASN B 260 -5.31 2.70 23.57
CA ASN B 260 -5.22 3.87 24.43
C ASN B 260 -3.76 4.29 24.59
N SER B 261 -2.86 3.31 24.71
CA SER B 261 -1.45 3.63 24.88
C SER B 261 -0.83 4.10 23.58
N PHE B 262 -1.23 3.47 22.46
CA PHE B 262 -0.66 3.81 21.16
C PHE B 262 -1.07 5.22 20.74
N ASN B 263 -2.22 5.67 21.20
CA ASN B 263 -2.62 7.06 21.00
C ASN B 263 -1.73 7.99 21.81
N GLU B 264 -1.36 7.58 23.02
CA GLU B 264 -0.74 8.49 23.97
C GLU B 264 0.68 8.84 23.56
N ALA B 265 1.42 7.86 23.03
CA ALA B 265 2.78 8.13 22.60
C ALA B 265 2.82 9.01 21.37
N THR B 266 1.78 8.97 20.55
CA THR B 266 1.71 9.83 19.37
C THR B 266 1.52 11.28 19.78
N MET B 267 0.75 11.52 20.84
CA MET B 267 0.58 12.88 21.34
C MET B 267 1.85 13.42 21.96
N VAL B 268 2.72 12.53 22.46
CA VAL B 268 4.05 12.95 22.87
C VAL B 268 4.88 13.30 21.63
N LEU B 269 4.69 12.54 20.55
CA LEU B 269 5.46 12.77 19.35
C LEU B 269 5.05 14.05 18.65
N VAL B 270 3.78 14.44 18.75
CA VAL B 270 3.34 15.68 18.11
C VAL B 270 3.72 16.90 18.93
N SER B 271 4.11 16.71 20.20
CA SER B 271 4.62 17.82 20.99
C SER B 271 5.91 18.37 20.43
N TRP B 272 6.72 17.50 19.82
CA TRP B 272 7.96 17.95 19.22
C TRP B 272 7.73 18.58 17.85
N ILE B 273 6.61 18.27 17.22
CA ILE B 273 6.34 18.80 15.88
C ILE B 273 5.94 20.26 15.98
N MET B 274 5.31 20.64 17.10
CA MET B 274 4.80 21.99 17.28
C MET B 274 5.91 23.04 17.29
N TRP B 275 7.09 22.67 17.77
CA TRP B 275 8.19 23.63 17.83
C TRP B 275 8.78 23.91 16.46
N TYR B 276 8.70 22.96 15.54
CA TYR B 276 9.17 23.21 14.19
C TYR B 276 8.19 24.06 13.40
N ALA B 277 6.92 24.10 13.82
CA ALA B 277 5.89 24.82 13.08
C ALA B 277 6.11 26.32 12.90
N PRO B 278 6.69 27.09 13.84
CA PRO B 278 7.05 28.48 13.47
C PRO B 278 8.13 28.58 12.42
N VAL B 279 8.98 27.58 12.26
CA VAL B 279 9.97 27.64 11.19
C VAL B 279 9.32 27.36 9.85
N GLY B 280 8.37 26.42 9.82
CA GLY B 280 7.80 25.99 8.55
C GLY B 280 6.88 27.02 7.92
N ILE B 281 5.98 27.60 8.73
CA ILE B 281 4.98 28.56 8.23
C ILE B 281 5.65 29.80 7.69
N MET B 282 6.84 30.14 8.22
CA MET B 282 7.65 31.22 7.66
C MET B 282 8.06 30.92 6.21
N PHE B 283 8.19 29.65 5.84
CA PHE B 283 8.54 29.32 4.47
C PHE B 283 7.35 28.90 3.61
N LEU B 284 6.21 28.54 4.21
CA LEU B 284 5.02 28.31 3.39
C LEU B 284 4.54 29.60 2.77
N VAL B 285 4.41 30.65 3.58
CA VAL B 285 3.88 31.92 3.09
C VAL B 285 4.87 32.58 2.15
N ALA B 286 6.14 32.67 2.56
CA ALA B 286 7.17 33.28 1.74
C ALA B 286 7.46 32.48 0.49
N GLY B 287 7.20 31.18 0.49
CA GLY B 287 7.32 30.41 -0.73
C GLY B 287 6.23 30.74 -1.72
N LYS B 288 5.00 30.92 -1.24
CA LYS B 288 3.86 31.07 -2.13
C LYS B 288 3.81 32.46 -2.76
N ILE B 289 4.35 33.48 -2.07
CA ILE B 289 4.38 34.84 -2.62
C ILE B 289 5.29 34.91 -3.84
N VAL B 290 6.41 34.19 -3.80
CA VAL B 290 7.37 34.24 -4.90
C VAL B 290 6.82 33.52 -6.14
N GLU B 291 5.96 32.52 -5.93
CA GLU B 291 5.48 31.70 -7.04
C GLU B 291 4.53 32.47 -7.94
N MET B 292 3.44 32.98 -7.38
CA MET B 292 2.43 33.67 -8.18
C MET B 292 2.76 35.15 -8.29
N GLU B 293 2.41 35.74 -9.43
CA GLU B 293 2.60 37.17 -9.63
C GLU B 293 1.53 37.92 -8.85
N ASP B 294 1.90 38.39 -7.66
CA ASP B 294 0.94 38.91 -6.69
C ASP B 294 0.71 40.40 -6.82
N VAL B 295 1.09 40.99 -7.95
CA VAL B 295 1.00 42.43 -8.16
C VAL B 295 0.11 42.67 -9.36
N GLY B 296 -0.90 43.51 -9.19
CA GLY B 296 -1.80 43.91 -10.27
C GLY B 296 -3.00 43.02 -10.45
N LEU B 297 -2.84 41.74 -10.14
CA LEU B 297 -3.95 40.79 -10.21
C LEU B 297 -4.52 40.48 -8.83
N LEU B 298 -3.76 40.76 -7.76
CA LEU B 298 -4.21 40.57 -6.38
C LEU B 298 -5.40 41.47 -6.11
N PHE B 299 -5.18 42.78 -6.14
CA PHE B 299 -6.28 43.72 -6.19
C PHE B 299 -6.38 44.28 -7.60
N ALA B 300 -7.29 45.25 -7.78
CA ALA B 300 -7.44 46.08 -8.97
C ALA B 300 -7.83 45.31 -10.24
N ARG B 301 -8.05 44.00 -10.12
CA ARG B 301 -8.59 43.21 -11.21
C ARG B 301 -9.87 42.50 -10.80
N LEU B 302 -9.85 41.81 -9.66
CA LEU B 302 -11.05 41.22 -9.11
C LEU B 302 -11.11 41.39 -7.60
N GLY B 303 -10.47 42.43 -7.06
CA GLY B 303 -10.31 42.59 -5.62
C GLY B 303 -11.58 42.84 -4.86
N LYS B 304 -12.66 43.19 -5.55
CA LYS B 304 -13.97 43.27 -4.90
C LYS B 304 -14.44 41.90 -4.45
N TYR B 305 -14.11 40.87 -5.23
CA TYR B 305 -14.48 39.51 -4.87
C TYR B 305 -13.69 39.01 -3.66
N ILE B 306 -12.38 39.28 -3.63
CA ILE B 306 -11.57 38.82 -2.51
C ILE B 306 -11.94 39.56 -1.24
N LEU B 307 -12.30 40.84 -1.37
CA LEU B 307 -12.82 41.59 -0.24
C LEU B 307 -14.18 41.05 0.20
N CYS B 308 -14.93 40.44 -0.71
CA CYS B 308 -16.21 39.87 -0.33
C CYS B 308 -16.06 38.55 0.40
N CYS B 309 -15.19 37.66 -0.10
CA CYS B 309 -15.15 36.32 0.44
C CYS B 309 -14.31 36.24 1.72
N LEU B 310 -13.31 37.11 1.87
CA LEU B 310 -12.61 37.19 3.14
C LEU B 310 -13.50 37.76 4.23
N LEU B 311 -14.40 38.68 3.85
CA LEU B 311 -15.33 39.23 4.81
C LEU B 311 -16.34 38.20 5.26
N GLY B 312 -16.72 37.28 4.38
CA GLY B 312 -17.57 36.18 4.78
C GLY B 312 -16.90 35.25 5.77
N HIS B 313 -15.59 35.03 5.57
CA HIS B 313 -14.82 34.33 6.59
C HIS B 313 -14.60 35.20 7.82
N ALA B 314 -14.69 36.53 7.67
CA ALA B 314 -14.50 37.39 8.82
C ALA B 314 -15.75 37.46 9.69
N ILE B 315 -16.93 37.51 9.07
CA ILE B 315 -18.16 37.60 9.84
C ILE B 315 -18.46 36.27 10.52
N HIS B 316 -18.53 35.20 9.74
CA HIS B 316 -18.79 33.89 10.30
C HIS B 316 -17.55 33.39 11.02
N GLY B 317 -17.76 32.72 12.15
CA GLY B 317 -16.66 32.13 12.88
C GLY B 317 -15.97 33.05 13.87
N LEU B 318 -15.93 34.35 13.56
CA LEU B 318 -15.39 35.34 14.47
C LEU B 318 -16.48 36.15 15.16
N LEU B 319 -17.68 36.18 14.60
CA LEU B 319 -18.76 36.96 15.19
C LEU B 319 -20.02 36.09 15.29
N VAL B 320 -20.14 35.09 14.43
CA VAL B 320 -21.35 34.28 14.38
C VAL B 320 -21.21 33.06 15.27
N LEU B 321 -20.19 32.25 15.02
CA LEU B 321 -19.91 31.10 15.88
C LEU B 321 -19.57 31.45 17.34
N PRO B 322 -18.89 32.56 17.69
CA PRO B 322 -18.83 32.90 19.11
C PRO B 322 -20.17 33.28 19.69
N LEU B 323 -21.08 33.85 18.88
CA LEU B 323 -22.40 34.19 19.37
C LEU B 323 -23.21 32.92 19.67
N ILE B 324 -23.00 31.86 18.90
CA ILE B 324 -23.66 30.59 19.20
C ILE B 324 -23.05 29.96 20.44
N TYR B 325 -21.73 30.07 20.59
CA TYR B 325 -21.06 29.51 21.75
C TYR B 325 -21.39 30.30 23.01
N PHE B 326 -21.62 31.60 22.90
CA PHE B 326 -22.02 32.39 24.05
C PHE B 326 -23.45 32.11 24.45
N LEU B 327 -24.31 31.76 23.48
CA LEU B 327 -25.71 31.53 23.79
C LEU B 327 -25.93 30.21 24.52
N PHE B 328 -25.02 29.24 24.35
CA PHE B 328 -25.18 27.96 25.01
C PHE B 328 -24.32 27.80 26.26
N THR B 329 -23.27 28.61 26.42
CA THR B 329 -22.38 28.45 27.56
C THR B 329 -22.38 29.61 28.52
N ARG B 330 -22.78 30.81 28.07
CA ARG B 330 -22.71 32.06 28.82
C ARG B 330 -21.30 32.35 29.35
N LYS B 331 -20.29 31.94 28.59
CA LYS B 331 -18.90 32.10 28.97
C LYS B 331 -18.18 32.84 27.85
N ASN B 332 -17.04 33.42 28.20
CA ASN B 332 -16.29 34.25 27.27
C ASN B 332 -15.66 33.41 26.18
N PRO B 333 -16.06 33.56 24.92
CA PRO B 333 -15.54 32.68 23.87
C PRO B 333 -14.13 33.05 23.46
N TYR B 334 -13.76 34.30 23.66
CA TYR B 334 -12.44 34.77 23.25
C TYR B 334 -11.35 34.32 24.20
N ARG B 335 -11.69 33.98 25.44
CA ARG B 335 -10.77 33.22 26.26
C ARG B 335 -10.52 31.85 25.66
N PHE B 336 -11.59 31.21 25.18
CA PHE B 336 -11.45 29.90 24.54
C PHE B 336 -10.79 30.01 23.18
N LEU B 337 -11.07 31.10 22.45
CA LEU B 337 -10.55 31.21 21.09
C LEU B 337 -9.07 31.55 21.09
N TRP B 338 -8.59 32.24 22.12
CA TRP B 338 -7.18 32.62 22.14
C TRP B 338 -6.29 31.42 22.45
N GLY B 339 -6.81 30.44 23.17
CA GLY B 339 -6.01 29.29 23.54
C GLY B 339 -5.69 28.33 22.41
N ILE B 340 -6.34 28.50 21.26
CA ILE B 340 -6.14 27.60 20.12
C ILE B 340 -5.63 28.40 18.93
N VAL B 341 -4.92 29.49 19.19
CA VAL B 341 -4.48 30.37 18.12
C VAL B 341 -3.34 29.74 17.32
N THR B 342 -2.64 28.77 17.88
CA THR B 342 -1.51 28.15 17.17
C THR B 342 -1.95 27.24 16.03
N PRO B 343 -2.97 26.35 16.15
CA PRO B 343 -3.40 25.63 14.94
C PRO B 343 -4.14 26.50 13.94
N LEU B 344 -4.76 27.60 14.36
CA LEU B 344 -5.39 28.49 13.39
C LEU B 344 -4.36 29.17 12.50
N ALA B 345 -3.22 29.55 13.06
CA ALA B 345 -2.14 30.06 12.23
C ALA B 345 -1.47 28.95 11.46
N THR B 346 -1.55 27.71 11.94
CA THR B 346 -1.00 26.59 11.20
C THR B 346 -1.86 26.28 9.97
N ALA B 347 -3.17 26.45 10.11
CA ALA B 347 -4.07 26.27 8.97
C ALA B 347 -3.84 27.33 7.92
N PHE B 348 -3.48 28.55 8.33
CA PHE B 348 -3.13 29.58 7.35
C PHE B 348 -1.77 29.32 6.74
N GLY B 349 -0.95 28.48 7.35
CA GLY B 349 0.30 28.11 6.72
C GLY B 349 0.11 26.97 5.74
N THR B 350 -0.44 25.86 6.24
CA THR B 350 -0.49 24.63 5.46
C THR B 350 -1.52 24.69 4.34
N SER B 351 -2.57 25.49 4.54
CA SER B 351 -3.74 25.57 3.65
C SER B 351 -4.37 24.19 3.45
N SER B 352 -4.44 23.42 4.52
CA SER B 352 -5.03 22.09 4.49
C SER B 352 -5.78 21.85 5.79
N SER B 353 -7.03 21.38 5.67
CA SER B 353 -7.86 21.21 6.85
C SER B 353 -7.40 20.02 7.68
N SER B 354 -7.11 18.90 7.04
CA SER B 354 -6.73 17.69 7.75
C SER B 354 -5.29 17.70 8.24
N ALA B 355 -4.46 18.61 7.74
CA ALA B 355 -3.08 18.72 8.17
C ALA B 355 -2.90 19.69 9.32
N THR B 356 -3.95 19.91 10.12
CA THR B 356 -3.85 20.60 11.40
C THR B 356 -4.58 19.87 12.50
N LEU B 357 -5.16 18.72 12.19
CA LEU B 357 -5.87 17.93 13.20
C LEU B 357 -5.03 17.49 14.40
N PRO B 358 -3.78 17.03 14.29
CA PRO B 358 -3.04 16.74 15.53
C PRO B 358 -2.65 17.98 16.30
N LEU B 359 -2.45 19.12 15.63
CA LEU B 359 -2.20 20.35 16.36
C LEU B 359 -3.41 20.82 17.14
N MET B 360 -4.61 20.59 16.59
CA MET B 360 -5.82 21.05 17.26
C MET B 360 -6.15 20.16 18.45
N MET B 361 -5.93 18.85 18.32
CA MET B 361 -6.30 17.92 19.37
C MET B 361 -5.45 18.10 20.63
N LYS B 362 -4.23 18.61 20.48
CA LYS B 362 -3.42 18.88 21.65
C LYS B 362 -3.83 20.19 22.30
N CYS B 363 -4.01 21.25 21.49
CA CYS B 363 -4.20 22.58 22.04
C CYS B 363 -5.55 22.76 22.70
N VAL B 364 -6.58 22.06 22.21
CA VAL B 364 -7.86 22.08 22.89
C VAL B 364 -7.77 21.33 24.21
N GLU B 365 -7.01 20.25 24.23
CA GLU B 365 -6.94 19.40 25.42
C GLU B 365 -6.14 20.05 26.53
N GLU B 366 -5.10 20.81 26.21
CA GLU B 366 -4.21 21.38 27.22
C GLU B 366 -4.56 22.81 27.58
N ASN B 367 -4.67 23.70 26.59
CA ASN B 367 -4.87 25.11 26.88
C ASN B 367 -6.30 25.41 27.34
N ASN B 368 -7.24 24.50 27.11
CA ASN B 368 -8.62 24.70 27.53
C ASN B 368 -9.10 23.46 28.25
N GLY B 369 -10.12 23.64 29.08
CA GLY B 369 -10.58 22.55 29.90
C GLY B 369 -11.60 21.67 29.20
N VAL B 370 -11.13 20.57 28.63
CA VAL B 370 -12.00 19.55 28.04
C VAL B 370 -11.52 18.19 28.51
N ALA B 371 -12.44 17.23 28.51
CA ALA B 371 -12.05 15.86 28.80
C ALA B 371 -11.33 15.25 27.61
N LYS B 372 -10.57 14.20 27.87
CA LYS B 372 -9.74 13.60 26.83
C LYS B 372 -10.60 12.84 25.83
N HIS B 373 -11.50 11.98 26.34
CA HIS B 373 -12.28 11.13 25.45
C HIS B 373 -13.31 11.91 24.65
N ILE B 374 -13.81 13.00 25.20
CA ILE B 374 -14.84 13.76 24.50
C ILE B 374 -14.22 14.74 23.51
N SER B 375 -12.93 15.04 23.63
CA SER B 375 -12.26 15.92 22.69
C SER B 375 -11.52 15.17 21.60
N ARG B 376 -10.97 14.00 21.92
CA ARG B 376 -10.30 13.16 20.95
C ARG B 376 -11.27 12.26 20.19
N PHE B 377 -12.54 12.58 20.21
CA PHE B 377 -13.57 11.92 19.41
C PHE B 377 -14.25 12.88 18.45
N ILE B 378 -14.65 14.06 18.92
CA ILE B 378 -15.42 14.97 18.07
C ILE B 378 -14.52 15.67 17.06
N LEU B 379 -13.25 15.85 17.36
CA LEU B 379 -12.36 16.54 16.43
C LEU B 379 -11.96 15.75 15.19
N PRO B 380 -11.72 14.43 15.22
CA PRO B 380 -11.50 13.75 13.93
C PRO B 380 -12.76 13.66 13.09
N ILE B 381 -13.91 13.33 13.68
CA ILE B 381 -15.13 13.23 12.90
C ILE B 381 -15.59 14.62 12.47
N GLY B 382 -15.21 15.65 13.22
CA GLY B 382 -15.56 17.01 12.84
C GLY B 382 -14.45 17.68 12.07
N ALA B 383 -13.56 16.89 11.49
CA ALA B 383 -12.55 17.45 10.61
C ALA B 383 -12.88 17.26 9.15
N THR B 384 -13.68 16.26 8.82
CA THR B 384 -13.99 15.91 7.43
C THR B 384 -15.49 15.85 7.18
N VAL B 385 -16.29 16.62 7.92
CA VAL B 385 -17.71 16.61 7.63
C VAL B 385 -18.25 18.04 7.60
N ASN B 386 -17.47 18.99 8.09
CA ASN B 386 -17.97 20.35 8.30
C ASN B 386 -17.18 21.38 7.51
N MET B 387 -16.86 21.10 6.26
CA MET B 387 -16.06 22.03 5.46
C MET B 387 -16.92 23.21 5.03
N ASP B 388 -17.21 24.08 5.99
CA ASP B 388 -18.11 25.19 5.80
C ASP B 388 -17.42 26.43 5.27
N GLY B 389 -16.14 26.61 5.61
CA GLY B 389 -15.35 27.64 4.96
C GLY B 389 -15.19 27.40 3.49
N ALA B 390 -15.13 26.12 3.09
CA ALA B 390 -15.28 25.80 1.67
C ALA B 390 -16.66 26.16 1.18
N ALA B 391 -17.69 25.80 1.95
CA ALA B 391 -19.06 26.07 1.55
C ALA B 391 -19.36 27.56 1.54
N LEU B 392 -18.66 28.34 2.37
CA LEU B 392 -18.75 29.79 2.25
C LEU B 392 -18.07 30.27 0.98
N PHE B 393 -16.91 29.67 0.66
CA PHE B 393 -16.22 30.01 -0.58
C PHE B 393 -16.99 29.55 -1.80
N GLN B 394 -17.45 28.30 -1.78
CA GLN B 394 -18.02 27.67 -2.96
C GLN B 394 -19.38 28.25 -3.32
N CYS B 395 -20.07 28.86 -2.35
CA CYS B 395 -21.37 29.44 -2.64
C CYS B 395 -21.24 30.84 -3.23
N VAL B 396 -20.27 31.61 -2.76
CA VAL B 396 -20.10 32.99 -3.22
C VAL B 396 -19.60 33.02 -4.66
N ALA B 397 -18.63 32.15 -4.99
CA ALA B 397 -18.04 32.13 -6.32
C ALA B 397 -19.05 31.73 -7.39
N ALA B 398 -20.02 30.90 -7.03
CA ALA B 398 -21.08 30.58 -7.96
C ALA B 398 -22.03 31.75 -8.14
N VAL B 399 -22.24 32.54 -7.09
CA VAL B 399 -23.00 33.78 -7.25
C VAL B 399 -22.17 34.80 -8.04
N PHE B 400 -20.85 34.80 -7.81
CA PHE B 400 -19.95 35.78 -8.41
C PHE B 400 -19.96 35.72 -9.93
N ILE B 401 -19.85 34.52 -10.50
CA ILE B 401 -19.92 34.42 -11.96
C ILE B 401 -21.34 34.53 -12.47
N ALA B 402 -22.33 34.46 -11.61
CA ALA B 402 -23.70 34.70 -12.01
C ALA B 402 -24.12 36.15 -11.82
N GLN B 403 -23.45 36.89 -10.92
CA GLN B 403 -23.63 38.33 -10.87
C GLN B 403 -23.17 38.98 -12.17
N LEU B 404 -22.05 38.50 -12.70
CA LEU B 404 -21.72 38.90 -14.06
C LEU B 404 -22.44 37.97 -15.02
N SER B 405 -22.39 38.33 -16.30
CA SER B 405 -22.99 37.61 -17.42
C SER B 405 -24.51 37.43 -17.27
N GLN B 406 -25.14 38.30 -16.48
CA GLN B 406 -26.57 38.61 -16.53
C GLN B 406 -27.46 37.39 -16.31
N GLN B 407 -27.40 36.84 -15.10
CA GLN B 407 -28.18 35.66 -14.80
C GLN B 407 -29.24 35.98 -13.74
N SER B 408 -30.25 35.12 -13.69
CA SER B 408 -31.52 35.48 -13.03
C SER B 408 -31.90 34.51 -11.91
N LEU B 409 -30.97 34.20 -11.01
CA LEU B 409 -31.27 33.35 -9.87
C LEU B 409 -32.14 34.11 -8.85
N ASP B 410 -33.45 33.99 -9.01
CA ASP B 410 -34.35 34.76 -8.16
C ASP B 410 -34.60 34.07 -6.82
N PHE B 411 -35.31 32.95 -6.83
CA PHE B 411 -35.51 32.21 -5.58
C PHE B 411 -35.37 30.71 -5.70
N VAL B 412 -35.68 30.10 -6.84
CA VAL B 412 -35.64 28.64 -6.94
C VAL B 412 -34.21 28.16 -7.02
N LYS B 413 -33.38 28.90 -7.75
CA LYS B 413 -31.97 28.55 -7.88
C LYS B 413 -31.20 28.81 -6.59
N ILE B 414 -31.73 29.65 -5.69
CA ILE B 414 -31.01 30.01 -4.48
C ILE B 414 -30.99 28.84 -3.51
N ILE B 415 -32.10 28.14 -3.37
CA ILE B 415 -32.10 27.02 -2.43
C ILE B 415 -31.37 25.82 -3.01
N THR B 416 -31.34 25.68 -4.33
CA THR B 416 -30.59 24.58 -4.94
C THR B 416 -29.10 24.83 -4.84
N ILE B 417 -28.68 26.09 -5.00
CA ILE B 417 -27.27 26.43 -4.86
C ILE B 417 -26.84 26.44 -3.41
N LEU B 418 -27.80 26.45 -2.48
CA LEU B 418 -27.51 26.40 -1.07
C LEU B 418 -27.41 24.95 -0.58
N VAL B 419 -28.37 24.11 -0.96
CA VAL B 419 -28.40 22.76 -0.43
C VAL B 419 -27.36 21.87 -1.13
N THR B 420 -26.91 22.24 -2.32
CA THR B 420 -25.94 21.39 -2.99
C THR B 420 -24.53 21.67 -2.47
N ALA B 421 -24.25 22.93 -2.15
CA ALA B 421 -22.94 23.29 -1.64
C ALA B 421 -22.73 22.75 -0.23
N THR B 422 -23.78 22.72 0.59
CA THR B 422 -23.64 22.16 1.92
C THR B 422 -23.62 20.64 1.92
N ALA B 423 -23.98 20.00 0.82
CA ALA B 423 -23.95 18.55 0.73
C ALA B 423 -22.72 18.03 0.02
N SER B 424 -22.21 18.77 -0.96
CA SER B 424 -21.00 18.36 -1.65
C SER B 424 -19.78 18.52 -0.76
N SER B 425 -19.83 19.41 0.23
CA SER B 425 -18.69 19.66 1.11
C SER B 425 -18.67 18.66 2.26
N VAL B 426 -18.51 17.40 1.91
CA VAL B 426 -18.36 16.35 2.91
C VAL B 426 -17.06 15.60 2.65
N GLY B 427 -16.93 15.00 1.48
CA GLY B 427 -15.76 14.20 1.17
C GLY B 427 -14.73 14.94 0.35
N ALA B 428 -14.54 16.23 0.65
CA ALA B 428 -13.66 17.10 -0.12
C ALA B 428 -12.30 17.25 0.56
N ALA B 429 -11.79 16.19 1.17
CA ALA B 429 -10.62 16.32 2.03
C ALA B 429 -9.30 16.23 1.27
N GLY B 430 -9.07 15.13 0.55
CA GLY B 430 -7.75 14.79 0.07
C GLY B 430 -7.17 15.67 -1.01
N ILE B 431 -7.99 16.05 -1.99
CA ILE B 431 -7.47 16.78 -3.15
C ILE B 431 -7.14 18.21 -2.76
N PRO B 432 -6.05 18.79 -3.29
CA PRO B 432 -5.66 20.15 -2.89
C PRO B 432 -6.61 21.23 -3.36
N ALA B 433 -6.91 21.24 -4.65
CA ALA B 433 -7.80 22.24 -5.24
C ALA B 433 -9.24 21.71 -5.30
N GLY B 434 -9.75 21.35 -4.13
CA GLY B 434 -11.10 20.81 -4.05
C GLY B 434 -12.18 21.83 -4.29
N GLY B 435 -11.90 23.10 -3.95
CA GLY B 435 -12.89 24.14 -4.17
C GLY B 435 -13.13 24.45 -5.63
N VAL B 436 -12.09 24.34 -6.45
CA VAL B 436 -12.26 24.54 -7.88
C VAL B 436 -12.92 23.34 -8.51
N LEU B 437 -12.56 22.14 -8.07
CA LEU B 437 -13.05 20.93 -8.70
C LEU B 437 -14.52 20.69 -8.38
N THR B 438 -14.92 20.91 -7.13
CA THR B 438 -16.31 20.71 -6.76
C THR B 438 -17.19 21.90 -7.06
N LEU B 439 -16.65 22.97 -7.64
CA LEU B 439 -17.52 24.08 -8.02
C LEU B 439 -18.23 23.80 -9.33
N ALA B 440 -17.63 22.98 -10.19
CA ALA B 440 -18.25 22.66 -11.47
C ALA B 440 -19.51 21.82 -11.30
N ILE B 441 -19.56 20.98 -10.26
CA ILE B 441 -20.78 20.21 -10.04
C ILE B 441 -21.87 21.04 -9.40
N ILE B 442 -21.52 22.16 -8.76
CA ILE B 442 -22.53 23.12 -8.33
C ILE B 442 -23.14 23.79 -9.54
N LEU B 443 -22.30 24.24 -10.46
CA LEU B 443 -22.75 25.06 -11.58
C LEU B 443 -23.50 24.23 -12.61
N GLU B 444 -23.25 22.93 -12.66
CA GLU B 444 -24.00 22.11 -13.60
C GLU B 444 -25.42 21.87 -13.10
N ALA B 445 -25.59 21.72 -11.80
CA ALA B 445 -26.90 21.45 -11.22
C ALA B 445 -27.77 22.70 -11.11
N VAL B 446 -27.25 23.87 -11.46
CA VAL B 446 -28.02 25.09 -11.39
C VAL B 446 -27.83 25.80 -12.73
N ASN B 447 -27.26 25.04 -13.68
CA ASN B 447 -27.02 25.33 -15.10
C ASN B 447 -26.68 26.79 -15.41
N LEU B 448 -25.63 27.25 -14.75
CA LEU B 448 -24.95 28.52 -14.95
C LEU B 448 -23.77 28.32 -15.89
N PRO B 449 -23.28 29.37 -16.54
CA PRO B 449 -22.12 29.19 -17.44
C PRO B 449 -20.83 28.95 -16.67
N VAL B 450 -20.12 27.91 -17.07
CA VAL B 450 -18.84 27.55 -16.51
C VAL B 450 -17.70 28.04 -17.41
N ASP B 451 -18.00 29.07 -18.23
CA ASP B 451 -17.14 29.48 -19.33
C ASP B 451 -15.80 30.03 -18.84
N HIS B 452 -15.80 30.70 -17.69
CA HIS B 452 -14.56 31.15 -17.06
C HIS B 452 -14.57 30.71 -15.60
N ILE B 453 -14.15 29.47 -15.38
CA ILE B 453 -13.85 29.01 -14.03
C ILE B 453 -12.39 29.28 -13.70
N SER B 454 -11.57 29.60 -14.69
CA SER B 454 -10.17 29.94 -14.48
C SER B 454 -9.99 31.27 -13.78
N LEU B 455 -11.03 32.09 -13.70
CA LEU B 455 -10.91 33.36 -12.99
C LEU B 455 -10.96 33.14 -11.48
N ILE B 456 -11.80 32.20 -11.03
CA ILE B 456 -11.80 31.82 -9.62
C ILE B 456 -10.51 31.10 -9.28
N LEU B 457 -9.97 30.34 -10.21
CA LEU B 457 -8.64 29.78 -10.07
C LEU B 457 -7.61 30.91 -10.15
N ALA B 458 -6.41 30.62 -9.63
CA ALA B 458 -5.23 31.48 -9.56
C ALA B 458 -5.43 32.70 -8.65
N VAL B 459 -6.52 32.76 -7.89
CA VAL B 459 -6.62 33.67 -6.75
C VAL B 459 -7.02 32.81 -5.57
N ASP B 460 -7.08 31.50 -5.79
CA ASP B 460 -7.49 30.55 -4.76
C ASP B 460 -6.33 30.07 -3.90
N TRP B 461 -5.10 30.51 -4.17
CA TRP B 461 -4.03 30.25 -3.21
C TRP B 461 -4.20 31.09 -1.97
N LEU B 462 -4.88 32.24 -2.09
CA LEU B 462 -5.08 33.15 -0.98
C LEU B 462 -6.40 32.90 -0.26
N VAL B 463 -7.49 32.77 -1.01
CA VAL B 463 -8.80 32.72 -0.37
C VAL B 463 -9.08 31.33 0.21
N ASP B 464 -8.63 30.25 -0.44
CA ASP B 464 -8.77 28.93 0.15
C ASP B 464 -7.77 28.72 1.28
N ARG B 465 -6.74 29.54 1.34
CA ARG B 465 -5.90 29.57 2.53
C ARG B 465 -6.65 30.15 3.71
N SER B 466 -7.60 31.03 3.46
CA SER B 466 -8.49 31.50 4.51
C SER B 466 -9.62 30.52 4.79
N CYS B 467 -9.86 29.59 3.87
CA CYS B 467 -10.89 28.58 4.10
C CYS B 467 -10.53 27.66 5.25
N THR B 468 -9.32 27.12 5.24
CA THR B 468 -8.91 26.16 6.26
C THR B 468 -8.77 26.78 7.63
N VAL B 469 -8.61 28.11 7.71
CA VAL B 469 -8.69 28.80 8.99
C VAL B 469 -10.09 28.67 9.58
N LEU B 470 -11.10 29.00 8.78
CA LEU B 470 -12.47 28.91 9.25
C LEU B 470 -12.94 27.46 9.35
N ASN B 471 -12.33 26.57 8.57
CA ASN B 471 -12.78 25.17 8.54
C ASN B 471 -12.43 24.45 9.84
N VAL B 472 -11.22 24.64 10.34
CA VAL B 472 -10.81 24.00 11.58
C VAL B 472 -11.23 24.82 12.80
N GLU B 473 -11.88 25.96 12.59
CA GLU B 473 -12.32 26.80 13.70
C GLU B 473 -13.69 26.40 14.21
N GLY B 474 -14.52 25.80 13.36
CA GLY B 474 -15.89 25.52 13.77
C GLY B 474 -15.99 24.37 14.74
N ASP B 475 -15.31 23.27 14.46
CA ASP B 475 -15.39 22.09 15.31
C ASP B 475 -14.70 22.30 16.65
N ALA B 476 -13.68 23.16 16.69
CA ALA B 476 -13.01 23.45 17.95
C ALA B 476 -13.94 24.20 18.89
N LEU B 477 -14.73 25.13 18.34
CA LEU B 477 -15.80 25.72 19.14
C LEU B 477 -16.89 24.70 19.43
N GLY B 478 -17.14 23.79 18.49
CA GLY B 478 -18.06 22.71 18.75
C GLY B 478 -17.54 21.70 19.75
N ALA B 479 -16.21 21.62 19.91
CA ALA B 479 -15.65 20.73 20.92
C ALA B 479 -15.97 21.24 22.32
N GLY B 480 -15.72 22.53 22.56
CA GLY B 480 -16.06 23.10 23.85
C GLY B 480 -17.55 23.26 24.08
N LEU B 481 -18.34 23.27 23.00
CA LEU B 481 -19.79 23.37 23.15
C LEU B 481 -20.36 22.09 23.75
N LEU B 482 -19.79 20.95 23.40
CA LEU B 482 -20.26 19.70 23.97
C LEU B 482 -19.73 19.49 25.39
N GLN B 483 -18.72 20.26 25.79
CA GLN B 483 -18.19 20.19 27.14
C GLN B 483 -19.14 20.79 28.16
N ASN B 484 -20.09 21.60 27.72
CA ASN B 484 -20.99 22.28 28.64
C ASN B 484 -21.97 21.30 29.28
N TYR B 485 -22.83 20.67 28.48
CA TYR B 485 -23.85 19.80 29.04
C TYR B 485 -23.42 18.34 29.08
N VAL B 486 -22.13 18.06 28.94
CA VAL B 486 -21.64 16.74 29.33
C VAL B 486 -21.46 16.67 30.84
N ASP B 487 -21.49 17.82 31.52
CA ASP B 487 -21.48 17.85 32.97
C ASP B 487 -22.78 17.32 33.56
N ARG B 488 -23.87 17.34 32.80
CA ARG B 488 -25.15 16.89 33.29
C ARG B 488 -25.63 15.67 32.52
N ASP C 43 36.87 -39.43 15.25
CA ASP C 43 37.86 -38.61 15.93
C ASP C 43 37.28 -37.28 16.38
N GLN C 44 38.16 -36.32 16.60
CA GLN C 44 37.75 -34.95 16.93
C GLN C 44 37.53 -34.10 15.70
N VAL C 45 37.83 -34.61 14.50
CA VAL C 45 37.52 -33.87 13.28
C VAL C 45 36.01 -33.89 13.03
N ARG C 46 35.31 -34.93 13.49
CA ARG C 46 33.85 -34.94 13.45
C ARG C 46 33.24 -34.16 14.59
N ARG C 47 34.02 -33.83 15.61
CA ARG C 47 33.52 -32.99 16.69
C ARG C 47 33.31 -31.55 16.23
N CYS C 48 34.33 -30.98 15.56
CA CYS C 48 34.21 -29.65 15.00
C CYS C 48 33.37 -29.63 13.72
N LEU C 49 33.08 -30.79 13.14
CA LEU C 49 32.26 -30.84 11.93
C LEU C 49 30.80 -30.56 12.28
N ARG C 50 30.26 -31.27 13.28
CA ARG C 50 28.86 -31.09 13.63
C ARG C 50 28.62 -29.77 14.33
N ALA C 51 29.58 -29.33 15.16
CA ALA C 51 29.43 -28.11 15.92
C ALA C 51 29.61 -26.85 15.09
N ASN C 52 30.14 -26.97 13.87
CA ASN C 52 30.31 -25.86 12.96
C ASN C 52 29.72 -26.20 11.60
N LEU C 53 28.50 -26.72 11.62
CA LEU C 53 27.87 -27.21 10.40
C LEU C 53 27.49 -26.07 9.46
N LEU C 54 26.97 -24.97 10.01
CA LEU C 54 26.58 -23.84 9.17
C LEU C 54 27.78 -23.18 8.52
N VAL C 55 28.93 -23.19 9.18
CA VAL C 55 30.15 -22.68 8.57
C VAL C 55 30.56 -23.59 7.41
N LEU C 56 30.47 -24.90 7.62
CA LEU C 56 30.90 -25.84 6.59
C LEU C 56 29.92 -25.90 5.43
N LEU C 57 28.61 -25.94 5.74
CA LEU C 57 27.62 -26.15 4.69
C LEU C 57 27.44 -24.92 3.81
N THR C 58 27.75 -23.73 4.32
CA THR C 58 27.56 -22.54 3.51
C THR C 58 28.68 -22.37 2.49
N VAL C 59 29.93 -22.50 2.93
CA VAL C 59 31.04 -22.27 2.01
C VAL C 59 31.22 -23.43 1.03
N VAL C 60 30.68 -24.60 1.31
CA VAL C 60 30.71 -25.67 0.32
C VAL C 60 29.65 -25.43 -0.75
N ALA C 61 28.67 -24.57 -0.46
CA ALA C 61 27.63 -24.29 -1.43
C ALA C 61 28.06 -23.22 -2.43
N VAL C 62 28.81 -22.22 -1.96
CA VAL C 62 29.22 -21.13 -2.85
C VAL C 62 30.28 -21.61 -3.83
N VAL C 63 31.09 -22.60 -3.45
CA VAL C 63 31.98 -23.20 -4.42
C VAL C 63 31.25 -24.21 -5.29
N ALA C 64 30.11 -24.72 -4.82
CA ALA C 64 29.28 -25.57 -5.68
C ALA C 64 28.58 -24.75 -6.75
N GLY C 65 28.28 -23.49 -6.45
CA GLY C 65 27.61 -22.65 -7.42
C GLY C 65 28.52 -22.26 -8.57
N VAL C 66 29.79 -21.99 -8.28
CA VAL C 66 30.75 -21.73 -9.32
C VAL C 66 31.02 -22.99 -10.13
N ALA C 67 31.05 -24.13 -9.45
CA ALA C 67 31.28 -25.41 -10.14
C ALA C 67 30.09 -25.79 -11.00
N LEU C 68 28.87 -25.61 -10.49
CA LEU C 68 27.69 -25.89 -11.30
C LEU C 68 27.52 -24.87 -12.42
N GLY C 69 27.89 -23.62 -12.15
CA GLY C 69 27.71 -22.58 -13.16
C GLY C 69 28.65 -22.75 -14.34
N LEU C 70 29.90 -23.10 -14.08
CA LEU C 70 30.83 -23.36 -15.18
C LEU C 70 30.53 -24.68 -15.87
N GLY C 71 29.87 -25.61 -15.19
CA GLY C 71 29.52 -26.87 -15.83
C GLY C 71 28.40 -26.71 -16.85
N VAL C 72 27.45 -25.83 -16.57
CA VAL C 72 26.35 -25.62 -17.51
C VAL C 72 26.81 -24.78 -18.70
N SER C 73 27.67 -23.80 -18.44
CA SER C 73 28.23 -23.00 -19.53
C SER C 73 29.17 -23.82 -20.41
N GLY C 74 29.81 -24.84 -19.84
CA GLY C 74 30.61 -25.74 -20.65
C GLY C 74 29.78 -26.64 -21.53
N ALA C 75 28.57 -26.98 -21.09
CA ALA C 75 27.64 -27.78 -21.88
C ALA C 75 26.68 -26.88 -22.66
N GLY C 76 27.27 -25.99 -23.47
CA GLY C 76 26.49 -25.07 -24.26
C GLY C 76 26.23 -23.75 -23.56
N GLY C 77 25.50 -23.79 -22.45
CA GLY C 77 25.18 -22.58 -21.73
C GLY C 77 23.70 -22.27 -21.73
N ALA C 78 23.35 -20.98 -21.68
CA ALA C 78 21.95 -20.58 -21.67
C ALA C 78 21.28 -20.87 -23.01
N LEU C 79 22.04 -20.83 -24.11
CA LEU C 79 21.48 -21.15 -25.41
C LEU C 79 21.17 -22.64 -25.52
N ALA C 80 21.90 -23.48 -24.77
CA ALA C 80 21.61 -24.90 -24.78
C ALA C 80 20.31 -25.20 -24.05
N LEU C 81 19.94 -24.38 -23.07
CA LEU C 81 18.70 -24.60 -22.33
C LEU C 81 17.52 -23.85 -22.93
N GLY C 82 17.73 -22.60 -23.34
CA GLY C 82 16.66 -21.78 -23.83
C GLY C 82 15.92 -21.09 -22.69
N PRO C 83 15.27 -19.96 -22.99
CA PRO C 83 14.60 -19.19 -21.93
C PRO C 83 13.37 -19.87 -21.34
N GLU C 84 12.89 -20.96 -21.93
CA GLU C 84 11.80 -21.73 -21.32
C GLU C 84 12.25 -22.36 -20.01
N ARG C 85 13.25 -23.23 -20.07
CA ARG C 85 13.76 -23.92 -18.90
C ARG C 85 14.83 -23.13 -18.15
N LEU C 86 15.07 -21.87 -18.55
CA LEU C 86 16.09 -21.08 -17.88
C LEU C 86 15.61 -20.56 -16.54
N SER C 87 14.42 -19.95 -16.51
CA SER C 87 13.91 -19.35 -15.29
C SER C 87 13.54 -20.39 -14.25
N ALA C 88 13.27 -21.63 -14.66
CA ALA C 88 13.06 -22.69 -13.69
C ALA C 88 14.35 -23.08 -13.00
N PHE C 89 15.49 -22.88 -13.66
CA PHE C 89 16.77 -23.21 -13.04
C PHE C 89 17.20 -22.16 -12.03
N VAL C 90 16.94 -20.88 -12.32
CA VAL C 90 17.37 -19.80 -11.43
C VAL C 90 16.37 -19.54 -10.32
N PHE C 91 15.21 -20.21 -10.35
CA PHE C 91 14.16 -19.91 -9.39
C PHE C 91 14.46 -20.29 -7.93
N PRO C 92 14.93 -21.51 -7.59
CA PRO C 92 15.03 -21.83 -6.14
C PRO C 92 16.09 -21.05 -5.40
N GLY C 93 16.97 -20.35 -6.09
CA GLY C 93 17.79 -19.36 -5.45
C GLY C 93 17.04 -18.05 -5.32
N GLU C 94 16.34 -17.67 -6.39
CA GLU C 94 15.55 -16.44 -6.39
C GLU C 94 14.40 -16.50 -5.40
N LEU C 95 13.96 -17.69 -5.03
CA LEU C 95 12.97 -17.83 -3.97
C LEU C 95 13.54 -17.41 -2.63
N LEU C 96 14.84 -17.63 -2.39
CA LEU C 96 15.44 -17.22 -1.12
C LEU C 96 15.48 -15.71 -0.98
N LEU C 97 15.93 -15.02 -2.04
CA LEU C 97 16.04 -13.56 -2.02
C LEU C 97 14.67 -12.89 -1.93
N ARG C 98 13.60 -13.59 -2.33
CA ARG C 98 12.26 -13.08 -2.12
C ARG C 98 11.77 -13.37 -0.72
N LEU C 99 11.95 -14.61 -0.26
CA LEU C 99 11.49 -15.04 1.05
C LEU C 99 12.19 -14.34 2.19
N LEU C 100 13.38 -13.80 1.96
CA LEU C 100 14.13 -13.18 3.03
C LEU C 100 13.74 -11.72 3.23
N ARG C 101 13.33 -11.05 2.15
CA ARG C 101 13.01 -9.64 2.24
C ARG C 101 11.74 -9.38 3.01
N MET C 102 10.83 -10.35 3.08
CA MET C 102 9.59 -10.15 3.81
C MET C 102 9.78 -10.14 5.31
N ILE C 103 10.96 -10.48 5.80
CA ILE C 103 11.22 -10.47 7.24
C ILE C 103 11.61 -9.08 7.72
N ILE C 104 12.23 -8.25 6.88
CA ILE C 104 12.81 -7.00 7.36
C ILE C 104 11.79 -5.91 7.61
N LEU C 105 10.55 -6.07 7.16
CA LEU C 105 9.57 -5.05 7.52
C LEU C 105 9.11 -5.24 8.97
N PRO C 106 8.73 -6.46 9.46
CA PRO C 106 8.43 -6.56 10.89
C PRO C 106 9.66 -6.74 11.77
N LEU C 107 10.85 -6.49 11.22
CA LEU C 107 12.07 -6.58 11.99
C LEU C 107 12.72 -5.22 12.22
N VAL C 108 12.88 -4.42 11.17
CA VAL C 108 13.56 -3.13 11.31
C VAL C 108 12.71 -2.16 12.11
N VAL C 109 11.43 -2.03 11.77
CA VAL C 109 10.57 -1.11 12.49
C VAL C 109 10.19 -1.62 13.87
N CYS C 110 10.44 -2.90 14.15
CA CYS C 110 10.08 -3.46 15.44
C CYS C 110 11.26 -3.58 16.38
N SER C 111 12.46 -3.85 15.87
CA SER C 111 13.60 -4.01 16.76
C SER C 111 14.11 -2.67 17.28
N LEU C 112 13.97 -1.60 16.50
CA LEU C 112 14.48 -0.30 16.91
C LEU C 112 13.67 0.26 18.07
N ILE C 113 12.36 0.02 18.08
CA ILE C 113 11.54 0.50 19.17
C ILE C 113 11.85 -0.25 20.45
N GLY C 114 11.97 -1.58 20.35
CA GLY C 114 12.39 -2.37 21.50
C GLY C 114 13.82 -2.10 21.90
N GLY C 115 14.66 -1.73 20.96
CA GLY C 115 16.02 -1.36 21.26
C GLY C 115 16.13 0.03 21.85
N ALA C 116 15.71 1.04 21.09
CA ALA C 116 15.89 2.42 21.52
C ALA C 116 14.75 2.91 22.40
N ALA C 117 14.44 2.14 23.43
CA ALA C 117 13.57 2.60 24.50
C ALA C 117 13.98 2.07 25.85
N SER C 118 14.96 1.18 25.92
CA SER C 118 15.44 0.70 27.21
C SER C 118 16.25 1.76 27.93
N LEU C 119 17.21 2.36 27.23
CA LEU C 119 18.16 3.25 27.85
C LEU C 119 17.71 4.71 27.73
N ASP C 120 18.50 5.60 28.32
CA ASP C 120 18.16 7.01 28.44
C ASP C 120 18.34 7.73 27.11
N PRO C 121 17.55 8.79 26.87
CA PRO C 121 17.77 9.57 25.63
C PRO C 121 19.06 10.35 25.63
N GLY C 122 19.57 10.74 26.79
CA GLY C 122 20.88 11.37 26.84
C GLY C 122 21.99 10.38 26.56
N ALA C 123 21.82 9.13 27.00
CA ALA C 123 22.79 8.10 26.68
C ALA C 123 22.68 7.67 25.23
N LEU C 124 21.48 7.77 24.65
CA LEU C 124 21.30 7.40 23.25
C LEU C 124 22.00 8.39 22.32
N GLY C 125 21.82 9.69 22.58
CA GLY C 125 22.54 10.69 21.83
C GLY C 125 24.04 10.62 22.08
N ARG C 126 24.43 10.19 23.27
CA ARG C 126 25.82 9.83 23.52
C ARG C 126 26.20 8.60 22.70
N LEU C 127 25.30 7.63 22.61
CA LEU C 127 25.60 6.43 21.83
C LEU C 127 25.56 6.73 20.33
N GLY C 128 24.62 7.58 19.92
CA GLY C 128 24.48 7.85 18.49
C GLY C 128 25.59 8.73 17.95
N ALA C 129 26.19 9.56 18.81
CA ALA C 129 27.28 10.41 18.36
C ALA C 129 28.53 9.61 18.03
N TRP C 130 28.87 8.65 18.89
CA TRP C 130 29.98 7.75 18.57
C TRP C 130 29.62 6.82 17.43
N ALA C 131 28.34 6.51 17.27
CA ALA C 131 27.92 5.63 16.19
C ALA C 131 28.06 6.31 14.83
N LEU C 132 27.43 7.48 14.68
CA LEU C 132 27.41 8.16 13.39
C LEU C 132 28.78 8.68 13.01
N LEU C 133 29.63 8.96 13.99
CA LEU C 133 31.01 9.33 13.69
C LEU C 133 31.79 8.14 13.16
N PHE C 134 31.44 6.92 13.61
CA PHE C 134 32.23 5.76 13.23
C PHE C 134 32.05 5.39 11.77
N PHE C 135 30.82 5.48 11.26
CA PHE C 135 30.61 5.10 9.87
C PHE C 135 31.16 6.16 8.92
N LEU C 136 31.22 7.41 9.37
CA LEU C 136 31.74 8.47 8.53
C LEU C 136 33.25 8.37 8.37
N VAL C 137 33.96 8.08 9.47
CA VAL C 137 35.41 7.93 9.41
C VAL C 137 35.79 6.68 8.62
N THR C 138 34.98 5.63 8.74
CA THR C 138 35.24 4.40 7.99
C THR C 138 35.05 4.61 6.49
N THR C 139 34.02 5.35 6.10
CA THR C 139 33.72 5.51 4.69
C THR C 139 34.72 6.43 4.02
N LEU C 140 35.17 7.47 4.72
CA LEU C 140 36.23 8.33 4.21
C LEU C 140 37.53 7.57 4.05
N LEU C 141 37.88 6.75 5.04
CA LEU C 141 39.13 6.00 4.98
C LEU C 141 39.07 4.90 3.94
N ALA C 142 37.89 4.33 3.70
CA ALA C 142 37.77 3.32 2.67
C ALA C 142 37.80 3.93 1.28
N SER C 143 37.15 5.07 1.10
CA SER C 143 37.09 5.68 -0.23
C SER C 143 38.42 6.32 -0.61
N ALA C 144 39.13 6.89 0.36
CA ALA C 144 40.45 7.43 0.08
C ALA C 144 41.46 6.33 -0.22
N LEU C 145 41.23 5.13 0.29
CA LEU C 145 42.05 3.98 -0.09
C LEU C 145 41.86 3.65 -1.55
N GLY C 146 40.65 3.85 -2.06
CA GLY C 146 40.40 3.59 -3.46
C GLY C 146 41.05 4.58 -4.40
N VAL C 147 41.33 5.79 -3.92
CA VAL C 147 42.00 6.79 -4.76
C VAL C 147 43.43 6.36 -5.05
N GLY C 148 44.23 6.21 -3.99
CA GLY C 148 45.64 5.90 -4.16
C GLY C 148 45.90 4.52 -4.72
N LEU C 149 44.98 3.59 -4.51
CA LEU C 149 45.13 2.29 -5.14
C LEU C 149 44.85 2.36 -6.63
N ALA C 150 43.93 3.23 -7.05
CA ALA C 150 43.68 3.43 -8.47
C ALA C 150 44.61 4.45 -9.09
N LEU C 151 45.15 5.38 -8.31
CA LEU C 151 46.15 6.29 -8.85
C LEU C 151 47.47 5.56 -9.09
N ALA C 152 48.00 4.89 -8.08
CA ALA C 152 49.28 4.20 -8.25
C ALA C 152 49.08 2.75 -8.68
N LEU C 153 48.20 2.54 -9.65
CA LEU C 153 48.22 1.31 -10.43
C LEU C 153 47.97 1.56 -11.91
N GLN C 154 47.35 2.68 -12.28
CA GLN C 154 46.92 3.06 -13.63
C GLN C 154 46.09 1.97 -14.30
N PRO C 155 44.82 1.78 -13.93
CA PRO C 155 44.00 0.79 -14.61
C PRO C 155 43.65 1.16 -16.04
N GLY C 156 43.87 2.39 -16.46
CA GLY C 156 43.73 2.75 -17.85
C GLY C 156 44.95 2.35 -18.64
N ALA C 157 45.10 1.05 -18.89
CA ALA C 157 46.28 0.49 -19.52
C ALA C 157 46.06 0.30 -21.02
N ALA C 158 47.18 0.25 -21.74
CA ALA C 158 47.17 0.05 -23.19
C ALA C 158 46.78 -1.39 -23.47
N SER C 159 45.48 -1.64 -23.49
CA SER C 159 44.94 -2.97 -23.54
C SER C 159 43.60 -2.90 -24.26
N ALA C 160 42.77 -3.92 -24.07
CA ALA C 160 41.40 -3.84 -24.57
C ALA C 160 40.53 -2.95 -23.71
N ALA C 161 41.02 -2.49 -22.56
CA ALA C 161 40.29 -1.51 -21.76
C ALA C 161 40.18 -0.19 -22.50
N ILE C 162 41.24 0.23 -23.18
CA ILE C 162 41.16 1.46 -23.98
C ILE C 162 40.43 1.20 -25.29
N ASN C 163 40.22 -0.07 -25.67
CA ASN C 163 39.22 -0.39 -26.69
C ASN C 163 37.84 -0.27 -26.07
N ALA C 164 37.37 0.97 -25.99
CA ALA C 164 36.04 1.27 -25.46
C ALA C 164 35.06 1.65 -26.57
N SER C 165 35.45 1.47 -27.83
CA SER C 165 34.54 1.77 -28.94
C SER C 165 33.38 0.80 -28.99
N VAL C 166 33.56 -0.41 -28.47
CA VAL C 166 32.44 -1.33 -28.29
C VAL C 166 31.57 -0.90 -27.12
N GLY C 167 32.12 -0.10 -26.20
CA GLY C 167 31.37 0.27 -25.01
C GLY C 167 30.32 1.34 -25.24
N ALA C 168 30.45 2.14 -26.30
CA ALA C 168 29.49 3.22 -26.52
C ALA C 168 28.17 2.67 -27.04
N ALA C 169 28.20 2.07 -28.24
CA ALA C 169 27.15 1.28 -28.88
C ALA C 169 25.88 2.05 -29.27
N GLY C 170 25.79 3.32 -28.89
CA GLY C 170 24.68 4.19 -29.26
C GLY C 170 23.29 3.73 -28.84
N SER C 171 23.18 2.89 -27.82
CA SER C 171 21.92 2.25 -27.48
C SER C 171 21.20 2.93 -26.32
N ALA C 172 21.86 3.02 -25.16
CA ALA C 172 21.23 3.52 -23.93
C ALA C 172 22.04 4.66 -23.36
N GLU C 173 22.39 5.62 -24.22
CA GLU C 173 23.20 6.76 -23.79
C GLU C 173 22.38 7.73 -22.94
N ASN C 174 21.18 8.08 -23.41
CA ASN C 174 20.37 9.12 -22.77
C ASN C 174 19.74 8.56 -21.50
N ALA C 175 20.52 8.59 -20.43
CA ALA C 175 20.05 8.23 -19.10
C ALA C 175 19.23 9.37 -18.52
N PRO C 176 18.37 9.09 -17.50
CA PRO C 176 17.74 10.18 -16.76
C PRO C 176 18.76 11.09 -16.08
N SER C 177 19.59 10.52 -15.20
CA SER C 177 20.77 11.16 -14.61
C SER C 177 20.42 12.47 -13.89
N LYS C 178 19.69 12.30 -12.78
CA LYS C 178 19.18 13.44 -12.02
C LYS C 178 20.31 14.32 -11.49
N GLU C 179 19.99 15.59 -11.27
CA GLU C 179 21.01 16.57 -10.95
C GLU C 179 21.48 16.42 -9.51
N VAL C 180 22.68 16.97 -9.24
CA VAL C 180 23.37 16.68 -8.00
C VAL C 180 22.71 17.39 -6.82
N LEU C 181 22.06 18.52 -7.06
CA LEU C 181 21.32 19.18 -5.98
C LEU C 181 20.03 18.42 -5.68
N ASP C 182 19.38 17.89 -6.70
CA ASP C 182 18.09 17.23 -6.52
C ASP C 182 18.24 15.90 -5.82
N SER C 183 19.41 15.25 -5.92
CA SER C 183 19.59 13.96 -5.28
C SER C 183 19.70 14.11 -3.77
N PHE C 184 20.52 15.03 -3.29
CA PHE C 184 20.60 15.27 -1.85
C PHE C 184 19.36 15.98 -1.34
N LEU C 185 18.63 16.67 -2.21
CA LEU C 185 17.31 17.16 -1.83
C LEU C 185 16.33 16.00 -1.70
N ASP C 186 16.51 14.96 -2.51
CA ASP C 186 15.59 13.83 -2.51
C ASP C 186 15.75 13.00 -1.24
N LEU C 187 16.99 12.84 -0.78
CA LEU C 187 17.26 12.01 0.38
C LEU C 187 16.69 12.60 1.66
N ALA C 188 16.77 13.93 1.80
CA ALA C 188 16.17 14.57 2.95
C ALA C 188 14.65 14.50 2.87
N ARG C 189 14.09 14.52 1.67
CA ARG C 189 12.66 14.34 1.53
C ARG C 189 12.28 12.88 1.70
N ASN C 190 13.22 11.96 1.45
CA ASN C 190 12.96 10.54 1.62
C ASN C 190 12.96 10.16 3.09
N ILE C 191 13.81 10.81 3.89
CA ILE C 191 13.63 10.81 5.33
C ILE C 191 12.34 11.55 5.64
N PHE C 192 11.65 11.13 6.72
CA PHE C 192 10.32 11.59 7.13
C PHE C 192 9.31 11.38 6.02
N PRO C 193 8.84 10.15 5.80
CA PRO C 193 7.98 9.87 4.64
C PRO C 193 6.62 10.51 4.76
N SER C 194 5.91 10.53 3.64
CA SER C 194 4.60 11.17 3.59
C SER C 194 3.55 10.34 4.32
N ASN C 195 3.31 9.13 3.85
CA ASN C 195 2.40 8.20 4.52
C ASN C 195 3.20 7.04 5.08
N LEU C 196 2.85 6.63 6.29
CA LEU C 196 3.67 5.62 6.97
C LEU C 196 3.41 4.24 6.41
N VAL C 197 2.21 3.97 5.91
CA VAL C 197 1.95 2.71 5.23
C VAL C 197 2.60 2.70 3.87
N SER C 198 2.60 3.86 3.19
CA SER C 198 3.30 3.99 1.92
C SER C 198 4.80 3.88 2.05
N ALA C 199 5.34 4.06 3.24
CA ALA C 199 6.78 3.94 3.45
C ALA C 199 7.26 2.51 3.51
N ALA C 200 6.38 1.53 3.36
CA ALA C 200 6.81 0.15 3.49
C ALA C 200 7.13 -0.51 2.16
N PHE C 201 6.67 0.03 1.04
CA PHE C 201 6.99 -0.59 -0.24
C PHE C 201 7.36 0.39 -1.35
N ARG C 202 7.09 1.68 -1.22
CA ARG C 202 7.42 2.64 -2.26
C ARG C 202 8.16 3.81 -1.61
N SER C 203 9.32 4.15 -2.18
CA SER C 203 10.12 5.26 -1.69
C SER C 203 9.71 6.52 -2.44
N TYR C 204 10.50 7.58 -2.31
CA TYR C 204 10.29 8.78 -3.09
C TYR C 204 11.48 8.99 -4.00
N SER C 205 11.21 9.42 -5.22
CA SER C 205 12.25 9.77 -6.18
C SER C 205 11.81 11.01 -6.93
N THR C 206 12.58 11.40 -7.93
CA THR C 206 12.25 12.56 -8.72
C THR C 206 12.66 12.33 -10.16
N THR C 207 11.87 12.91 -11.07
CA THR C 207 12.13 12.79 -12.51
C THR C 207 12.18 14.18 -13.12
N TYR C 208 12.19 14.27 -14.44
CA TYR C 208 12.21 15.56 -15.09
C TYR C 208 11.21 15.59 -16.24
N GLU C 209 10.49 16.68 -16.35
CA GLU C 209 9.51 16.90 -17.41
C GLU C 209 9.91 18.13 -18.20
N GLU C 210 9.74 18.05 -19.52
CA GLU C 210 10.14 19.10 -20.45
C GLU C 210 8.98 20.03 -20.81
N ARG C 211 8.01 20.19 -19.90
CA ARG C 211 6.76 20.87 -20.20
C ARG C 211 6.88 22.39 -20.26
N ASN C 212 8.08 22.96 -20.25
CA ASN C 212 8.27 24.40 -20.38
C ASN C 212 8.53 24.71 -21.85
N ILE C 213 7.45 24.95 -22.59
CA ILE C 213 7.54 25.34 -24.00
C ILE C 213 6.99 26.76 -24.04
N THR C 214 7.24 27.51 -22.96
CA THR C 214 6.90 28.92 -22.89
C THR C 214 7.69 29.75 -23.91
N GLY C 215 8.86 29.26 -24.31
CA GLY C 215 9.76 30.00 -25.17
C GLY C 215 11.19 29.65 -24.80
N THR C 216 11.36 29.08 -23.62
CA THR C 216 12.63 28.54 -23.15
C THR C 216 12.43 27.08 -22.78
N ARG C 217 12.99 26.18 -23.58
CA ARG C 217 12.83 24.75 -23.36
C ARG C 217 13.72 24.33 -22.18
N VAL C 218 13.16 24.40 -20.98
CA VAL C 218 13.86 24.00 -19.77
C VAL C 218 13.06 22.90 -19.09
N LYS C 219 13.72 22.21 -18.17
CA LYS C 219 13.16 21.06 -17.49
C LYS C 219 12.65 21.44 -16.11
N VAL C 220 11.70 20.65 -15.60
CA VAL C 220 11.11 20.91 -14.30
C VAL C 220 11.07 19.58 -13.53
N PRO C 221 11.37 19.57 -12.24
CA PRO C 221 11.28 18.32 -11.48
C PRO C 221 9.87 18.02 -11.02
N VAL C 222 9.60 16.72 -10.85
CA VAL C 222 8.30 16.24 -10.37
C VAL C 222 8.54 14.88 -9.71
N GLY C 223 7.85 14.64 -8.60
CA GLY C 223 8.00 13.42 -7.83
C GLY C 223 6.80 12.50 -8.03
N GLN C 224 7.07 11.19 -8.08
CA GLN C 224 6.02 10.24 -8.42
C GLN C 224 6.00 8.98 -7.57
N GLU C 225 6.94 8.82 -6.62
CA GLU C 225 6.98 7.71 -5.67
C GLU C 225 7.07 6.35 -6.35
N VAL C 226 8.23 6.11 -6.97
CA VAL C 226 8.53 4.83 -7.59
C VAL C 226 8.67 3.74 -6.53
N GLU C 227 8.67 2.49 -6.97
CA GLU C 227 8.49 1.36 -6.06
C GLU C 227 9.83 0.83 -5.56
N GLY C 228 9.89 0.55 -4.27
CA GLY C 228 11.10 0.11 -3.59
C GLY C 228 11.00 0.46 -2.13
N MET C 229 11.48 -0.41 -1.24
CA MET C 229 11.19 -0.27 0.17
C MET C 229 11.99 0.87 0.80
N ASN C 230 11.29 1.75 1.51
CA ASN C 230 11.89 2.91 2.16
C ASN C 230 12.43 2.47 3.51
N ILE C 231 13.63 1.89 3.50
CA ILE C 231 14.22 1.40 4.73
C ILE C 231 14.70 2.56 5.59
N LEU C 232 15.28 3.58 4.97
CA LEU C 232 15.77 4.73 5.71
C LEU C 232 14.63 5.54 6.32
N GLY C 233 13.48 5.59 5.66
CA GLY C 233 12.36 6.34 6.18
C GLY C 233 11.73 5.71 7.41
N LEU C 234 11.81 4.39 7.53
CA LEU C 234 11.24 3.71 8.68
C LEU C 234 12.19 3.64 9.86
N VAL C 235 13.50 3.73 9.62
CA VAL C 235 14.46 3.77 10.72
C VAL C 235 14.31 5.05 11.51
N VAL C 236 14.21 6.18 10.81
CA VAL C 236 14.13 7.46 11.50
C VAL C 236 12.78 7.66 12.16
N PHE C 237 11.75 6.91 11.76
CA PHE C 237 10.52 6.98 12.52
C PHE C 237 10.60 6.17 13.80
N ALA C 238 11.10 4.93 13.71
CA ALA C 238 11.04 4.02 14.84
C ALA C 238 11.96 4.46 15.97
N ILE C 239 13.05 5.14 15.65
CA ILE C 239 13.90 5.68 16.70
C ILE C 239 13.22 6.85 17.38
N VAL C 240 12.58 7.73 16.60
CA VAL C 240 11.84 8.84 17.18
C VAL C 240 10.63 8.34 17.95
N PHE C 241 9.98 7.30 17.44
CA PHE C 241 8.86 6.72 18.17
C PHE C 241 9.34 5.95 19.40
N GLY C 242 10.55 5.40 19.36
CA GLY C 242 11.06 4.66 20.49
C GLY C 242 11.44 5.53 21.66
N VAL C 243 11.88 6.76 21.39
CA VAL C 243 12.18 7.68 22.48
C VAL C 243 10.90 8.11 23.17
N ALA C 244 9.80 8.21 22.42
CA ALA C 244 8.54 8.69 22.98
C ALA C 244 7.95 7.73 24.00
N LEU C 245 8.23 6.44 23.87
CA LEU C 245 7.81 5.50 24.92
C LEU C 245 8.67 5.66 26.16
N ARG C 246 9.97 5.90 25.97
CA ARG C 246 10.87 6.15 27.08
C ARG C 246 10.52 7.46 27.78
N LYS C 247 10.05 8.46 27.04
CA LYS C 247 9.67 9.71 27.65
C LYS C 247 8.39 9.54 28.48
N LEU C 248 7.51 8.64 28.06
CA LEU C 248 6.42 8.24 28.94
C LEU C 248 6.96 7.39 30.07
N GLY C 249 6.24 7.39 31.18
CA GLY C 249 6.62 6.63 32.33
C GLY C 249 6.13 5.20 32.23
N PRO C 250 5.46 4.71 33.27
CA PRO C 250 4.90 3.36 33.23
C PRO C 250 3.61 3.24 32.42
N GLU C 251 3.18 4.32 31.77
CA GLU C 251 1.99 4.25 30.93
C GLU C 251 2.26 3.42 29.67
N GLY C 252 3.44 3.57 29.09
CA GLY C 252 3.78 2.81 27.90
C GLY C 252 4.49 1.52 28.20
N GLU C 253 4.33 1.01 29.43
CA GLU C 253 4.97 -0.23 29.82
C GLU C 253 4.36 -1.42 29.11
N LEU C 254 3.08 -1.34 28.75
CA LEU C 254 2.44 -2.40 27.98
C LEU C 254 3.02 -2.50 26.58
N LEU C 255 3.19 -1.36 25.92
CA LEU C 255 3.48 -1.39 24.50
C LEU C 255 4.95 -1.70 24.23
N ILE C 256 5.84 -1.34 25.15
CA ILE C 256 7.25 -1.71 24.98
C ILE C 256 7.42 -3.21 25.13
N ARG C 257 6.59 -3.85 25.94
CA ARG C 257 6.63 -5.31 26.05
C ARG C 257 6.00 -5.97 24.84
N PHE C 258 5.12 -5.27 24.14
CA PHE C 258 4.52 -5.79 22.92
C PHE C 258 5.55 -5.92 21.82
N PHE C 259 6.22 -4.80 21.48
CA PHE C 259 7.22 -4.82 20.43
C PHE C 259 8.48 -5.58 20.83
N ASN C 260 8.72 -5.79 22.13
CA ASN C 260 9.81 -6.67 22.52
C ASN C 260 9.46 -8.11 22.19
N SER C 261 8.20 -8.50 22.38
CA SER C 261 7.79 -9.87 22.08
C SER C 261 7.68 -10.09 20.58
N PHE C 262 7.16 -9.10 19.86
CA PHE C 262 6.97 -9.23 18.42
C PHE C 262 8.30 -9.31 17.68
N ASN C 263 9.34 -8.71 18.25
CA ASN C 263 10.69 -8.89 17.73
C ASN C 263 11.17 -10.31 17.95
N GLU C 264 10.82 -10.90 19.10
CA GLU C 264 11.45 -12.13 19.53
C GLU C 264 10.97 -13.32 18.70
N ALA C 265 9.69 -13.33 18.33
CA ALA C 265 9.17 -14.42 17.51
C ALA C 265 9.71 -14.35 16.09
N THR C 266 10.06 -13.16 15.62
CA THR C 266 10.63 -13.03 14.29
C THR C 266 12.03 -13.63 14.25
N MET C 267 12.78 -13.48 15.34
CA MET C 267 14.12 -14.09 15.41
C MET C 267 14.03 -15.61 15.49
N VAL C 268 12.93 -16.14 16.01
CA VAL C 268 12.69 -17.57 15.92
C VAL C 268 12.38 -17.94 14.47
N LEU C 269 11.66 -17.06 13.77
CA LEU C 269 11.27 -17.36 12.40
C LEU C 269 12.47 -17.30 11.45
N VAL C 270 13.44 -16.44 11.75
CA VAL C 270 14.61 -16.35 10.88
C VAL C 270 15.59 -17.48 11.14
N SER C 271 15.44 -18.19 12.26
CA SER C 271 16.27 -19.37 12.52
C SER C 271 16.00 -20.46 11.51
N TRP C 272 14.77 -20.56 11.02
CA TRP C 272 14.43 -21.55 10.02
C TRP C 272 14.87 -21.11 8.64
N ILE C 273 15.06 -19.82 8.42
CA ILE C 273 15.43 -19.32 7.11
C ILE C 273 16.89 -19.62 6.83
N MET C 274 17.70 -19.69 7.89
CA MET C 274 19.14 -19.88 7.76
C MET C 274 19.48 -21.24 7.15
N TRP C 275 18.66 -22.25 7.41
CA TRP C 275 18.95 -23.58 6.89
C TRP C 275 18.68 -23.69 5.41
N TYR C 276 17.75 -22.89 4.89
CA TYR C 276 17.51 -22.88 3.45
C TYR C 276 18.60 -22.12 2.70
N ALA C 277 19.33 -21.25 3.40
CA ALA C 277 20.34 -20.41 2.74
C ALA C 277 21.49 -21.15 2.06
N PRO C 278 22.01 -22.30 2.52
CA PRO C 278 22.95 -23.04 1.67
C PRO C 278 22.33 -23.59 0.40
N VAL C 279 21.02 -23.82 0.35
CA VAL C 279 20.42 -24.28 -0.89
C VAL C 279 20.29 -23.12 -1.87
N GLY C 280 19.96 -21.93 -1.36
CA GLY C 280 19.68 -20.82 -2.25
C GLY C 280 20.91 -20.24 -2.91
N ILE C 281 21.98 -20.03 -2.14
CA ILE C 281 23.20 -19.41 -2.64
C ILE C 281 23.85 -20.29 -3.70
N MET C 282 23.64 -21.61 -3.62
CA MET C 282 24.05 -22.53 -4.68
C MET C 282 23.37 -22.21 -6.01
N PHE C 283 22.17 -21.66 -5.98
CA PHE C 283 21.50 -21.31 -7.23
C PHE C 283 21.59 -19.82 -7.58
N LEU C 284 21.94 -18.94 -6.63
CA LEU C 284 22.21 -17.55 -7.01
C LEU C 284 23.45 -17.46 -7.87
N VAL C 285 24.54 -18.09 -7.43
CA VAL C 285 25.81 -18.00 -8.15
C VAL C 285 25.72 -18.76 -9.46
N ALA C 286 25.24 -19.99 -9.42
CA ALA C 286 25.11 -20.80 -10.63
C ALA C 286 24.08 -20.24 -11.59
N GLY C 287 23.11 -19.48 -11.10
CA GLY C 287 22.19 -18.81 -12.02
C GLY C 287 22.86 -17.68 -12.76
N LYS C 288 23.71 -16.92 -12.07
CA LYS C 288 24.27 -15.70 -12.65
C LYS C 288 25.37 -16.01 -13.65
N ILE C 289 26.08 -17.13 -13.48
CA ILE C 289 27.13 -17.51 -14.41
C ILE C 289 26.56 -17.84 -15.77
N VAL C 290 25.40 -18.50 -15.80
CA VAL C 290 24.78 -18.90 -17.05
C VAL C 290 24.25 -17.70 -17.82
N GLU C 291 23.84 -16.64 -17.11
CA GLU C 291 23.20 -15.49 -17.75
C GLU C 291 24.21 -14.69 -18.58
N MET C 292 25.26 -14.20 -17.95
CA MET C 292 26.23 -13.36 -18.65
C MET C 292 27.30 -14.20 -19.30
N GLU C 293 27.81 -13.73 -20.43
CA GLU C 293 28.90 -14.40 -21.13
C GLU C 293 30.19 -14.12 -20.38
N ASP C 294 30.61 -15.06 -19.54
CA ASP C 294 31.68 -14.84 -18.57
C ASP C 294 33.03 -15.22 -19.11
N VAL C 295 33.18 -15.37 -20.42
CA VAL C 295 34.42 -15.80 -21.04
C VAL C 295 34.87 -14.72 -22.00
N GLY C 296 36.13 -14.29 -21.86
CA GLY C 296 36.73 -13.33 -22.75
C GLY C 296 36.54 -11.89 -22.32
N LEU C 297 35.42 -11.60 -21.68
CA LEU C 297 35.15 -10.27 -21.16
C LEU C 297 35.39 -10.17 -19.67
N LEU C 298 35.43 -11.31 -18.97
CA LEU C 298 35.70 -11.37 -17.53
C LEU C 298 37.10 -10.85 -17.26
N PHE C 299 38.10 -11.56 -17.76
CA PHE C 299 39.45 -11.02 -17.83
C PHE C 299 39.75 -10.66 -19.27
N ALA C 300 40.99 -10.23 -19.51
CA ALA C 300 41.60 -10.00 -20.84
C ALA C 300 40.93 -8.91 -21.65
N ARG C 301 39.95 -8.22 -21.09
CA ARG C 301 39.36 -7.03 -21.69
C ARG C 301 39.46 -5.84 -20.78
N LEU C 302 39.04 -5.98 -19.52
CA LEU C 302 39.23 -4.94 -18.52
C LEU C 302 39.64 -5.52 -17.17
N GLY C 303 40.29 -6.69 -17.18
CA GLY C 303 40.58 -7.42 -15.96
C GLY C 303 41.54 -6.74 -15.01
N LYS C 304 42.27 -5.74 -15.49
CA LYS C 304 43.10 -4.93 -14.60
C LYS C 304 42.23 -4.14 -13.63
N TYR C 305 41.06 -3.69 -14.11
CA TYR C 305 40.14 -2.95 -13.25
C TYR C 305 39.51 -3.84 -12.19
N ILE C 306 39.11 -5.05 -12.56
CA ILE C 306 38.48 -5.96 -11.60
C ILE C 306 39.50 -6.42 -10.58
N LEU C 307 40.75 -6.61 -11.01
CA LEU C 307 41.83 -6.90 -10.09
C LEU C 307 42.12 -5.72 -9.17
N CYS C 308 41.82 -4.50 -9.62
CA CYS C 308 42.04 -3.33 -8.78
C CYS C 308 40.95 -3.20 -7.72
N CYS C 309 39.68 -3.36 -8.12
CA CYS C 309 38.60 -3.04 -7.20
C CYS C 309 38.32 -4.17 -6.23
N LEU C 310 38.58 -5.42 -6.61
CA LEU C 310 38.51 -6.51 -5.65
C LEU C 310 39.62 -6.39 -4.61
N LEU C 311 40.78 -5.89 -5.03
CA LEU C 311 41.87 -5.71 -4.09
C LEU C 311 41.56 -4.60 -3.09
N GLY C 312 40.82 -3.58 -3.53
CA GLY C 312 40.38 -2.55 -2.59
C GLY C 312 39.40 -3.11 -1.57
N HIS C 313 38.54 -4.01 -2.00
CA HIS C 313 37.73 -4.76 -1.03
C HIS C 313 38.55 -5.75 -0.24
N ALA C 314 39.70 -6.17 -0.78
CA ALA C 314 40.53 -7.12 -0.04
C ALA C 314 41.34 -6.42 1.05
N ILE C 315 41.87 -5.24 0.75
CA ILE C 315 42.69 -4.54 1.74
C ILE C 315 41.81 -3.98 2.85
N HIS C 316 40.82 -3.19 2.49
CA HIS C 316 39.90 -2.64 3.49
C HIS C 316 38.98 -3.74 4.00
N GLY C 317 38.69 -3.70 5.30
CA GLY C 317 37.76 -4.64 5.87
C GLY C 317 38.36 -5.96 6.32
N LEU C 318 39.40 -6.41 5.62
CA LEU C 318 40.12 -7.61 5.99
C LEU C 318 41.45 -7.30 6.65
N LEU C 319 42.00 -6.10 6.42
CA LEU C 319 43.29 -5.74 6.99
C LEU C 319 43.20 -4.38 7.67
N VAL C 320 42.26 -3.54 7.23
CA VAL C 320 42.16 -2.18 7.74
C VAL C 320 41.19 -2.14 8.91
N LEU C 321 39.95 -2.54 8.67
CA LEU C 321 38.97 -2.62 9.75
C LEU C 321 39.34 -3.57 10.89
N PRO C 322 39.99 -4.74 10.70
CA PRO C 322 40.48 -5.46 11.87
C PRO C 322 41.58 -4.71 12.62
N LEU C 323 42.37 -3.90 11.93
CA LEU C 323 43.40 -3.12 12.60
C LEU C 323 42.78 -2.03 13.47
N ILE C 324 41.64 -1.47 13.05
CA ILE C 324 40.94 -0.52 13.89
C ILE C 324 40.29 -1.22 15.08
N TYR C 325 39.75 -2.42 14.84
CA TYR C 325 39.13 -3.18 15.92
C TYR C 325 40.16 -3.69 16.91
N PHE C 326 41.37 -4.00 16.44
CA PHE C 326 42.42 -4.42 17.35
C PHE C 326 42.95 -3.26 18.17
N LEU C 327 42.93 -2.05 17.60
CA LEU C 327 43.48 -0.90 18.31
C LEU C 327 42.57 -0.44 19.44
N PHE C 328 41.27 -0.72 19.37
CA PHE C 328 40.36 -0.31 20.42
C PHE C 328 40.01 -1.41 21.40
N THR C 329 40.20 -2.68 21.03
CA THR C 329 39.79 -3.78 21.89
C THR C 329 40.95 -4.61 22.41
N ARG C 330 42.09 -4.62 21.71
CA ARG C 330 43.24 -5.47 22.01
C ARG C 330 42.87 -6.95 22.04
N LYS C 331 41.90 -7.34 21.21
CA LYS C 331 41.41 -8.71 21.16
C LYS C 331 41.51 -9.21 19.73
N ASN C 332 41.48 -10.52 19.58
CA ASN C 332 41.67 -11.15 18.28
C ASN C 332 40.47 -10.92 17.39
N PRO C 333 40.60 -10.18 16.30
CA PRO C 333 39.42 -9.86 15.48
C PRO C 333 38.96 -11.04 14.65
N TYR C 334 39.88 -11.94 14.33
CA TYR C 334 39.57 -13.07 13.48
C TYR C 334 38.79 -14.15 14.23
N ARG C 335 38.87 -14.17 15.55
CA ARG C 335 37.89 -14.94 16.32
C ARG C 335 36.50 -14.35 16.14
N PHE C 336 36.41 -13.01 16.15
CA PHE C 336 35.13 -12.35 15.96
C PHE C 336 34.67 -12.43 14.50
N LEU C 337 35.62 -12.39 13.56
CA LEU C 337 35.25 -12.36 12.16
C LEU C 337 34.80 -13.74 11.68
N TRP C 338 35.31 -14.80 12.28
CA TRP C 338 34.94 -16.14 11.83
C TRP C 338 33.52 -16.49 12.27
N GLY C 339 33.05 -15.92 13.38
CA GLY C 339 31.73 -16.25 13.88
C GLY C 339 30.58 -15.70 13.06
N ILE C 340 30.86 -14.80 12.11
CA ILE C 340 29.82 -14.18 11.31
C ILE C 340 30.05 -14.49 9.84
N VAL C 341 30.68 -15.63 9.56
CA VAL C 341 31.03 -15.97 8.19
C VAL C 341 29.80 -16.36 7.37
N THR C 342 28.71 -16.73 8.02
CA THR C 342 27.52 -17.16 7.29
C THR C 342 26.77 -15.99 6.63
N PRO C 343 26.54 -14.82 7.28
CA PRO C 343 25.96 -13.71 6.51
C PRO C 343 26.89 -13.10 5.50
N LEU C 344 28.21 -13.19 5.69
CA LEU C 344 29.13 -12.67 4.69
C LEU C 344 29.05 -13.48 3.40
N ALA C 345 28.91 -14.80 3.51
CA ALA C 345 28.68 -15.59 2.31
C ALA C 345 27.26 -15.42 1.79
N THR C 346 26.33 -15.01 2.65
CA THR C 346 24.98 -14.73 2.18
C THR C 346 24.95 -13.43 1.37
N ALA C 347 25.77 -12.46 1.77
CA ALA C 347 25.88 -11.22 1.01
C ALA C 347 26.51 -11.45 -0.35
N PHE C 348 27.42 -12.41 -0.45
CA PHE C 348 27.98 -12.77 -1.75
C PHE C 348 26.98 -13.57 -2.57
N GLY C 349 25.95 -14.13 -1.95
CA GLY C 349 24.92 -14.77 -2.72
C GLY C 349 23.88 -13.79 -3.20
N THR C 350 23.29 -13.05 -2.26
CA THR C 350 22.13 -12.21 -2.58
C THR C 350 22.53 -10.98 -3.37
N SER C 351 23.77 -10.50 -3.17
CA SER C 351 24.27 -9.23 -3.72
C SER C 351 23.37 -8.07 -3.32
N SER C 352 22.93 -8.08 -2.06
CA SER C 352 22.08 -7.02 -1.53
C SER C 352 22.46 -6.79 -0.09
N SER C 353 22.64 -5.52 0.27
CA SER C 353 23.10 -5.17 1.61
C SER C 353 22.01 -5.38 2.64
N SER C 354 20.79 -4.92 2.32
CA SER C 354 19.69 -4.99 3.27
C SER C 354 19.06 -6.37 3.35
N ALA C 355 19.35 -7.25 2.40
CA ALA C 355 18.82 -8.61 2.41
C ALA C 355 19.75 -9.58 3.12
N THR C 356 20.58 -9.10 4.04
CA THR C 356 21.32 -9.94 4.96
C THR C 356 21.23 -9.43 6.39
N LEU C 357 20.49 -8.35 6.62
CA LEU C 357 20.33 -7.82 7.97
C LEU C 357 19.74 -8.77 8.99
N PRO C 358 18.70 -9.59 8.72
CA PRO C 358 18.28 -10.54 9.76
C PRO C 358 19.27 -11.66 9.98
N LEU C 359 20.04 -12.05 8.97
CA LEU C 359 21.07 -13.05 9.17
C LEU C 359 22.20 -12.51 10.05
N MET C 360 22.52 -11.23 9.91
CA MET C 360 23.62 -10.66 10.68
C MET C 360 23.21 -10.45 12.14
N MET C 361 21.96 -10.05 12.37
CA MET C 361 21.51 -9.75 13.73
C MET C 361 21.45 -10.98 14.60
N LYS C 362 21.25 -12.16 14.00
CA LYS C 362 21.26 -13.38 14.78
C LYS C 362 22.70 -13.83 15.07
N CYS C 363 23.55 -13.80 14.04
CA CYS C 363 24.87 -14.41 14.17
C CYS C 363 25.80 -13.60 15.05
N VAL C 364 25.64 -12.28 15.08
CA VAL C 364 26.41 -11.46 16.02
C VAL C 364 25.94 -11.72 17.45
N GLU C 365 24.63 -11.91 17.62
CA GLU C 365 24.06 -12.06 18.94
C GLU C 365 24.40 -13.40 19.57
N GLU C 366 24.47 -14.46 18.77
CA GLU C 366 24.67 -15.81 19.29
C GLU C 366 26.13 -16.26 19.26
N ASN C 367 26.78 -16.16 18.10
CA ASN C 367 28.14 -16.68 17.97
C ASN C 367 29.18 -15.80 18.65
N ASN C 368 28.84 -14.56 18.96
CA ASN C 368 29.76 -13.65 19.63
C ASN C 368 29.05 -12.99 20.80
N GLY C 369 29.85 -12.53 21.76
CA GLY C 369 29.27 -12.00 22.97
C GLY C 369 28.92 -10.53 22.86
N VAL C 370 27.65 -10.24 22.55
CA VAL C 370 27.12 -8.88 22.57
C VAL C 370 25.80 -8.89 23.30
N ALA C 371 25.43 -7.74 23.83
CA ALA C 371 24.13 -7.59 24.45
C ALA C 371 23.06 -7.50 23.37
N LYS C 372 21.82 -7.79 23.75
CA LYS C 372 20.73 -7.83 22.77
C LYS C 372 20.35 -6.44 22.32
N HIS C 373 20.15 -5.52 23.27
CA HIS C 373 19.66 -4.20 22.92
C HIS C 373 20.71 -3.37 22.21
N ILE C 374 22.00 -3.61 22.49
CA ILE C 374 23.04 -2.81 21.85
C ILE C 374 23.41 -3.37 20.48
N SER C 375 23.04 -4.60 20.18
CA SER C 375 23.31 -5.19 18.88
C SER C 375 22.13 -5.09 17.94
N ARG C 376 20.90 -5.16 18.47
CA ARG C 376 19.70 -5.03 17.67
C ARG C 376 19.28 -3.57 17.50
N PHE C 377 20.21 -2.64 17.74
CA PHE C 377 20.03 -1.22 17.47
C PHE C 377 21.02 -0.70 16.46
N ILE C 378 22.31 -1.03 16.61
CA ILE C 378 23.33 -0.46 15.75
C ILE C 378 23.32 -1.12 14.37
N LEU C 379 22.89 -2.36 14.26
CA LEU C 379 22.90 -3.05 12.97
C LEU C 379 21.82 -2.58 11.99
N PRO C 380 20.58 -2.25 12.37
CA PRO C 380 19.69 -1.66 11.36
C PRO C 380 20.09 -0.28 10.93
N ILE C 381 20.48 0.59 11.87
CA ILE C 381 20.88 1.94 11.49
C ILE C 381 22.23 1.90 10.77
N GLY C 382 23.04 0.88 11.03
CA GLY C 382 24.30 0.75 10.35
C GLY C 382 24.21 -0.17 9.16
N ALA C 383 23.00 -0.36 8.64
CA ALA C 383 22.83 -1.11 7.41
C ALA C 383 22.60 -0.22 6.21
N THR C 384 22.10 0.99 6.42
CA THR C 384 21.74 1.90 5.34
C THR C 384 22.39 3.26 5.51
N VAL C 385 23.55 3.34 6.14
CA VAL C 385 24.21 4.63 6.24
C VAL C 385 25.69 4.50 5.89
N ASN C 386 26.20 3.27 5.84
CA ASN C 386 27.63 3.04 5.73
C ASN C 386 27.99 2.24 4.49
N MET C 387 27.40 2.56 3.34
CA MET C 387 27.66 1.81 2.12
C MET C 387 29.03 2.20 1.56
N ASP C 388 30.06 1.72 2.25
CA ASP C 388 31.45 2.08 1.95
C ASP C 388 32.06 1.18 0.89
N GLY C 389 31.64 -0.09 0.83
CA GLY C 389 32.02 -0.94 -0.28
C GLY C 389 31.49 -0.42 -1.60
N ALA C 390 30.32 0.21 -1.58
CA ALA C 390 29.89 0.98 -2.73
C ALA C 390 30.80 2.17 -2.95
N ALA C 391 31.13 2.90 -1.87
CA ALA C 391 31.99 4.06 -1.98
C ALA C 391 33.40 3.70 -2.39
N LEU C 392 33.85 2.49 -2.06
CA LEU C 392 35.11 2.00 -2.59
C LEU C 392 34.98 1.71 -4.08
N PHE C 393 33.85 1.12 -4.48
CA PHE C 393 33.60 0.86 -5.89
C PHE C 393 33.39 2.14 -6.67
N GLN C 394 32.55 3.03 -6.15
CA GLN C 394 32.11 4.21 -6.88
C GLN C 394 33.23 5.23 -7.05
N CYS C 395 34.24 5.18 -6.18
CA CYS C 395 35.34 6.13 -6.32
C CYS C 395 36.37 5.66 -7.33
N VAL C 396 36.62 4.35 -7.38
CA VAL C 396 37.64 3.82 -8.28
C VAL C 396 37.19 3.92 -9.73
N ALA C 397 35.91 3.60 -10.00
CA ALA C 397 35.39 3.61 -11.36
C ALA C 397 35.38 5.01 -11.96
N ALA C 398 35.21 6.02 -11.12
CA ALA C 398 35.32 7.39 -11.62
C ALA C 398 36.77 7.76 -11.91
N VAL C 399 37.71 7.21 -11.15
CA VAL C 399 39.12 7.39 -11.50
C VAL C 399 39.45 6.56 -12.74
N PHE C 400 38.82 5.39 -12.87
CA PHE C 400 39.12 4.46 -13.95
C PHE C 400 38.83 5.05 -15.32
N ILE C 401 37.66 5.66 -15.49
CA ILE C 401 37.37 6.30 -16.77
C ILE C 401 38.09 7.63 -16.93
N ALA C 402 38.67 8.16 -15.87
CA ALA C 402 39.50 9.35 -15.97
C ALA C 402 40.97 9.02 -16.15
N GLN C 403 41.40 7.84 -15.72
CA GLN C 403 42.74 7.36 -16.09
C GLN C 403 42.85 7.18 -17.59
N LEU C 404 41.81 6.65 -18.21
CA LEU C 404 41.76 6.72 -19.66
C LEU C 404 41.17 8.06 -20.08
N SER C 405 41.25 8.34 -21.38
CA SER C 405 40.76 9.56 -22.02
C SER C 405 41.38 10.84 -21.46
N GLN C 406 42.57 10.71 -20.83
CA GLN C 406 43.54 11.78 -20.62
C GLN C 406 42.97 12.95 -19.82
N GLN C 407 42.66 12.67 -18.56
CA GLN C 407 42.09 13.71 -17.71
C GLN C 407 43.06 14.06 -16.57
N SER C 408 42.85 15.25 -16.01
CA SER C 408 43.88 15.89 -15.20
C SER C 408 43.43 16.20 -13.78
N LEU C 409 42.85 15.23 -13.08
CA LEU C 409 42.44 15.41 -11.69
C LEU C 409 43.68 15.43 -10.79
N ASP C 410 44.21 16.65 -10.58
CA ASP C 410 45.45 16.76 -9.81
C ASP C 410 45.20 16.75 -8.31
N PHE C 411 44.59 17.81 -7.78
CA PHE C 411 44.27 17.82 -6.35
C PHE C 411 42.90 18.37 -6.02
N VAL C 412 42.35 19.30 -6.79
CA VAL C 412 41.07 19.91 -6.44
C VAL C 412 39.93 18.95 -6.72
N LYS C 413 40.03 18.23 -7.84
CA LYS C 413 39.02 17.25 -8.18
C LYS C 413 39.06 16.02 -7.28
N ILE C 414 40.18 15.79 -6.60
CA ILE C 414 40.32 14.59 -5.77
C ILE C 414 39.47 14.69 -4.51
N ILE C 415 39.44 15.86 -3.89
CA ILE C 415 38.64 15.97 -2.68
C ILE C 415 37.16 16.08 -3.01
N THR C 416 36.82 16.62 -4.19
CA THR C 416 35.42 16.67 -4.58
C THR C 416 34.90 15.29 -4.94
N ILE C 417 35.75 14.48 -5.59
CA ILE C 417 35.34 13.11 -5.93
C ILE C 417 35.37 12.21 -4.70
N LEU C 418 36.02 12.65 -3.63
CA LEU C 418 36.05 11.92 -2.37
C LEU C 418 34.84 12.26 -1.50
N VAL C 419 34.55 13.54 -1.34
CA VAL C 419 33.49 13.94 -0.42
C VAL C 419 32.11 13.70 -1.03
N THR C 420 32.00 13.62 -2.36
CA THR C 420 30.68 13.41 -2.94
C THR C 420 30.31 11.94 -2.92
N ALA C 421 31.30 11.05 -3.08
CA ALA C 421 31.03 9.63 -3.05
C ALA C 421 30.69 9.15 -1.64
N THR C 422 31.32 9.74 -0.63
CA THR C 422 30.98 9.36 0.74
C THR C 422 29.67 9.97 1.21
N ALA C 423 29.13 10.96 0.49
CA ALA C 423 27.87 11.56 0.86
C ALA C 423 26.70 11.01 0.07
N SER C 424 26.93 10.65 -1.19
CA SER C 424 25.86 10.06 -1.99
C SER C 424 25.52 8.66 -1.54
N SER C 425 26.47 7.96 -0.90
CA SER C 425 26.26 6.59 -0.46
C SER C 425 25.58 6.57 0.91
N VAL C 426 24.36 7.08 0.95
CA VAL C 426 23.55 7.02 2.15
C VAL C 426 22.23 6.34 1.83
N GLY C 427 21.47 6.92 0.92
CA GLY C 427 20.16 6.40 0.59
C GLY C 427 20.15 5.54 -0.64
N ALA C 428 21.19 4.74 -0.82
CA ALA C 428 21.37 3.92 -2.02
C ALA C 428 20.95 2.48 -1.79
N ALA C 429 19.88 2.27 -1.02
CA ALA C 429 19.54 0.93 -0.57
C ALA C 429 18.69 0.15 -1.57
N GLY C 430 17.53 0.68 -1.92
CA GLY C 430 16.50 -0.09 -2.59
C GLY C 430 16.78 -0.54 -4.01
N ILE C 431 17.36 0.34 -4.82
CA ILE C 431 17.54 0.03 -6.24
C ILE C 431 18.66 -0.98 -6.42
N PRO C 432 18.53 -1.93 -7.35
CA PRO C 432 19.55 -2.97 -7.52
C PRO C 432 20.88 -2.45 -8.06
N ALA C 433 20.83 -1.72 -9.16
CA ALA C 433 22.04 -1.18 -9.80
C ALA C 433 22.28 0.24 -9.33
N GLY C 434 22.43 0.39 -8.01
CA GLY C 434 22.64 1.70 -7.44
C GLY C 434 24.02 2.27 -7.70
N GLY C 435 25.01 1.39 -7.86
CA GLY C 435 26.36 1.86 -8.15
C GLY C 435 26.51 2.47 -9.52
N VAL C 436 25.76 1.95 -10.50
CA VAL C 436 25.80 2.53 -11.83
C VAL C 436 25.00 3.82 -11.87
N LEU C 437 23.86 3.85 -11.17
CA LEU C 437 22.97 5.00 -11.25
C LEU C 437 23.56 6.21 -10.51
N THR C 438 24.14 5.98 -9.33
CA THR C 438 24.72 7.08 -8.58
C THR C 438 26.13 7.43 -9.02
N LEU C 439 26.68 6.75 -10.03
CA LEU C 439 28.00 7.15 -10.50
C LEU C 439 27.90 8.35 -11.43
N ALA C 440 26.77 8.50 -12.11
CA ALA C 440 26.60 9.63 -13.02
C ALA C 440 26.54 10.96 -12.29
N ILE C 441 26.02 10.97 -11.06
CA ILE C 441 25.99 12.22 -10.32
C ILE C 441 27.34 12.53 -9.71
N ILE C 442 28.22 11.54 -9.57
CA ILE C 442 29.61 11.82 -9.23
C ILE C 442 30.30 12.51 -10.40
N LEU C 443 30.13 11.95 -11.60
CA LEU C 443 30.87 12.41 -12.76
C LEU C 443 30.38 13.75 -13.25
N GLU C 444 29.13 14.12 -12.96
CA GLU C 444 28.64 15.42 -13.36
C GLU C 444 29.22 16.52 -12.49
N ALA C 445 29.39 16.23 -11.20
CA ALA C 445 29.91 17.23 -10.27
C ALA C 445 31.42 17.39 -10.33
N VAL C 446 32.10 16.60 -11.16
CA VAL C 446 33.55 16.70 -11.29
C VAL C 446 33.84 16.76 -12.79
N ASN C 447 32.76 16.94 -13.56
CA ASN C 447 32.66 17.15 -15.02
C ASN C 447 33.69 16.38 -15.84
N LEU C 448 33.67 15.06 -15.64
CA LEU C 448 34.38 14.04 -16.40
C LEU C 448 33.47 13.50 -17.49
N PRO C 449 34.01 12.88 -18.54
CA PRO C 449 33.14 12.33 -19.59
C PRO C 449 32.42 11.08 -19.13
N VAL C 450 31.11 11.07 -19.35
CA VAL C 450 30.25 9.94 -19.04
C VAL C 450 29.98 9.12 -20.31
N ASP C 451 30.86 9.25 -21.31
CA ASP C 451 30.61 8.77 -22.66
C ASP C 451 30.50 7.25 -22.71
N HIS C 452 31.25 6.54 -21.87
CA HIS C 452 31.12 5.09 -21.75
C HIS C 452 30.98 4.75 -20.27
N ILE C 453 29.74 4.83 -19.78
CA ILE C 453 29.42 4.27 -18.48
C ILE C 453 28.97 2.82 -18.62
N SER C 454 28.68 2.38 -19.84
CA SER C 454 28.31 1.00 -20.09
C SER C 454 29.46 0.03 -19.92
N LEU C 455 30.70 0.53 -19.85
CA LEU C 455 31.83 -0.36 -19.63
C LEU C 455 31.91 -0.78 -18.17
N ILE C 456 31.61 0.13 -17.25
CA ILE C 456 31.50 -0.22 -15.84
C ILE C 456 30.30 -1.14 -15.61
N LEU C 457 29.23 -0.90 -16.37
CA LEU C 457 28.11 -1.83 -16.40
C LEU C 457 28.55 -3.13 -17.08
N ALA C 458 27.79 -4.20 -16.81
CA ALA C 458 27.96 -5.57 -17.30
C ALA C 458 29.24 -6.24 -16.82
N VAL C 459 29.95 -5.65 -15.87
CA VAL C 459 30.95 -6.35 -15.09
C VAL C 459 30.61 -6.11 -13.63
N ASP C 460 29.49 -5.43 -13.40
CA ASP C 460 29.05 -5.09 -12.06
C ASP C 460 28.21 -6.16 -11.41
N TRP C 461 27.93 -7.26 -12.11
CA TRP C 461 27.32 -8.39 -11.42
C TRP C 461 28.32 -9.07 -10.50
N LEU C 462 29.61 -8.94 -10.80
CA LEU C 462 30.67 -9.56 -10.02
C LEU C 462 31.22 -8.62 -8.96
N VAL C 463 31.53 -7.38 -9.34
CA VAL C 463 32.23 -6.51 -8.40
C VAL C 463 31.29 -5.91 -7.36
N ASP C 464 30.04 -5.61 -7.73
CA ASP C 464 29.07 -5.15 -6.74
C ASP C 464 28.59 -6.31 -5.88
N ARG C 465 28.77 -7.54 -6.34
CA ARG C 465 28.57 -8.69 -5.47
C ARG C 465 29.63 -8.74 -4.38
N SER C 466 30.82 -8.22 -4.66
CA SER C 466 31.82 -8.07 -3.62
C SER C 466 31.60 -6.83 -2.78
N CYS C 467 30.79 -5.89 -3.26
CA CYS C 467 30.47 -4.70 -2.48
C CYS C 467 29.68 -5.04 -1.23
N THR C 468 28.63 -5.84 -1.37
CA THR C 468 27.76 -6.15 -0.24
C THR C 468 28.44 -7.03 0.80
N VAL C 469 29.51 -7.73 0.40
CA VAL C 469 30.34 -8.44 1.38
C VAL C 469 31.01 -7.44 2.30
N LEU C 470 31.67 -6.44 1.72
CA LEU C 470 32.35 -5.43 2.52
C LEU C 470 31.36 -4.49 3.18
N ASN C 471 30.17 -4.33 2.61
CA ASN C 471 29.21 -3.37 3.13
C ASN C 471 28.62 -3.83 4.46
N VAL C 472 28.26 -5.11 4.56
CA VAL C 472 27.71 -5.65 5.80
C VAL C 472 28.81 -6.08 6.75
N GLU C 473 30.07 -5.94 6.36
CA GLU C 473 31.19 -6.33 7.22
C GLU C 473 31.60 -5.21 8.16
N GLY C 474 31.38 -3.96 7.78
CA GLY C 474 31.88 -2.85 8.58
C GLY C 474 31.11 -2.65 9.87
N ASP C 475 29.78 -2.65 9.78
CA ASP C 475 28.95 -2.42 10.96
C ASP C 475 29.01 -3.58 11.95
N ALA C 476 29.22 -4.79 11.45
CA ALA C 476 29.35 -5.94 12.34
C ALA C 476 30.60 -5.82 13.20
N LEU C 477 31.69 -5.36 12.61
CA LEU C 477 32.87 -5.00 13.41
C LEU C 477 32.57 -3.78 14.27
N GLY C 478 31.77 -2.84 13.76
CA GLY C 478 31.35 -1.72 14.57
C GLY C 478 30.38 -2.11 15.67
N ALA C 479 29.69 -3.23 15.52
CA ALA C 479 28.82 -3.71 16.58
C ALA C 479 29.62 -4.17 17.78
N GLY C 480 30.63 -5.01 17.55
CA GLY C 480 31.51 -5.44 18.62
C GLY C 480 32.41 -4.35 19.16
N LEU C 481 32.64 -3.30 18.37
CA LEU C 481 33.48 -2.20 18.83
C LEU C 481 32.77 -1.41 19.92
N LEU C 482 31.45 -1.27 19.82
CA LEU C 482 30.70 -0.58 20.86
C LEU C 482 30.49 -1.45 22.08
N GLN C 483 30.71 -2.76 21.95
CA GLN C 483 30.59 -3.67 23.08
C GLN C 483 31.74 -3.52 24.07
N ASN C 484 32.85 -2.89 23.64
CA ASN C 484 34.02 -2.77 24.50
C ASN C 484 33.78 -1.79 25.63
N TYR C 485 33.54 -0.51 25.31
CA TYR C 485 33.39 0.48 26.36
C TYR C 485 31.94 0.73 26.75
N VAL C 486 31.02 -0.18 26.38
CA VAL C 486 29.72 -0.19 27.04
C VAL C 486 29.82 -0.86 28.39
N ASP C 487 30.92 -1.57 28.66
CA ASP C 487 31.17 -2.13 29.98
C ASP C 487 31.46 -1.04 31.01
N ARG C 488 31.91 0.13 30.57
CA ARG C 488 32.23 1.22 31.49
C ARG C 488 31.30 2.40 31.29
#